data_9J1R
# 
_entry.id   9J1R 
# 
_audit_conform.dict_name       mmcif_pdbx.dic 
_audit_conform.dict_version    5.395 
_audit_conform.dict_location   http://mmcif.pdb.org/dictionaries/ascii/mmcif_pdbx.dic 
# 
loop_
_database_2.database_id 
_database_2.database_code 
_database_2.pdbx_database_accession 
_database_2.pdbx_DOI 
PDB   9J1R         pdb_00009j1r 10.2210/pdb9j1r/pdb 
WWPDB D_1300049610 ?            ?                   
# 
_pdbx_audit_revision_history.ordinal             1 
_pdbx_audit_revision_history.data_content_type   'Structure model' 
_pdbx_audit_revision_history.major_revision      1 
_pdbx_audit_revision_history.minor_revision      0 
_pdbx_audit_revision_history.revision_date       2024-08-21 
# 
_pdbx_audit_revision_details.ordinal             1 
_pdbx_audit_revision_details.revision_ordinal    1 
_pdbx_audit_revision_details.data_content_type   'Structure model' 
_pdbx_audit_revision_details.provider            repository 
_pdbx_audit_revision_details.type                'Initial release' 
_pdbx_audit_revision_details.description         ? 
_pdbx_audit_revision_details.details             ? 
# 
_pdbx_database_status.status_code                     REL 
_pdbx_database_status.status_code_sf                  REL 
_pdbx_database_status.status_code_mr                  ? 
_pdbx_database_status.entry_id                        9J1R 
_pdbx_database_status.recvd_initial_deposition_date   2024-08-05 
_pdbx_database_status.SG_entry                        N 
_pdbx_database_status.deposit_site                    PDBJ 
_pdbx_database_status.process_site                    PDBC 
_pdbx_database_status.status_code_cs                  ? 
_pdbx_database_status.status_code_nmr_data            ? 
_pdbx_database_status.methods_development_category    ? 
_pdbx_database_status.pdb_format_compatible           Y 
# 
_pdbx_contact_author.id                 2 
_pdbx_contact_author.email              fanxiaoju@trautec.com.cn 
_pdbx_contact_author.name_first         Xiaoju 
_pdbx_contact_author.name_last          Fan 
_pdbx_contact_author.name_mi            ? 
_pdbx_contact_author.role               'principal investigator/group leader' 
_pdbx_contact_author.identifier_ORCID   0000-0002-7662-6945 
# 
loop_
_audit_author.name 
_audit_author.pdbx_ordinal 
_audit_author.identifier_ORCID 
'Fan, X.'   1  ? 
'Chu, Y.'   2  ? 
'Zhai, Y.'  3  ? 
'Fu, S.'    4  ? 
'Li, D.'    5  ? 
'Cao, K.'   6  ? 
'Feng, P.'  7  ? 
'Wang, X.'  8  ? 
'Le, H.'    9  ? 
'Tang, D.'  10 ? 
'Zhang, F.' 11 ? 
'Qian, S.'  12 ? 
# 
_citation.abstract                  ? 
_citation.abstract_id_CAS           ? 
_citation.book_id_ISBN              ? 
_citation.book_publisher            ? 
_citation.book_publisher_city       ? 
_citation.book_title                ? 
_citation.coordinate_linkage        ? 
_citation.country                   ? 
_citation.database_id_Medline       ? 
_citation.details                   ? 
_citation.id                        primary 
_citation.journal_abbrev            'To Be Published' 
_citation.journal_id_ASTM           ? 
_citation.journal_id_CSD            0353 
_citation.journal_id_ISSN           ? 
_citation.journal_full              ? 
_citation.journal_issue             ? 
_citation.journal_volume            ? 
_citation.language                  ? 
_citation.page_first                ? 
_citation.page_last                 ? 
_citation.title                     'Structure of a triple-helix region of human Collagen type II from Trautec' 
_citation.year                      ? 
_citation.database_id_CSD           ? 
_citation.pdbx_database_id_DOI      ? 
_citation.pdbx_database_id_PubMed   ? 
_citation.pdbx_database_id_patent   ? 
_citation.unpublished_flag          ? 
# 
loop_
_citation_author.citation_id 
_citation_author.name 
_citation_author.ordinal 
_citation_author.identifier_ORCID 
primary 'Fan, X.'   1  ? 
primary 'Chu, Y.'   2  ? 
primary 'Zhai, Y.'  3  ? 
primary 'Fu, S.'    4  ? 
primary 'Li, D.'    5  ? 
primary 'Cao, K.'   6  ? 
primary 'Feng, P.'  7  ? 
primary 'Wang, X.'  8  ? 
primary 'Le, H.'    9  ? 
primary 'Tang, D.'  10 ? 
primary 'Zhang, F.' 11 ? 
primary 'Qian, S.'  12 ? 
# 
loop_
_entity.id 
_entity.type 
_entity.src_method 
_entity.pdbx_description 
_entity.formula_weight 
_entity.pdbx_number_of_molecules 
_entity.pdbx_ec 
_entity.pdbx_mutation 
_entity.pdbx_fragment 
_entity.details 
1 polymer     syn 'Triple-helix region of human collagen type II' 2876.101 3  ? ? ? ? 
2 non-polymer nat 'SULFATE ION'                                   96.063   1  ? ? ? ? 
3 water       nat water                                           18.015   95 ? ? ? ? 
# 
_entity_poly.entity_id                      1 
_entity_poly.type                           'polypeptide(L)' 
_entity_poly.nstd_linkage                   no 
_entity_poly.nstd_monomer                   yes 
_entity_poly.pdbx_seq_one_letter_code       'P(HYP)GP(HYP)GP(HYP)GLPGQRGERGFPGP(HYP)GP(HYP)GP(HYP)G' 
_entity_poly.pdbx_seq_one_letter_code_can   PPGPPGPPGLPGQRGERGFPGPPGPPGPPG 
_entity_poly.pdbx_strand_id                 A,B,C 
_entity_poly.pdbx_target_identifier         ? 
# 
loop_
_pdbx_entity_nonpoly.entity_id 
_pdbx_entity_nonpoly.name 
_pdbx_entity_nonpoly.comp_id 
2 'SULFATE ION' SO4 
3 water         HOH 
# 
loop_
_entity_poly_seq.entity_id 
_entity_poly_seq.num 
_entity_poly_seq.mon_id 
_entity_poly_seq.hetero 
1 1  PRO n 
1 2  HYP n 
1 3  GLY n 
1 4  PRO n 
1 5  HYP n 
1 6  GLY n 
1 7  PRO n 
1 8  HYP n 
1 9  GLY n 
1 10 LEU n 
1 11 PRO n 
1 12 GLY n 
1 13 GLN n 
1 14 ARG n 
1 15 GLY n 
1 16 GLU n 
1 17 ARG n 
1 18 GLY n 
1 19 PHE n 
1 20 PRO n 
1 21 GLY n 
1 22 PRO n 
1 23 HYP n 
1 24 GLY n 
1 25 PRO n 
1 26 HYP n 
1 27 GLY n 
1 28 PRO n 
1 29 HYP n 
1 30 GLY n 
# 
_pdbx_entity_src_syn.entity_id              1 
_pdbx_entity_src_syn.pdbx_src_id            1 
_pdbx_entity_src_syn.pdbx_alt_source_flag   sample 
_pdbx_entity_src_syn.pdbx_beg_seq_num       1 
_pdbx_entity_src_syn.pdbx_end_seq_num       30 
_pdbx_entity_src_syn.organism_scientific    'Homo sapiens' 
_pdbx_entity_src_syn.organism_common_name   human 
_pdbx_entity_src_syn.ncbi_taxonomy_id       9606 
_pdbx_entity_src_syn.details                ? 
# 
loop_
_chem_comp.id 
_chem_comp.type 
_chem_comp.mon_nstd_flag 
_chem_comp.name 
_chem_comp.pdbx_synonyms 
_chem_comp.formula 
_chem_comp.formula_weight 
ARG 'L-peptide linking' y ARGININE         ?              'C6 H15 N4 O2 1' 175.209 
GLN 'L-peptide linking' y GLUTAMINE        ?              'C5 H10 N2 O3'   146.144 
GLU 'L-peptide linking' y 'GLUTAMIC ACID'  ?              'C5 H9 N O4'     147.129 
GLY 'peptide linking'   y GLYCINE          ?              'C2 H5 N O2'     75.067  
HOH non-polymer         . WATER            ?              'H2 O'           18.015  
HYP 'L-peptide linking' n 4-HYDROXYPROLINE HYDROXYPROLINE 'C5 H9 N O3'     131.130 
LEU 'L-peptide linking' y LEUCINE          ?              'C6 H13 N O2'    131.173 
PHE 'L-peptide linking' y PHENYLALANINE    ?              'C9 H11 N O2'    165.189 
PRO 'L-peptide linking' y PROLINE          ?              'C5 H9 N O2'     115.130 
SO4 non-polymer         . 'SULFATE ION'    ?              'O4 S -2'        96.063  
# 
loop_
_pdbx_poly_seq_scheme.asym_id 
_pdbx_poly_seq_scheme.entity_id 
_pdbx_poly_seq_scheme.seq_id 
_pdbx_poly_seq_scheme.mon_id 
_pdbx_poly_seq_scheme.ndb_seq_num 
_pdbx_poly_seq_scheme.pdb_seq_num 
_pdbx_poly_seq_scheme.auth_seq_num 
_pdbx_poly_seq_scheme.pdb_mon_id 
_pdbx_poly_seq_scheme.auth_mon_id 
_pdbx_poly_seq_scheme.pdb_strand_id 
_pdbx_poly_seq_scheme.pdb_ins_code 
_pdbx_poly_seq_scheme.hetero 
A 1 1  PRO 1  1  ?  ?   ?   A . n 
A 1 2  HYP 2  2  ?  ?   ?   A . n 
A 1 3  GLY 3  3  3  GLY GLY A . n 
A 1 4  PRO 4  4  4  PRO PRO A . n 
A 1 5  HYP 5  5  5  HYP HYP A . n 
A 1 6  GLY 6  6  6  GLY GLY A . n 
A 1 7  PRO 7  7  7  PRO PRO A . n 
A 1 8  HYP 8  8  8  HYP HYP A . n 
A 1 9  GLY 9  9  9  GLY GLY A . n 
A 1 10 LEU 10 10 10 LEU LEU A . n 
A 1 11 PRO 11 11 11 PRO PRO A . n 
A 1 12 GLY 12 12 12 GLY GLY A . n 
A 1 13 GLN 13 13 13 GLN GLN A . n 
A 1 14 ARG 14 14 14 ARG ARG A . n 
A 1 15 GLY 15 15 15 GLY GLY A . n 
A 1 16 GLU 16 16 16 GLU GLU A . n 
A 1 17 ARG 17 17 17 ARG ARG A . n 
A 1 18 GLY 18 18 18 GLY GLY A . n 
A 1 19 PHE 19 19 19 PHE PHE A . n 
A 1 20 PRO 20 20 20 PRO PRO A . n 
A 1 21 GLY 21 21 21 GLY GLY A . n 
A 1 22 PRO 22 22 22 PRO PRO A . n 
A 1 23 HYP 23 23 23 HYP HYP A . n 
A 1 24 GLY 24 24 24 GLY GLY A . n 
A 1 25 PRO 25 25 25 PRO PRO A . n 
A 1 26 HYP 26 26 26 HYP HYP A . n 
A 1 27 GLY 27 27 27 GLY GLY A . n 
A 1 28 PRO 28 28 28 PRO PRO A . n 
A 1 29 HYP 29 29 29 HYP HYP A . n 
A 1 30 GLY 30 30 30 GLY GLY A . n 
B 1 1  PRO 1  1  ?  ?   ?   B . n 
B 1 2  HYP 2  2  ?  ?   ?   B . n 
B 1 3  GLY 3  3  3  GLY GLY B . n 
B 1 4  PRO 4  4  4  PRO PRO B . n 
B 1 5  HYP 5  5  5  HYP HYP B . n 
B 1 6  GLY 6  6  6  GLY GLY B . n 
B 1 7  PRO 7  7  7  PRO PRO B . n 
B 1 8  HYP 8  8  8  HYP HYP B . n 
B 1 9  GLY 9  9  9  GLY GLY B . n 
B 1 10 LEU 10 10 10 LEU LEU B . n 
B 1 11 PRO 11 11 11 PRO PRO B . n 
B 1 12 GLY 12 12 12 GLY GLY B . n 
B 1 13 GLN 13 13 13 GLN GLN B . n 
B 1 14 ARG 14 14 14 ARG ARG B . n 
B 1 15 GLY 15 15 15 GLY GLY B . n 
B 1 16 GLU 16 16 16 GLU GLU B . n 
B 1 17 ARG 17 17 17 ARG ARG B . n 
B 1 18 GLY 18 18 18 GLY GLY B . n 
B 1 19 PHE 19 19 19 PHE PHE B . n 
B 1 20 PRO 20 20 20 PRO PRO B . n 
B 1 21 GLY 21 21 21 GLY GLY B . n 
B 1 22 PRO 22 22 22 PRO PRO B . n 
B 1 23 HYP 23 23 23 HYP HYP B . n 
B 1 24 GLY 24 24 24 GLY GLY B . n 
B 1 25 PRO 25 25 25 PRO PRO B . n 
B 1 26 HYP 26 26 26 HYP HYP B . n 
B 1 27 GLY 27 27 27 GLY GLY B . n 
B 1 28 PRO 28 28 28 PRO PRO B . n 
B 1 29 HYP 29 29 29 HYP HYP B . n 
B 1 30 GLY 30 30 30 GLY GLY B . n 
C 1 1  PRO 1  1  1  PRO PRO C . n 
C 1 2  HYP 2  2  2  HYP HYP C . n 
C 1 3  GLY 3  3  3  GLY GLY C . n 
C 1 4  PRO 4  4  4  PRO PRO C . n 
C 1 5  HYP 5  5  5  HYP HYP C . n 
C 1 6  GLY 6  6  6  GLY GLY C . n 
C 1 7  PRO 7  7  7  PRO PRO C . n 
C 1 8  HYP 8  8  8  HYP HYP C . n 
C 1 9  GLY 9  9  9  GLY GLY C . n 
C 1 10 LEU 10 10 10 LEU LEU C . n 
C 1 11 PRO 11 11 11 PRO PRO C . n 
C 1 12 GLY 12 12 12 GLY GLY C . n 
C 1 13 GLN 13 13 13 GLN GLN C . n 
C 1 14 ARG 14 14 14 ARG ARG C . n 
C 1 15 GLY 15 15 15 GLY GLY C . n 
C 1 16 GLU 16 16 16 GLU GLU C . n 
C 1 17 ARG 17 17 17 ARG ARG C . n 
C 1 18 GLY 18 18 18 GLY GLY C . n 
C 1 19 PHE 19 19 19 PHE PHE C . n 
C 1 20 PRO 20 20 20 PRO PRO C . n 
C 1 21 GLY 21 21 21 GLY GLY C . n 
C 1 22 PRO 22 22 22 PRO PRO C . n 
C 1 23 HYP 23 23 23 HYP HYP C . n 
C 1 24 GLY 24 24 24 GLY GLY C . n 
C 1 25 PRO 25 25 25 PRO PRO C . n 
C 1 26 HYP 26 26 26 HYP HYP C . n 
C 1 27 GLY 27 27 27 GLY GLY C . n 
C 1 28 PRO 28 28 28 PRO PRO C . n 
C 1 29 HYP 29 29 29 HYP HYP C . n 
C 1 30 GLY 30 30 ?  ?   ?   C . n 
# 
loop_
_pdbx_nonpoly_scheme.asym_id 
_pdbx_nonpoly_scheme.entity_id 
_pdbx_nonpoly_scheme.mon_id 
_pdbx_nonpoly_scheme.ndb_seq_num 
_pdbx_nonpoly_scheme.pdb_seq_num 
_pdbx_nonpoly_scheme.auth_seq_num 
_pdbx_nonpoly_scheme.pdb_mon_id 
_pdbx_nonpoly_scheme.auth_mon_id 
_pdbx_nonpoly_scheme.pdb_strand_id 
_pdbx_nonpoly_scheme.pdb_ins_code 
D 2 SO4 1  101 1   SO4 SO4 C . 
E 3 HOH 1  101 93  HOH HOH A . 
E 3 HOH 2  102 74  HOH HOH A . 
E 3 HOH 3  103 73  HOH HOH A . 
E 3 HOH 4  104 101 HOH HOH A . 
E 3 HOH 5  105 48  HOH HOH A . 
E 3 HOH 6  106 92  HOH HOH A . 
E 3 HOH 7  107 16  HOH HOH A . 
E 3 HOH 8  108 10  HOH HOH A . 
E 3 HOH 9  109 86  HOH HOH A . 
E 3 HOH 10 110 2   HOH HOH A . 
E 3 HOH 11 111 85  HOH HOH A . 
E 3 HOH 12 112 43  HOH HOH A . 
E 3 HOH 13 113 13  HOH HOH A . 
E 3 HOH 14 114 46  HOH HOH A . 
E 3 HOH 15 115 23  HOH HOH A . 
E 3 HOH 16 116 12  HOH HOH A . 
E 3 HOH 17 117 24  HOH HOH A . 
E 3 HOH 18 118 77  HOH HOH A . 
E 3 HOH 19 119 44  HOH HOH A . 
E 3 HOH 20 120 66  HOH HOH A . 
E 3 HOH 21 121 88  HOH HOH A . 
E 3 HOH 22 122 59  HOH HOH A . 
E 3 HOH 23 123 30  HOH HOH A . 
F 3 HOH 1  101 72  HOH HOH B . 
F 3 HOH 2  102 34  HOH HOH B . 
F 3 HOH 3  103 98  HOH HOH B . 
F 3 HOH 4  104 42  HOH HOH B . 
F 3 HOH 5  105 17  HOH HOH B . 
F 3 HOH 6  106 3   HOH HOH B . 
F 3 HOH 7  107 14  HOH HOH B . 
F 3 HOH 8  108 49  HOH HOH B . 
F 3 HOH 9  109 20  HOH HOH B . 
F 3 HOH 10 110 35  HOH HOH B . 
F 3 HOH 11 111 45  HOH HOH B . 
F 3 HOH 12 112 25  HOH HOH B . 
F 3 HOH 13 113 91  HOH HOH B . 
F 3 HOH 14 114 54  HOH HOH B . 
F 3 HOH 15 115 89  HOH HOH B . 
F 3 HOH 16 116 9   HOH HOH B . 
F 3 HOH 17 117 15  HOH HOH B . 
F 3 HOH 18 118 67  HOH HOH B . 
F 3 HOH 19 119 28  HOH HOH B . 
F 3 HOH 20 120 100 HOH HOH B . 
F 3 HOH 21 121 31  HOH HOH B . 
F 3 HOH 22 122 38  HOH HOH B . 
F 3 HOH 23 123 5   HOH HOH B . 
F 3 HOH 24 124 95  HOH HOH B . 
F 3 HOH 25 125 65  HOH HOH B . 
F 3 HOH 26 126 99  HOH HOH B . 
F 3 HOH 27 127 19  HOH HOH B . 
F 3 HOH 28 128 82  HOH HOH B . 
F 3 HOH 29 129 53  HOH HOH B . 
F 3 HOH 30 130 60  HOH HOH B . 
F 3 HOH 31 131 84  HOH HOH B . 
F 3 HOH 32 132 57  HOH HOH B . 
F 3 HOH 33 133 75  HOH HOH B . 
F 3 HOH 34 134 94  HOH HOH B . 
F 3 HOH 35 135 78  HOH HOH B . 
F 3 HOH 36 136 61  HOH HOH B . 
F 3 HOH 37 137 79  HOH HOH B . 
F 3 HOH 38 138 96  HOH HOH B . 
G 3 HOH 1  201 71  HOH HOH C . 
G 3 HOH 2  202 6   HOH HOH C . 
G 3 HOH 3  203 41  HOH HOH C . 
G 3 HOH 4  204 76  HOH HOH C . 
G 3 HOH 5  205 47  HOH HOH C . 
G 3 HOH 6  206 50  HOH HOH C . 
G 3 HOH 7  207 40  HOH HOH C . 
G 3 HOH 8  208 64  HOH HOH C . 
G 3 HOH 9  209 29  HOH HOH C . 
G 3 HOH 10 210 8   HOH HOH C . 
G 3 HOH 11 211 36  HOH HOH C . 
G 3 HOH 12 212 4   HOH HOH C . 
G 3 HOH 13 213 102 HOH HOH C . 
G 3 HOH 14 214 1   HOH HOH C . 
G 3 HOH 15 215 69  HOH HOH C . 
G 3 HOH 16 216 37  HOH HOH C . 
G 3 HOH 17 217 21  HOH HOH C . 
G 3 HOH 18 218 39  HOH HOH C . 
G 3 HOH 19 219 26  HOH HOH C . 
G 3 HOH 20 220 7   HOH HOH C . 
G 3 HOH 21 221 62  HOH HOH C . 
G 3 HOH 22 222 68  HOH HOH C . 
G 3 HOH 23 223 11  HOH HOH C . 
G 3 HOH 24 224 22  HOH HOH C . 
G 3 HOH 25 225 87  HOH HOH C . 
G 3 HOH 26 226 27  HOH HOH C . 
G 3 HOH 27 227 83  HOH HOH C . 
G 3 HOH 28 228 70  HOH HOH C . 
G 3 HOH 29 229 33  HOH HOH C . 
G 3 HOH 30 230 80  HOH HOH C . 
G 3 HOH 31 231 90  HOH HOH C . 
G 3 HOH 32 232 32  HOH HOH C . 
G 3 HOH 33 233 18  HOH HOH C . 
G 3 HOH 34 234 97  HOH HOH C . 
# 
loop_
_software.citation_id 
_software.classification 
_software.compiler_name 
_software.compiler_version 
_software.contact_author 
_software.contact_author_email 
_software.date 
_software.description 
_software.dependencies 
_software.hardware 
_software.language 
_software.location 
_software.mods 
_software.name 
_software.os 
_software.os_version 
_software.type 
_software.version 
_software.pdbx_ordinal 
? refinement       ? ? ? ? ? ? ? ? ? ? ? REFMAC  ? ? ? 5.8.0430 1 
? 'data reduction' ? ? ? ? ? ? ? ? ? ? ? XDS     ? ? ? .        2 
? 'data scaling'   ? ? ? ? ? ? ? ? ? ? ? Aimless ? ? ? .        3 
? phasing          ? ? ? ? ? ? ? ? ? ? ? PHASER  ? ? ? .        4 
# 
_cell.angle_alpha                  90.000 
_cell.angle_alpha_esd              ? 
_cell.angle_beta                   105.826 
_cell.angle_beta_esd               ? 
_cell.angle_gamma                  90.000 
_cell.angle_gamma_esd              ? 
_cell.entry_id                     9J1R 
_cell.details                      ? 
_cell.formula_units_Z              ? 
_cell.length_a                     47.777 
_cell.length_a_esd                 ? 
_cell.length_b                     14.204 
_cell.length_b_esd                 ? 
_cell.length_c                     48.460 
_cell.length_c_esd                 ? 
_cell.volume                       ? 
_cell.volume_esd                   ? 
_cell.Z_PDB                        6 
_cell.reciprocal_angle_alpha       ? 
_cell.reciprocal_angle_beta        ? 
_cell.reciprocal_angle_gamma       ? 
_cell.reciprocal_angle_alpha_esd   ? 
_cell.reciprocal_angle_beta_esd    ? 
_cell.reciprocal_angle_gamma_esd   ? 
_cell.reciprocal_length_a          ? 
_cell.reciprocal_length_b          ? 
_cell.reciprocal_length_c          ? 
_cell.reciprocal_length_a_esd      ? 
_cell.reciprocal_length_b_esd      ? 
_cell.reciprocal_length_c_esd      ? 
_cell.pdbx_unique_axis             ? 
_cell.pdbx_esd_method              ? 
# 
_symmetry.entry_id                         9J1R 
_symmetry.cell_setting                     ? 
_symmetry.Int_Tables_number                4 
_symmetry.space_group_name_Hall            ? 
_symmetry.space_group_name_H-M             'P 1 21 1' 
_symmetry.pdbx_full_space_group_name_H-M   ? 
# 
_exptl.absorpt_coefficient_mu     ? 
_exptl.absorpt_correction_T_max   ? 
_exptl.absorpt_correction_T_min   ? 
_exptl.absorpt_correction_type    ? 
_exptl.absorpt_process_details    ? 
_exptl.entry_id                   9J1R 
_exptl.crystals_number            1 
_exptl.details                    ? 
_exptl.method                     'X-RAY DIFFRACTION' 
_exptl.method_details             ? 
# 
_exptl_crystal.colour                       ? 
_exptl_crystal.density_diffrn               ? 
_exptl_crystal.density_Matthews             1.88 
_exptl_crystal.density_method               ? 
_exptl_crystal.density_percent_sol          34.54 
_exptl_crystal.description                  ? 
_exptl_crystal.F_000                        ? 
_exptl_crystal.id                           1 
_exptl_crystal.preparation                  ? 
_exptl_crystal.size_max                     ? 
_exptl_crystal.size_mid                     ? 
_exptl_crystal.size_min                     ? 
_exptl_crystal.size_rad                     ? 
_exptl_crystal.colour_lustre                ? 
_exptl_crystal.colour_modifier              ? 
_exptl_crystal.colour_primary               ? 
_exptl_crystal.density_meas                 ? 
_exptl_crystal.density_meas_esd             ? 
_exptl_crystal.density_meas_gt              ? 
_exptl_crystal.density_meas_lt              ? 
_exptl_crystal.density_meas_temp            ? 
_exptl_crystal.density_meas_temp_esd        ? 
_exptl_crystal.density_meas_temp_gt         ? 
_exptl_crystal.density_meas_temp_lt         ? 
_exptl_crystal.pdbx_crystal_image_url       ? 
_exptl_crystal.pdbx_crystal_image_format    ? 
_exptl_crystal.pdbx_mosaicity               ? 
_exptl_crystal.pdbx_mosaicity_esd           ? 
_exptl_crystal.pdbx_mosaic_method           ? 
_exptl_crystal.pdbx_mosaic_block_size       ? 
_exptl_crystal.pdbx_mosaic_block_size_esd   ? 
# 
_exptl_crystal_grow.apparatus       ? 
_exptl_crystal_grow.atmosphere      ? 
_exptl_crystal_grow.crystal_id      1 
_exptl_crystal_grow.details         ? 
_exptl_crystal_grow.method          'VAPOR DIFFUSION, SITTING DROP' 
_exptl_crystal_grow.method_ref      ? 
_exptl_crystal_grow.pH              ? 
_exptl_crystal_grow.pressure        ? 
_exptl_crystal_grow.pressure_esd    ? 
_exptl_crystal_grow.seeding         ? 
_exptl_crystal_grow.seeding_ref     ? 
_exptl_crystal_grow.temp_details    ? 
_exptl_crystal_grow.temp_esd        ? 
_exptl_crystal_grow.time            ? 
_exptl_crystal_grow.pdbx_details    'Crystal-C7:0.2M (NH4)2SO4, 30% PEG4,000' 
_exptl_crystal_grow.pdbx_pH_range   ? 
_exptl_crystal_grow.temp            293 
# 
_diffrn.ambient_environment              ? 
_diffrn.ambient_temp                     100 
_diffrn.ambient_temp_details             ? 
_diffrn.ambient_temp_esd                 ? 
_diffrn.crystal_id                       1 
_diffrn.crystal_support                  ? 
_diffrn.crystal_treatment                ? 
_diffrn.details                          ? 
_diffrn.id                               1 
_diffrn.ambient_pressure                 ? 
_diffrn.ambient_pressure_esd             ? 
_diffrn.ambient_pressure_gt              ? 
_diffrn.ambient_pressure_lt              ? 
_diffrn.ambient_temp_gt                  ? 
_diffrn.ambient_temp_lt                  ? 
_diffrn.pdbx_serial_crystal_experiment   N 
# 
_diffrn_detector.details                      ? 
_diffrn_detector.detector                     PIXEL 
_diffrn_detector.diffrn_id                    1 
_diffrn_detector.type                         'DECTRIS PILATUS3 6M' 
_diffrn_detector.area_resol_mean              ? 
_diffrn_detector.dtime                        ? 
_diffrn_detector.pdbx_frames_total            ? 
_diffrn_detector.pdbx_collection_time_total   ? 
_diffrn_detector.pdbx_collection_date         2024-06-25 
_diffrn_detector.pdbx_frequency               ? 
_diffrn_detector.id                           ? 
_diffrn_detector.number_of_axes               ? 
# 
_diffrn_radiation.collimation                      ? 
_diffrn_radiation.diffrn_id                        1 
_diffrn_radiation.filter_edge                      ? 
_diffrn_radiation.inhomogeneity                    ? 
_diffrn_radiation.monochromator                    ? 
_diffrn_radiation.polarisn_norm                    ? 
_diffrn_radiation.polarisn_ratio                   ? 
_diffrn_radiation.probe                            ? 
_diffrn_radiation.type                             ? 
_diffrn_radiation.xray_symbol                      ? 
_diffrn_radiation.wavelength_id                    1 
_diffrn_radiation.pdbx_monochromatic_or_laue_m_l   M 
_diffrn_radiation.pdbx_wavelength_list             ? 
_diffrn_radiation.pdbx_wavelength                  ? 
_diffrn_radiation.pdbx_diffrn_protocol             'SINGLE WAVELENGTH' 
_diffrn_radiation.pdbx_analyzer                    ? 
_diffrn_radiation.pdbx_scattering_type             x-ray 
# 
_diffrn_radiation_wavelength.id           1 
_diffrn_radiation_wavelength.wavelength   0.99999 
_diffrn_radiation_wavelength.wt           1.0 
# 
_diffrn_source.current                     ? 
_diffrn_source.details                     ? 
_diffrn_source.diffrn_id                   1 
_diffrn_source.power                       ? 
_diffrn_source.size                        ? 
_diffrn_source.source                      SYNCHROTRON 
_diffrn_source.target                      ? 
_diffrn_source.type                        'SPRING-8 BEAMLINE BL45XU' 
_diffrn_source.voltage                     ? 
_diffrn_source.take-off_angle              ? 
_diffrn_source.pdbx_wavelength_list        0.99999 
_diffrn_source.pdbx_wavelength             ? 
_diffrn_source.pdbx_synchrotron_beamline   BL45XU 
_diffrn_source.pdbx_synchrotron_site       SPring-8 
# 
_reflns.B_iso_Wilson_estimate                          ? 
_reflns.entry_id                                       9J1R 
_reflns.data_reduction_details                         ? 
_reflns.data_reduction_method                          ? 
_reflns.d_resolution_high                              1.45 
_reflns.d_resolution_low                               46.62 
_reflns.details                                        ? 
_reflns.limit_h_max                                    ? 
_reflns.limit_h_min                                    ? 
_reflns.limit_k_max                                    ? 
_reflns.limit_k_min                                    ? 
_reflns.limit_l_max                                    ? 
_reflns.limit_l_min                                    ? 
_reflns.number_all                                     ? 
_reflns.number_obs                                     11458 
_reflns.observed_criterion                             ? 
_reflns.observed_criterion_F_max                       ? 
_reflns.observed_criterion_F_min                       ? 
_reflns.observed_criterion_I_max                       ? 
_reflns.observed_criterion_I_min                       ? 
_reflns.observed_criterion_sigma_F                     ? 
_reflns.observed_criterion_sigma_I                     ? 
_reflns.percent_possible_obs                           97.8 
_reflns.R_free_details                                 ? 
_reflns.Rmerge_F_all                                   ? 
_reflns.Rmerge_F_obs                                   ? 
_reflns.Friedel_coverage                               ? 
_reflns.number_gt                                      ? 
_reflns.threshold_expression                           ? 
_reflns.pdbx_redundancy                                6.6 
_reflns.pdbx_netI_over_av_sigmaI                       ? 
_reflns.pdbx_netI_over_sigmaI                          16.7 
_reflns.pdbx_res_netI_over_av_sigmaI_2                 ? 
_reflns.pdbx_res_netI_over_sigmaI_2                    ? 
_reflns.pdbx_chi_squared                               ? 
_reflns.pdbx_scaling_rejects                           ? 
_reflns.pdbx_d_res_high_opt                            ? 
_reflns.pdbx_d_res_low_opt                             ? 
_reflns.pdbx_d_res_opt_method                          ? 
_reflns.phase_calculation_details                      ? 
_reflns.pdbx_Rrim_I_all                                ? 
_reflns.pdbx_Rpim_I_all                                ? 
_reflns.pdbx_d_opt                                     ? 
_reflns.pdbx_number_measured_all                       ? 
_reflns.pdbx_diffrn_id                                 1 
_reflns.pdbx_ordinal                                   1 
_reflns.pdbx_CC_half                                   0.999 
_reflns.pdbx_CC_star                                   ? 
_reflns.pdbx_R_split                                   ? 
_reflns.pdbx_Rmerge_I_obs                              ? 
_reflns.pdbx_Rmerge_I_all                              ? 
_reflns.pdbx_Rsym_value                                ? 
_reflns.pdbx_CC_split_method                           ? 
_reflns.pdbx_aniso_diffraction_limit_axis_1_ortho[1]   ? 
_reflns.pdbx_aniso_diffraction_limit_axis_1_ortho[2]   ? 
_reflns.pdbx_aniso_diffraction_limit_axis_1_ortho[3]   ? 
_reflns.pdbx_aniso_diffraction_limit_axis_2_ortho[1]   ? 
_reflns.pdbx_aniso_diffraction_limit_axis_2_ortho[2]   ? 
_reflns.pdbx_aniso_diffraction_limit_axis_2_ortho[3]   ? 
_reflns.pdbx_aniso_diffraction_limit_axis_3_ortho[1]   ? 
_reflns.pdbx_aniso_diffraction_limit_axis_3_ortho[2]   ? 
_reflns.pdbx_aniso_diffraction_limit_axis_3_ortho[3]   ? 
_reflns.pdbx_aniso_diffraction_limit_1                 ? 
_reflns.pdbx_aniso_diffraction_limit_2                 ? 
_reflns.pdbx_aniso_diffraction_limit_3                 ? 
_reflns.pdbx_aniso_B_tensor_eigenvector_1_ortho[1]     ? 
_reflns.pdbx_aniso_B_tensor_eigenvector_1_ortho[2]     ? 
_reflns.pdbx_aniso_B_tensor_eigenvector_1_ortho[3]     ? 
_reflns.pdbx_aniso_B_tensor_eigenvector_2_ortho[1]     ? 
_reflns.pdbx_aniso_B_tensor_eigenvector_2_ortho[2]     ? 
_reflns.pdbx_aniso_B_tensor_eigenvector_2_ortho[3]     ? 
_reflns.pdbx_aniso_B_tensor_eigenvector_3_ortho[1]     ? 
_reflns.pdbx_aniso_B_tensor_eigenvector_3_ortho[2]     ? 
_reflns.pdbx_aniso_B_tensor_eigenvector_3_ortho[3]     ? 
_reflns.pdbx_aniso_B_tensor_eigenvalue_1               ? 
_reflns.pdbx_aniso_B_tensor_eigenvalue_2               ? 
_reflns.pdbx_aniso_B_tensor_eigenvalue_3               ? 
_reflns.pdbx_orthogonalization_convention              ? 
_reflns.pdbx_percent_possible_ellipsoidal              ? 
_reflns.pdbx_percent_possible_spherical                ? 
_reflns.pdbx_percent_possible_ellipsoidal_anomalous    ? 
_reflns.pdbx_percent_possible_spherical_anomalous      ? 
_reflns.pdbx_redundancy_anomalous                      ? 
_reflns.pdbx_CC_half_anomalous                         ? 
_reflns.pdbx_absDiff_over_sigma_anomalous              ? 
_reflns.pdbx_percent_possible_anomalous                ? 
_reflns.pdbx_observed_signal_threshold                 ? 
_reflns.pdbx_signal_type                               ? 
_reflns.pdbx_signal_details                            ? 
_reflns.pdbx_signal_software_id                        ? 
# 
_reflns_shell.d_res_high                                    1.45 
_reflns_shell.d_res_low                                     1.47 
_reflns_shell.meanI_over_sigI_all                           ? 
_reflns_shell.meanI_over_sigI_obs                           ? 
_reflns_shell.number_measured_all                           ? 
_reflns_shell.number_measured_obs                           ? 
_reflns_shell.number_possible                               ? 
_reflns_shell.number_unique_all                             ? 
_reflns_shell.number_unique_obs                             542 
_reflns_shell.percent_possible_obs                          ? 
_reflns_shell.Rmerge_F_all                                  ? 
_reflns_shell.Rmerge_F_obs                                  ? 
_reflns_shell.meanI_over_sigI_gt                            ? 
_reflns_shell.meanI_over_uI_all                             ? 
_reflns_shell.meanI_over_uI_gt                              ? 
_reflns_shell.number_measured_gt                            ? 
_reflns_shell.number_unique_gt                              ? 
_reflns_shell.percent_possible_gt                           ? 
_reflns_shell.Rmerge_F_gt                                   ? 
_reflns_shell.Rmerge_I_gt                                   ? 
_reflns_shell.pdbx_redundancy                               ? 
_reflns_shell.pdbx_chi_squared                              ? 
_reflns_shell.pdbx_netI_over_sigmaI_all                     ? 
_reflns_shell.pdbx_netI_over_sigmaI_obs                     ? 
_reflns_shell.pdbx_Rrim_I_all                               ? 
_reflns_shell.pdbx_Rpim_I_all                               ? 
_reflns_shell.pdbx_rejects                                  ? 
_reflns_shell.pdbx_ordinal                                  1 
_reflns_shell.pdbx_diffrn_id                                1 
_reflns_shell.pdbx_CC_half                                  0.826 
_reflns_shell.pdbx_CC_star                                  ? 
_reflns_shell.pdbx_R_split                                  ? 
_reflns_shell.percent_possible_all                          ? 
_reflns_shell.Rmerge_I_all                                  ? 
_reflns_shell.Rmerge_I_obs                                  ? 
_reflns_shell.pdbx_Rsym_value                               ? 
_reflns_shell.pdbx_percent_possible_ellipsoidal             ? 
_reflns_shell.pdbx_percent_possible_spherical               ? 
_reflns_shell.pdbx_percent_possible_ellipsoidal_anomalous   ? 
_reflns_shell.pdbx_percent_possible_spherical_anomalous     ? 
_reflns_shell.pdbx_redundancy_anomalous                     ? 
_reflns_shell.pdbx_CC_half_anomalous                        ? 
_reflns_shell.pdbx_absDiff_over_sigma_anomalous             ? 
_reflns_shell.pdbx_percent_possible_anomalous               ? 
# 
_refine.aniso_B[1][1]                            -1.422 
_refine.aniso_B[1][2]                            -0.000 
_refine.aniso_B[1][3]                            0.234 
_refine.aniso_B[2][2]                            -1.549 
_refine.aniso_B[2][3]                            -0.000 
_refine.aniso_B[3][3]                            2.446 
_refine.B_iso_max                                ? 
_refine.B_iso_mean                               24.276 
_refine.B_iso_min                                ? 
_refine.correlation_coeff_Fo_to_Fc               0.970 
_refine.correlation_coeff_Fo_to_Fc_free          0.967 
_refine.details                                  'Hydrogens have been added in their riding positions' 
_refine.diff_density_max                         ? 
_refine.diff_density_max_esd                     ? 
_refine.diff_density_min                         ? 
_refine.diff_density_min_esd                     ? 
_refine.diff_density_rms                         ? 
_refine.diff_density_rms_esd                     ? 
_refine.entry_id                                 9J1R 
_refine.pdbx_refine_id                           'X-RAY DIFFRACTION' 
_refine.ls_abs_structure_details                 ? 
_refine.ls_abs_structure_Flack                   ? 
_refine.ls_abs_structure_Flack_esd               ? 
_refine.ls_abs_structure_Rogers                  ? 
_refine.ls_abs_structure_Rogers_esd              ? 
_refine.ls_d_res_high                            1.450 
_refine.ls_d_res_low                             46.62 
_refine.ls_extinction_coef                       ? 
_refine.ls_extinction_coef_esd                   ? 
_refine.ls_extinction_expression                 ? 
_refine.ls_extinction_method                     ? 
_refine.ls_goodness_of_fit_all                   ? 
_refine.ls_goodness_of_fit_all_esd               ? 
_refine.ls_goodness_of_fit_obs                   ? 
_refine.ls_goodness_of_fit_obs_esd               ? 
_refine.ls_hydrogen_treatment                    ? 
_refine.ls_matrix_type                           ? 
_refine.ls_number_constraints                    ? 
_refine.ls_number_parameters                     ? 
_refine.ls_number_reflns_all                     ? 
_refine.ls_number_reflns_obs                     11457 
_refine.ls_number_reflns_R_free                  578 
_refine.ls_number_reflns_R_work                  10879 
_refine.ls_number_restraints                     ? 
_refine.ls_percent_reflns_obs                    97.957 
_refine.ls_percent_reflns_R_free                 5.045 
_refine.ls_R_factor_all                          0.185 
_refine.ls_R_factor_obs                          ? 
_refine.ls_R_factor_R_free                       0.2235 
_refine.ls_R_factor_R_free_error                 ? 
_refine.ls_R_factor_R_free_error_details         ? 
_refine.ls_R_factor_R_work                       0.1831 
_refine.ls_R_Fsqd_factor_obs                     ? 
_refine.ls_R_I_factor_obs                        ? 
_refine.ls_redundancy_reflns_all                 ? 
_refine.ls_redundancy_reflns_obs                 ? 
_refine.ls_restrained_S_all                      ? 
_refine.ls_restrained_S_obs                      ? 
_refine.ls_shift_over_esd_max                    ? 
_refine.ls_shift_over_esd_mean                   ? 
_refine.ls_structure_factor_coef                 ? 
_refine.ls_weighting_details                     ? 
_refine.ls_weighting_scheme                      ? 
_refine.ls_wR_factor_all                         ? 
_refine.ls_wR_factor_obs                         ? 
_refine.ls_wR_factor_R_free                      ? 
_refine.ls_wR_factor_R_work                      ? 
_refine.occupancy_max                            ? 
_refine.occupancy_min                            ? 
_refine.solvent_model_details                    'MASK BULK SOLVENT' 
_refine.solvent_model_param_bsol                 ? 
_refine.solvent_model_param_ksol                 ? 
_refine.pdbx_R_complete                          ? 
_refine.ls_R_factor_gt                           ? 
_refine.ls_goodness_of_fit_gt                    ? 
_refine.ls_goodness_of_fit_ref                   ? 
_refine.ls_shift_over_su_max                     ? 
_refine.ls_shift_over_su_max_lt                  ? 
_refine.ls_shift_over_su_mean                    ? 
_refine.ls_shift_over_su_mean_lt                 ? 
_refine.pdbx_ls_sigma_I                          ? 
_refine.pdbx_ls_sigma_F                          ? 
_refine.pdbx_ls_sigma_Fsqd                       ? 
_refine.pdbx_data_cutoff_high_absF               ? 
_refine.pdbx_data_cutoff_high_rms_absF           ? 
_refine.pdbx_data_cutoff_low_absF                ? 
_refine.pdbx_isotropic_thermal_model             ? 
_refine.pdbx_ls_cross_valid_method               'FREE R-VALUE' 
_refine.pdbx_method_to_determine_struct          'MOLECULAR REPLACEMENT' 
_refine.pdbx_starting_model                      1K6F 
_refine.pdbx_stereochemistry_target_values       ? 
_refine.pdbx_R_Free_selection_details            ? 
_refine.pdbx_stereochem_target_val_spec_case     ? 
_refine.pdbx_overall_ESU_R                       0.106 
_refine.pdbx_overall_ESU_R_Free                  0.084 
_refine.pdbx_solvent_vdw_probe_radii             1.200 
_refine.pdbx_solvent_ion_probe_radii             0.800 
_refine.pdbx_solvent_shrinkage_radii             0.800 
_refine.pdbx_real_space_R                        ? 
_refine.pdbx_density_correlation                 ? 
_refine.pdbx_pd_number_of_powder_patterns        ? 
_refine.pdbx_pd_number_of_points                 ? 
_refine.pdbx_pd_meas_number_of_points            ? 
_refine.pdbx_pd_proc_ls_prof_R_factor            ? 
_refine.pdbx_pd_proc_ls_prof_wR_factor           ? 
_refine.pdbx_pd_Marquardt_correlation_coeff      ? 
_refine.pdbx_pd_Fsqrd_R_factor                   ? 
_refine.pdbx_pd_ls_matrix_band_width             ? 
_refine.pdbx_overall_phase_error                 ? 
_refine.pdbx_overall_SU_R_free_Cruickshank_DPI   ? 
_refine.pdbx_overall_SU_R_free_Blow_DPI          ? 
_refine.pdbx_overall_SU_R_Blow_DPI               ? 
_refine.pdbx_TLS_residual_ADP_flag               ? 
_refine.pdbx_diffrn_id                           1 
_refine.overall_SU_B                             4.317 
_refine.overall_SU_ML                            0.072 
_refine.overall_SU_R_Cruickshank_DPI             ? 
_refine.overall_SU_R_free                        ? 
_refine.overall_FOM_free_R_set                   ? 
_refine.overall_FOM_work_R_set                   ? 
_refine.pdbx_average_fsc_overall                 ? 
_refine.pdbx_average_fsc_work                    ? 
_refine.pdbx_average_fsc_free                    ? 
# 
_refine_hist.pdbx_refine_id                   'X-RAY DIFFRACTION' 
_refine_hist.cycle_id                         LAST 
_refine_hist.details                          ? 
_refine_hist.d_res_high                       1.450 
_refine_hist.d_res_low                        46.62 
_refine_hist.number_atoms_solvent             95 
_refine_hist.number_atoms_total               675 
_refine_hist.number_reflns_all                ? 
_refine_hist.number_reflns_obs                ? 
_refine_hist.number_reflns_R_free             ? 
_refine_hist.number_reflns_R_work             ? 
_refine_hist.R_factor_all                     ? 
_refine_hist.R_factor_obs                     ? 
_refine_hist.R_factor_R_free                  ? 
_refine_hist.R_factor_R_work                  ? 
_refine_hist.pdbx_number_residues_total       ? 
_refine_hist.pdbx_B_iso_mean_ligand           ? 
_refine_hist.pdbx_B_iso_mean_solvent          ? 
_refine_hist.pdbx_number_atoms_protein        575 
_refine_hist.pdbx_number_atoms_nucleic_acid   0 
_refine_hist.pdbx_number_atoms_ligand         5 
_refine_hist.pdbx_number_atoms_lipid          ? 
_refine_hist.pdbx_number_atoms_carb           ? 
_refine_hist.pdbx_pseudo_atom_details         ? 
# 
loop_
_refine_ls_restr.pdbx_refine_id 
_refine_ls_restr.criterion 
_refine_ls_restr.dev_ideal 
_refine_ls_restr.dev_ideal_target 
_refine_ls_restr.number 
_refine_ls_restr.rejects 
_refine_ls_restr.type 
_refine_ls_restr.weight 
_refine_ls_restr.pdbx_restraint_function 
'X-RAY DIFFRACTION' ? 0.010  0.012  645  ? r_bond_refined_d               ? ? 
'X-RAY DIFFRACTION' ? 0.001  0.017  555  ? r_bond_other_d                 ? ? 
'X-RAY DIFFRACTION' ? 1.951  1.846  907  ? r_angle_refined_deg            ? ? 
'X-RAY DIFFRACTION' ? 0.678  1.689  1343 ? r_angle_other_deg              ? ? 
'X-RAY DIFFRACTION' ? 5.837  5.000  88   ? r_dihedral_angle_1_deg         ? ? 
'X-RAY DIFFRACTION' ? 8.089  5.000  8    ? r_dihedral_angle_2_deg         ? ? 
'X-RAY DIFFRACTION' ? 11.766 10.000 47   ? r_dihedral_angle_3_deg         ? ? 
'X-RAY DIFFRACTION' ? 17.482 10.000 18   ? r_dihedral_angle_6_deg         ? ? 
'X-RAY DIFFRACTION' ? 0.080  0.200  79   ? r_chiral_restr                 ? ? 
'X-RAY DIFFRACTION' ? 0.009  0.020  784  ? r_gen_planes_refined           ? ? 
'X-RAY DIFFRACTION' ? 0.001  0.020  112  ? r_gen_planes_other             ? ? 
'X-RAY DIFFRACTION' ? 0.218  0.200  221  ? r_nbd_refined                  ? ? 
'X-RAY DIFFRACTION' ? 0.182  0.200  466  ? r_symmetry_nbd_other           ? ? 
'X-RAY DIFFRACTION' ? 0.182  0.200  334  ? r_nbtor_refined                ? ? 
'X-RAY DIFFRACTION' ? 0.091  0.200  241  ? r_symmetry_nbtor_other         ? ? 
'X-RAY DIFFRACTION' ? 0.291  0.200  49   ? r_xyhbond_nbd_refined          ? ? 
'X-RAY DIFFRACTION' ? 0.428  0.200  1    ? r_symmetry_xyhbond_nbd_other   ? ? 
'X-RAY DIFFRACTION' ? 0.201  0.200  12   ? r_symmetry_nbd_refined         ? ? 
'X-RAY DIFFRACTION' ? 0.206  0.200  70   ? r_nbd_other                    ? ? 
'X-RAY DIFFRACTION' ? 0.301  0.200  19   ? r_symmetry_xyhbond_nbd_refined ? ? 
'X-RAY DIFFRACTION' ? 7.173  2.481  346  ? r_mcbond_it                    ? ? 
'X-RAY DIFFRACTION' ? 7.129  2.479  346  ? r_mcbond_other                 ? ? 
'X-RAY DIFFRACTION' ? 10.283 4.428  430  ? r_mcangle_it                   ? ? 
'X-RAY DIFFRACTION' ? 10.293 4.434  431  ? r_mcangle_other                ? ? 
'X-RAY DIFFRACTION' ? 8.533  2.912  299  ? r_scbond_it                    ? ? 
'X-RAY DIFFRACTION' ? 8.192  2.921  296  ? r_scbond_other                 ? ? 
'X-RAY DIFFRACTION' ? 12.153 5.204  475  ? r_scangle_it                   ? ? 
'X-RAY DIFFRACTION' ? 11.871 5.207  470  ? r_scangle_other                ? ? 
'X-RAY DIFFRACTION' ? 17.730 31.558 799  ? r_lrange_it                    ? ? 
'X-RAY DIFFRACTION' ? 15.913 25.479 759  ? r_lrange_other                 ? ? 
'X-RAY DIFFRACTION' ? 4.489  3.000  1200 ? r_rigid_bond_restr             ? ? 
# 
loop_
_refine_ls_shell.pdbx_refine_id 
_refine_ls_shell.d_res_high 
_refine_ls_shell.d_res_low 
_refine_ls_shell.number_reflns_all 
_refine_ls_shell.number_reflns_obs 
_refine_ls_shell.number_reflns_R_free 
_refine_ls_shell.number_reflns_R_work 
_refine_ls_shell.percent_reflns_obs 
_refine_ls_shell.percent_reflns_R_free 
_refine_ls_shell.R_factor_all 
_refine_ls_shell.R_factor_obs 
_refine_ls_shell.R_factor_R_free_error 
_refine_ls_shell.R_factor_R_work 
_refine_ls_shell.redundancy_reflns_all 
_refine_ls_shell.redundancy_reflns_obs 
_refine_ls_shell.wR_factor_all 
_refine_ls_shell.wR_factor_obs 
_refine_ls_shell.wR_factor_R_free 
_refine_ls_shell.wR_factor_R_work 
_refine_ls_shell.pdbx_R_complete 
_refine_ls_shell.pdbx_total_number_of_bins_used 
_refine_ls_shell.pdbx_phase_error 
_refine_ls_shell.pdbx_fsc_work 
_refine_ls_shell.pdbx_fsc_free 
_refine_ls_shell.R_factor_R_free 
'X-RAY DIFFRACTION' 1.450 1.488 . . 63 756 99.3932  . . . . 0.264 . . . . . . . . . . . 0.344 
'X-RAY DIFFRACTION' 1.488 1.528 . . 30 796 97.8673  . . . . 0.242 . . . . . . . . . . . 0.246 
'X-RAY DIFFRACTION' 1.528 1.573 . . 25 723 90.4474  . . . . 0.207 . . . . . . . . . . . 0.260 
'X-RAY DIFFRACTION' 1.573 1.621 . . 39 702 98.5372  . . . . 0.165 . . . . . . . . . . . 0.305 
'X-RAY DIFFRACTION' 1.621 1.674 . . 21 721 100.0000 . . . . 0.160 . . . . . . . . . . . 0.301 
'X-RAY DIFFRACTION' 1.674 1.733 . . 30 715 98.8064  . . . . 0.169 . . . . . . . . . . . 0.195 
'X-RAY DIFFRACTION' 1.733 1.798 . . 40 637 92.9945  . . . . 0.158 . . . . . . . . . . . 0.236 
'X-RAY DIFFRACTION' 1.798 1.871 . . 25 649 100.0000 . . . . 0.160 . . . . . . . . . . . 0.413 
'X-RAY DIFFRACTION' 1.871 1.954 . . 33 620 100.0000 . . . . 0.161 . . . . . . . . . . . 0.322 
'X-RAY DIFFRACTION' 1.954 2.050 . . 30 579 95.3052  . . . . 0.162 . . . . . . . . . . . 0.197 
'X-RAY DIFFRACTION' 2.050 2.160 . . 30 556 100.0000 . . . . 0.170 . . . . . . . . . . . 0.271 
'X-RAY DIFFRACTION' 2.160 2.291 . . 36 550 100.0000 . . . . 0.169 . . . . . . . . . . . 0.196 
'X-RAY DIFFRACTION' 2.291 2.449 . . 30 487 96.6355  . . . . 0.154 . . . . . . . . . . . 0.260 
'X-RAY DIFFRACTION' 2.449 2.644 . . 34 471 99.4094  . . . . 0.163 . . . . . . . . . . . 0.152 
'X-RAY DIFFRACTION' 2.644 2.896 . . 11 459 98.5325  . . . . 0.176 . . . . . . . . . . . 0.229 
'X-RAY DIFFRACTION' 2.896 3.236 . . 32 387 100.0000 . . . . 0.196 . . . . . . . . . . . 0.350 
'X-RAY DIFFRACTION' 3.236 3.734 . . 25 367 99.4924  . . . . 0.166 . . . . . . . . . . . 0.137 
'X-RAY DIFFRACTION' 3.734 4.565 . . 22 306 99.0937  . . . . 0.164 . . . . . . . . . . . 0.195 
'X-RAY DIFFRACTION' 4.565 6.426 . . 16 239 99.6094  . . . . 0.223 . . . . . . . . . . . 0.278 
'X-RAY DIFFRACTION' 6.426 46.62 . . 6  158 98.7952  . . . . 0.387 . . . . . . . . . . . 0.187 
# 
_struct.entry_id                     9J1R 
_struct.title                        'Structure of a triple-helix region of human Collagen type II from Trautec' 
_struct.pdbx_model_details           ? 
_struct.pdbx_formula_weight          ? 
_struct.pdbx_formula_weight_method   ? 
_struct.pdbx_model_type_details      ? 
_struct.pdbx_CASP_flag               N 
# 
_struct_keywords.entry_id        9J1R 
_struct_keywords.text            'Human collagen II, Triple-helix, STRUCTURAL PROTEIN' 
_struct_keywords.pdbx_keywords   'STRUCTURAL PROTEIN' 
# 
loop_
_struct_asym.id 
_struct_asym.pdbx_blank_PDB_chainid_flag 
_struct_asym.pdbx_modified 
_struct_asym.entity_id 
_struct_asym.details 
A N N 1 ? 
B N N 1 ? 
C N N 1 ? 
D N N 2 ? 
E N N 3 ? 
F N N 3 ? 
G N N 3 ? 
# 
_struct_ref.id                         1 
_struct_ref.db_name                    PDB 
_struct_ref.db_code                    9J1R 
_struct_ref.pdbx_db_accession          9J1R 
_struct_ref.pdbx_db_isoform            ? 
_struct_ref.entity_id                  1 
_struct_ref.pdbx_seq_one_letter_code   ? 
_struct_ref.pdbx_align_begin           1 
# 
loop_
_struct_ref_seq.align_id 
_struct_ref_seq.ref_id 
_struct_ref_seq.pdbx_PDB_id_code 
_struct_ref_seq.pdbx_strand_id 
_struct_ref_seq.seq_align_beg 
_struct_ref_seq.pdbx_seq_align_beg_ins_code 
_struct_ref_seq.seq_align_end 
_struct_ref_seq.pdbx_seq_align_end_ins_code 
_struct_ref_seq.pdbx_db_accession 
_struct_ref_seq.db_align_beg 
_struct_ref_seq.pdbx_db_align_beg_ins_code 
_struct_ref_seq.db_align_end 
_struct_ref_seq.pdbx_db_align_end_ins_code 
_struct_ref_seq.pdbx_auth_seq_align_beg 
_struct_ref_seq.pdbx_auth_seq_align_end 
1 1 9J1R A 1 ? 30 ? 9J1R 1 ? 30 ? 1 30 
2 1 9J1R B 1 ? 30 ? 9J1R 1 ? 30 ? 1 30 
3 1 9J1R C 1 ? 30 ? 9J1R 1 ? 30 ? 1 30 
# 
_pdbx_struct_assembly.id                   1 
_pdbx_struct_assembly.details              author_and_software_defined_assembly 
_pdbx_struct_assembly.method_details       PISA 
_pdbx_struct_assembly.oligomeric_details   trimeric 
_pdbx_struct_assembly.oligomeric_count     3 
# 
loop_
_pdbx_struct_assembly_prop.biol_id 
_pdbx_struct_assembly_prop.type 
_pdbx_struct_assembly_prop.value 
_pdbx_struct_assembly_prop.details 
1 'ABSA (A^2)' 5110 ? 
1 MORE         -27  ? 
1 'SSA (A^2)'  5710 ? 
# 
_pdbx_struct_assembly_gen.assembly_id       1 
_pdbx_struct_assembly_gen.oper_expression   1 
_pdbx_struct_assembly_gen.asym_id_list      A,B,C,D,E,F,G 
# 
_pdbx_struct_assembly_auth_evidence.id                     1 
_pdbx_struct_assembly_auth_evidence.assembly_id            1 
_pdbx_struct_assembly_auth_evidence.experimental_support   homology 
_pdbx_struct_assembly_auth_evidence.details                ? 
# 
_pdbx_struct_oper_list.id                   1 
_pdbx_struct_oper_list.type                 'identity operation' 
_pdbx_struct_oper_list.name                 1_555 
_pdbx_struct_oper_list.symmetry_operation   x,y,z 
_pdbx_struct_oper_list.matrix[1][1]         1.0000000000 
_pdbx_struct_oper_list.matrix[1][2]         0.0000000000 
_pdbx_struct_oper_list.matrix[1][3]         0.0000000000 
_pdbx_struct_oper_list.vector[1]            0.0000000000 
_pdbx_struct_oper_list.matrix[2][1]         0.0000000000 
_pdbx_struct_oper_list.matrix[2][2]         1.0000000000 
_pdbx_struct_oper_list.matrix[2][3]         0.0000000000 
_pdbx_struct_oper_list.vector[2]            0.0000000000 
_pdbx_struct_oper_list.matrix[3][1]         0.0000000000 
_pdbx_struct_oper_list.matrix[3][2]         0.0000000000 
_pdbx_struct_oper_list.matrix[3][3]         1.0000000000 
_pdbx_struct_oper_list.vector[3]            0.0000000000 
# 
loop_
_struct_conn.id 
_struct_conn.conn_type_id 
_struct_conn.pdbx_leaving_atom_flag 
_struct_conn.pdbx_PDB_id 
_struct_conn.ptnr1_label_asym_id 
_struct_conn.ptnr1_label_comp_id 
_struct_conn.ptnr1_label_seq_id 
_struct_conn.ptnr1_label_atom_id 
_struct_conn.pdbx_ptnr1_label_alt_id 
_struct_conn.pdbx_ptnr1_PDB_ins_code 
_struct_conn.pdbx_ptnr1_standard_comp_id 
_struct_conn.ptnr1_symmetry 
_struct_conn.ptnr2_label_asym_id 
_struct_conn.ptnr2_label_comp_id 
_struct_conn.ptnr2_label_seq_id 
_struct_conn.ptnr2_label_atom_id 
_struct_conn.pdbx_ptnr2_label_alt_id 
_struct_conn.pdbx_ptnr2_PDB_ins_code 
_struct_conn.ptnr1_auth_asym_id 
_struct_conn.ptnr1_auth_comp_id 
_struct_conn.ptnr1_auth_seq_id 
_struct_conn.ptnr2_auth_asym_id 
_struct_conn.ptnr2_auth_comp_id 
_struct_conn.ptnr2_auth_seq_id 
_struct_conn.ptnr2_symmetry 
_struct_conn.pdbx_ptnr3_label_atom_id 
_struct_conn.pdbx_ptnr3_label_seq_id 
_struct_conn.pdbx_ptnr3_label_comp_id 
_struct_conn.pdbx_ptnr3_label_asym_id 
_struct_conn.pdbx_ptnr3_label_alt_id 
_struct_conn.pdbx_ptnr3_PDB_ins_code 
_struct_conn.details 
_struct_conn.pdbx_dist_value 
_struct_conn.pdbx_value_order 
_struct_conn.pdbx_role 
covale1  covale both ? A PRO 4  C ? ? ? 1_555 A HYP 5  N ? ? A PRO 4  A HYP 5  1_555 ? ? ? ? ? ? ? 1.341 ? ? 
covale2  covale both ? A HYP 5  C ? ? ? 1_555 A GLY 6  N ? ? A HYP 5  A GLY 6  1_555 ? ? ? ? ? ? ? 1.341 ? ? 
covale3  covale both ? A PRO 7  C ? ? ? 1_555 A HYP 8  N ? ? A PRO 7  A HYP 8  1_555 ? ? ? ? ? ? ? 1.334 ? ? 
covale4  covale both ? A HYP 8  C ? ? ? 1_555 A GLY 9  N ? ? A HYP 8  A GLY 9  1_555 ? ? ? ? ? ? ? 1.323 ? ? 
covale5  covale both ? A PRO 22 C ? ? ? 1_555 A HYP 23 N ? ? A PRO 22 A HYP 23 1_555 ? ? ? ? ? ? ? 1.348 ? ? 
covale6  covale both ? A HYP 23 C ? ? ? 1_555 A GLY 24 N ? ? A HYP 23 A GLY 24 1_555 ? ? ? ? ? ? ? 1.331 ? ? 
covale7  covale both ? A PRO 25 C ? ? ? 1_555 A HYP 26 N ? ? A PRO 25 A HYP 26 1_555 ? ? ? ? ? ? ? 1.353 ? ? 
covale8  covale both ? A HYP 26 C ? ? ? 1_555 A GLY 27 N ? ? A HYP 26 A GLY 27 1_555 ? ? ? ? ? ? ? 1.323 ? ? 
covale9  covale both ? A PRO 28 C ? ? ? 1_555 A HYP 29 N ? ? A PRO 28 A HYP 29 1_555 ? ? ? ? ? ? ? 1.348 ? ? 
covale10 covale both ? A HYP 29 C ? ? ? 1_555 A GLY 30 N ? ? A HYP 29 A GLY 30 1_555 ? ? ? ? ? ? ? 1.336 ? ? 
covale11 covale both ? B PRO 4  C ? ? ? 1_555 B HYP 5  N ? ? B PRO 4  B HYP 5  1_555 ? ? ? ? ? ? ? 1.357 ? ? 
covale12 covale both ? B HYP 5  C ? ? ? 1_555 B GLY 6  N ? ? B HYP 5  B GLY 6  1_555 ? ? ? ? ? ? ? 1.338 ? ? 
covale13 covale both ? B PRO 7  C ? ? ? 1_555 B HYP 8  N ? ? B PRO 7  B HYP 8  1_555 ? ? ? ? ? ? ? 1.344 ? ? 
covale14 covale both ? B HYP 8  C ? ? ? 1_555 B GLY 9  N ? ? B HYP 8  B GLY 9  1_555 ? ? ? ? ? ? ? 1.329 ? ? 
covale15 covale both ? B PRO 22 C ? ? ? 1_555 B HYP 23 N ? ? B PRO 22 B HYP 23 1_555 ? ? ? ? ? ? ? 1.338 ? ? 
covale16 covale both ? B HYP 23 C ? ? ? 1_555 B GLY 24 N ? ? B HYP 23 B GLY 24 1_555 ? ? ? ? ? ? ? 1.330 ? ? 
covale17 covale both ? B PRO 25 C ? ? ? 1_555 B HYP 26 N ? ? B PRO 25 B HYP 26 1_555 ? ? ? ? ? ? ? 1.339 ? ? 
covale18 covale both ? B HYP 26 C ? ? ? 1_555 B GLY 27 N ? ? B HYP 26 B GLY 27 1_555 ? ? ? ? ? ? ? 1.327 ? ? 
covale19 covale both ? B PRO 28 C ? ? ? 1_555 B HYP 29 N ? ? B PRO 28 B HYP 29 1_555 ? ? ? ? ? ? ? 1.350 ? ? 
covale20 covale both ? B HYP 29 C ? ? ? 1_555 B GLY 30 N ? ? B HYP 29 B GLY 30 1_555 ? ? ? ? ? ? ? 1.335 ? ? 
covale21 covale both ? C PRO 1  C ? ? ? 1_555 C HYP 2  N ? ? C PRO 1  C HYP 2  1_555 ? ? ? ? ? ? ? 1.347 ? ? 
covale22 covale both ? C HYP 2  C ? ? ? 1_555 C GLY 3  N ? ? C HYP 2  C GLY 3  1_555 ? ? ? ? ? ? ? 1.342 ? ? 
covale23 covale both ? C PRO 4  C ? ? ? 1_555 C HYP 5  N ? ? C PRO 4  C HYP 5  1_555 ? ? ? ? ? ? ? 1.344 ? ? 
covale24 covale both ? C HYP 5  C ? ? ? 1_555 C GLY 6  N ? ? C HYP 5  C GLY 6  1_555 ? ? ? ? ? ? ? 1.335 ? ? 
covale25 covale both ? C PRO 7  C ? ? ? 1_555 C HYP 8  N ? ? C PRO 7  C HYP 8  1_555 ? ? ? ? ? ? ? 1.347 ? ? 
covale26 covale both ? C HYP 8  C ? ? ? 1_555 C GLY 9  N ? ? C HYP 8  C GLY 9  1_555 ? ? ? ? ? ? ? 1.320 ? ? 
covale27 covale both ? C PRO 22 C ? ? ? 1_555 C HYP 23 N ? ? C PRO 22 C HYP 23 1_555 ? ? ? ? ? ? ? 1.346 ? ? 
covale28 covale both ? C HYP 23 C ? ? ? 1_555 C GLY 24 N ? ? C HYP 23 C GLY 24 1_555 ? ? ? ? ? ? ? 1.324 ? ? 
covale29 covale both ? C PRO 25 C ? ? ? 1_555 C HYP 26 N ? ? C PRO 25 C HYP 26 1_555 ? ? ? ? ? ? ? 1.342 ? ? 
covale30 covale both ? C HYP 26 C ? ? ? 1_555 C GLY 27 N ? ? C HYP 26 C GLY 27 1_555 ? ? ? ? ? ? ? 1.327 ? ? 
covale31 covale both ? C PRO 28 C ? ? ? 1_555 C HYP 29 N ? ? C PRO 28 C HYP 29 1_555 ? ? ? ? ? ? ? 1.364 ? ? 
# 
_struct_conn_type.id          covale 
_struct_conn_type.criteria    ? 
_struct_conn_type.reference   ? 
# 
loop_
_pdbx_validate_close_contact.id 
_pdbx_validate_close_contact.PDB_model_num 
_pdbx_validate_close_contact.auth_atom_id_1 
_pdbx_validate_close_contact.auth_asym_id_1 
_pdbx_validate_close_contact.auth_comp_id_1 
_pdbx_validate_close_contact.auth_seq_id_1 
_pdbx_validate_close_contact.PDB_ins_code_1 
_pdbx_validate_close_contact.label_alt_id_1 
_pdbx_validate_close_contact.auth_atom_id_2 
_pdbx_validate_close_contact.auth_asym_id_2 
_pdbx_validate_close_contact.auth_comp_id_2 
_pdbx_validate_close_contact.auth_seq_id_2 
_pdbx_validate_close_contact.PDB_ins_code_2 
_pdbx_validate_close_contact.label_alt_id_2 
_pdbx_validate_close_contact.dist 
1 1 OD1 B HYP 26  ? ? O B HOH 101 ? ? 1.81 
2 1 NE  A ARG 14  ? ? O A HOH 101 ? ? 1.96 
3 1 O   C HOH 230 ? ? O C HOH 231 ? ? 2.03 
4 1 O   B HOH 135 ? ? O B HOH 137 ? ? 2.15 
# 
_pdbx_validate_symm_contact.id                1 
_pdbx_validate_symm_contact.PDB_model_num     1 
_pdbx_validate_symm_contact.auth_atom_id_1    O 
_pdbx_validate_symm_contact.auth_asym_id_1    B 
_pdbx_validate_symm_contact.auth_comp_id_1    HOH 
_pdbx_validate_symm_contact.auth_seq_id_1     115 
_pdbx_validate_symm_contact.PDB_ins_code_1    ? 
_pdbx_validate_symm_contact.label_alt_id_1    ? 
_pdbx_validate_symm_contact.site_symmetry_1   1_555 
_pdbx_validate_symm_contact.auth_atom_id_2    O 
_pdbx_validate_symm_contact.auth_asym_id_2    C 
_pdbx_validate_symm_contact.auth_comp_id_2    HOH 
_pdbx_validate_symm_contact.auth_seq_id_2     231 
_pdbx_validate_symm_contact.PDB_ins_code_2    ? 
_pdbx_validate_symm_contact.label_alt_id_2    ? 
_pdbx_validate_symm_contact.site_symmetry_2   1_545 
_pdbx_validate_symm_contact.dist              2.08 
# 
loop_
_pdbx_validate_rmsd_angle.id 
_pdbx_validate_rmsd_angle.PDB_model_num 
_pdbx_validate_rmsd_angle.auth_atom_id_1 
_pdbx_validate_rmsd_angle.auth_asym_id_1 
_pdbx_validate_rmsd_angle.auth_comp_id_1 
_pdbx_validate_rmsd_angle.auth_seq_id_1 
_pdbx_validate_rmsd_angle.PDB_ins_code_1 
_pdbx_validate_rmsd_angle.label_alt_id_1 
_pdbx_validate_rmsd_angle.auth_atom_id_2 
_pdbx_validate_rmsd_angle.auth_asym_id_2 
_pdbx_validate_rmsd_angle.auth_comp_id_2 
_pdbx_validate_rmsd_angle.auth_seq_id_2 
_pdbx_validate_rmsd_angle.PDB_ins_code_2 
_pdbx_validate_rmsd_angle.label_alt_id_2 
_pdbx_validate_rmsd_angle.auth_atom_id_3 
_pdbx_validate_rmsd_angle.auth_asym_id_3 
_pdbx_validate_rmsd_angle.auth_comp_id_3 
_pdbx_validate_rmsd_angle.auth_seq_id_3 
_pdbx_validate_rmsd_angle.PDB_ins_code_3 
_pdbx_validate_rmsd_angle.label_alt_id_3 
_pdbx_validate_rmsd_angle.angle_value 
_pdbx_validate_rmsd_angle.angle_target_value 
_pdbx_validate_rmsd_angle.angle_deviation 
_pdbx_validate_rmsd_angle.angle_standard_deviation 
_pdbx_validate_rmsd_angle.linker_flag 
1 1 CD A ARG 14 ? ? NE A ARG 14 ? ? CZ  A ARG 14 ? ? 133.94 123.60 10.34  1.40 N 
2 1 NE A ARG 14 ? ? CZ A ARG 14 ? ? NH1 A ARG 14 ? ? 123.38 120.30 3.08   0.50 N 
3 1 CG C ARG 17 ? B CD C ARG 17 ? B NE  C ARG 17 ? B 93.44  111.80 -18.36 2.10 N 
4 1 NE C ARG 17 ? B CZ C ARG 17 ? B NH1 C ARG 17 ? B 116.58 120.30 -3.72  0.50 N 
# 
_pdbx_validate_planes.id              1 
_pdbx_validate_planes.PDB_model_num   1 
_pdbx_validate_planes.auth_comp_id    ARG 
_pdbx_validate_planes.auth_asym_id    A 
_pdbx_validate_planes.auth_seq_id     17 
_pdbx_validate_planes.PDB_ins_code    ? 
_pdbx_validate_planes.label_alt_id    ? 
_pdbx_validate_planes.rmsd            0.110 
_pdbx_validate_planes.type            'SIDE CHAIN' 
# 
_pdbx_entry_details.entry_id                 9J1R 
_pdbx_entry_details.has_ligand_of_interest   Y 
_pdbx_entry_details.compound_details         ? 
_pdbx_entry_details.source_details           ? 
_pdbx_entry_details.nonpolymer_details       ? 
_pdbx_entry_details.sequence_details         ? 
# 
loop_
_pdbx_unobs_or_zero_occ_residues.id 
_pdbx_unobs_or_zero_occ_residues.PDB_model_num 
_pdbx_unobs_or_zero_occ_residues.polymer_flag 
_pdbx_unobs_or_zero_occ_residues.occupancy_flag 
_pdbx_unobs_or_zero_occ_residues.auth_asym_id 
_pdbx_unobs_or_zero_occ_residues.auth_comp_id 
_pdbx_unobs_or_zero_occ_residues.auth_seq_id 
_pdbx_unobs_or_zero_occ_residues.PDB_ins_code 
_pdbx_unobs_or_zero_occ_residues.label_asym_id 
_pdbx_unobs_or_zero_occ_residues.label_comp_id 
_pdbx_unobs_or_zero_occ_residues.label_seq_id 
1 1 Y 1 A PRO 1  ? A PRO 1  
2 1 Y 1 A HYP 2  ? A HYP 2  
3 1 Y 1 B PRO 1  ? B PRO 1  
4 1 Y 1 B HYP 2  ? B HYP 2  
5 1 Y 1 C GLY 30 ? C GLY 30 
# 
loop_
_chem_comp_atom.comp_id 
_chem_comp_atom.atom_id 
_chem_comp_atom.type_symbol 
_chem_comp_atom.pdbx_aromatic_flag 
_chem_comp_atom.pdbx_stereo_config 
_chem_comp_atom.pdbx_ordinal 
ARG N    N N N 1   
ARG CA   C N S 2   
ARG C    C N N 3   
ARG O    O N N 4   
ARG CB   C N N 5   
ARG CG   C N N 6   
ARG CD   C N N 7   
ARG NE   N N N 8   
ARG CZ   C N N 9   
ARG NH1  N N N 10  
ARG NH2  N N N 11  
ARG OXT  O N N 12  
ARG H    H N N 13  
ARG H2   H N N 14  
ARG HA   H N N 15  
ARG HB2  H N N 16  
ARG HB3  H N N 17  
ARG HG2  H N N 18  
ARG HG3  H N N 19  
ARG HD2  H N N 20  
ARG HD3  H N N 21  
ARG HE   H N N 22  
ARG HH11 H N N 23  
ARG HH12 H N N 24  
ARG HH21 H N N 25  
ARG HH22 H N N 26  
ARG HXT  H N N 27  
GLN N    N N N 28  
GLN CA   C N S 29  
GLN C    C N N 30  
GLN O    O N N 31  
GLN CB   C N N 32  
GLN CG   C N N 33  
GLN CD   C N N 34  
GLN OE1  O N N 35  
GLN NE2  N N N 36  
GLN OXT  O N N 37  
GLN H    H N N 38  
GLN H2   H N N 39  
GLN HA   H N N 40  
GLN HB2  H N N 41  
GLN HB3  H N N 42  
GLN HG2  H N N 43  
GLN HG3  H N N 44  
GLN HE21 H N N 45  
GLN HE22 H N N 46  
GLN HXT  H N N 47  
GLU N    N N N 48  
GLU CA   C N S 49  
GLU C    C N N 50  
GLU O    O N N 51  
GLU CB   C N N 52  
GLU CG   C N N 53  
GLU CD   C N N 54  
GLU OE1  O N N 55  
GLU OE2  O N N 56  
GLU OXT  O N N 57  
GLU H    H N N 58  
GLU H2   H N N 59  
GLU HA   H N N 60  
GLU HB2  H N N 61  
GLU HB3  H N N 62  
GLU HG2  H N N 63  
GLU HG3  H N N 64  
GLU HE2  H N N 65  
GLU HXT  H N N 66  
GLY N    N N N 67  
GLY CA   C N N 68  
GLY C    C N N 69  
GLY O    O N N 70  
GLY OXT  O N N 71  
GLY H    H N N 72  
GLY H2   H N N 73  
GLY HA2  H N N 74  
GLY HA3  H N N 75  
GLY HXT  H N N 76  
HOH O    O N N 77  
HOH H1   H N N 78  
HOH H2   H N N 79  
HYP N    N N N 80  
HYP CA   C N S 81  
HYP C    C N N 82  
HYP O    O N N 83  
HYP CB   C N N 84  
HYP CG   C N R 85  
HYP CD   C N N 86  
HYP OD1  O N N 87  
HYP OXT  O N N 88  
HYP H    H N N 89  
HYP HA   H N N 90  
HYP HB2  H N N 91  
HYP HB3  H N N 92  
HYP HG   H N N 93  
HYP HD22 H N N 94  
HYP HD23 H N N 95  
HYP HD1  H N N 96  
HYP HXT  H N N 97  
LEU N    N N N 98  
LEU CA   C N S 99  
LEU C    C N N 100 
LEU O    O N N 101 
LEU CB   C N N 102 
LEU CG   C N N 103 
LEU CD1  C N N 104 
LEU CD2  C N N 105 
LEU OXT  O N N 106 
LEU H    H N N 107 
LEU H2   H N N 108 
LEU HA   H N N 109 
LEU HB2  H N N 110 
LEU HB3  H N N 111 
LEU HG   H N N 112 
LEU HD11 H N N 113 
LEU HD12 H N N 114 
LEU HD13 H N N 115 
LEU HD21 H N N 116 
LEU HD22 H N N 117 
LEU HD23 H N N 118 
LEU HXT  H N N 119 
PHE N    N N N 120 
PHE CA   C N S 121 
PHE C    C N N 122 
PHE O    O N N 123 
PHE CB   C N N 124 
PHE CG   C Y N 125 
PHE CD1  C Y N 126 
PHE CD2  C Y N 127 
PHE CE1  C Y N 128 
PHE CE2  C Y N 129 
PHE CZ   C Y N 130 
PHE OXT  O N N 131 
PHE H    H N N 132 
PHE H2   H N N 133 
PHE HA   H N N 134 
PHE HB2  H N N 135 
PHE HB3  H N N 136 
PHE HD1  H N N 137 
PHE HD2  H N N 138 
PHE HE1  H N N 139 
PHE HE2  H N N 140 
PHE HZ   H N N 141 
PHE HXT  H N N 142 
PRO N    N N N 143 
PRO CA   C N S 144 
PRO C    C N N 145 
PRO O    O N N 146 
PRO CB   C N N 147 
PRO CG   C N N 148 
PRO CD   C N N 149 
PRO OXT  O N N 150 
PRO H    H N N 151 
PRO HA   H N N 152 
PRO HB2  H N N 153 
PRO HB3  H N N 154 
PRO HG2  H N N 155 
PRO HG3  H N N 156 
PRO HD2  H N N 157 
PRO HD3  H N N 158 
PRO HXT  H N N 159 
SO4 S    S N N 160 
SO4 O1   O N N 161 
SO4 O2   O N N 162 
SO4 O3   O N N 163 
SO4 O4   O N N 164 
# 
loop_
_chem_comp_bond.comp_id 
_chem_comp_bond.atom_id_1 
_chem_comp_bond.atom_id_2 
_chem_comp_bond.value_order 
_chem_comp_bond.pdbx_aromatic_flag 
_chem_comp_bond.pdbx_stereo_config 
_chem_comp_bond.pdbx_ordinal 
ARG N   CA   sing N N 1   
ARG N   H    sing N N 2   
ARG N   H2   sing N N 3   
ARG CA  C    sing N N 4   
ARG CA  CB   sing N N 5   
ARG CA  HA   sing N N 6   
ARG C   O    doub N N 7   
ARG C   OXT  sing N N 8   
ARG CB  CG   sing N N 9   
ARG CB  HB2  sing N N 10  
ARG CB  HB3  sing N N 11  
ARG CG  CD   sing N N 12  
ARG CG  HG2  sing N N 13  
ARG CG  HG3  sing N N 14  
ARG CD  NE   sing N N 15  
ARG CD  HD2  sing N N 16  
ARG CD  HD3  sing N N 17  
ARG NE  CZ   sing N N 18  
ARG NE  HE   sing N N 19  
ARG CZ  NH1  sing N N 20  
ARG CZ  NH2  doub N N 21  
ARG NH1 HH11 sing N N 22  
ARG NH1 HH12 sing N N 23  
ARG NH2 HH21 sing N N 24  
ARG NH2 HH22 sing N N 25  
ARG OXT HXT  sing N N 26  
GLN N   CA   sing N N 27  
GLN N   H    sing N N 28  
GLN N   H2   sing N N 29  
GLN CA  C    sing N N 30  
GLN CA  CB   sing N N 31  
GLN CA  HA   sing N N 32  
GLN C   O    doub N N 33  
GLN C   OXT  sing N N 34  
GLN CB  CG   sing N N 35  
GLN CB  HB2  sing N N 36  
GLN CB  HB3  sing N N 37  
GLN CG  CD   sing N N 38  
GLN CG  HG2  sing N N 39  
GLN CG  HG3  sing N N 40  
GLN CD  OE1  doub N N 41  
GLN CD  NE2  sing N N 42  
GLN NE2 HE21 sing N N 43  
GLN NE2 HE22 sing N N 44  
GLN OXT HXT  sing N N 45  
GLU N   CA   sing N N 46  
GLU N   H    sing N N 47  
GLU N   H2   sing N N 48  
GLU CA  C    sing N N 49  
GLU CA  CB   sing N N 50  
GLU CA  HA   sing N N 51  
GLU C   O    doub N N 52  
GLU C   OXT  sing N N 53  
GLU CB  CG   sing N N 54  
GLU CB  HB2  sing N N 55  
GLU CB  HB3  sing N N 56  
GLU CG  CD   sing N N 57  
GLU CG  HG2  sing N N 58  
GLU CG  HG3  sing N N 59  
GLU CD  OE1  doub N N 60  
GLU CD  OE2  sing N N 61  
GLU OE2 HE2  sing N N 62  
GLU OXT HXT  sing N N 63  
GLY N   CA   sing N N 64  
GLY N   H    sing N N 65  
GLY N   H2   sing N N 66  
GLY CA  C    sing N N 67  
GLY CA  HA2  sing N N 68  
GLY CA  HA3  sing N N 69  
GLY C   O    doub N N 70  
GLY C   OXT  sing N N 71  
GLY OXT HXT  sing N N 72  
HOH O   H1   sing N N 73  
HOH O   H2   sing N N 74  
HYP N   CA   sing N N 75  
HYP N   CD   sing N N 76  
HYP N   H    sing N N 77  
HYP CA  C    sing N N 78  
HYP CA  CB   sing N N 79  
HYP CA  HA   sing N N 80  
HYP C   O    doub N N 81  
HYP C   OXT  sing N N 82  
HYP CB  CG   sing N N 83  
HYP CB  HB2  sing N N 84  
HYP CB  HB3  sing N N 85  
HYP CG  CD   sing N N 86  
HYP CG  OD1  sing N N 87  
HYP CG  HG   sing N N 88  
HYP CD  HD22 sing N N 89  
HYP CD  HD23 sing N N 90  
HYP OD1 HD1  sing N N 91  
HYP OXT HXT  sing N N 92  
LEU N   CA   sing N N 93  
LEU N   H    sing N N 94  
LEU N   H2   sing N N 95  
LEU CA  C    sing N N 96  
LEU CA  CB   sing N N 97  
LEU CA  HA   sing N N 98  
LEU C   O    doub N N 99  
LEU C   OXT  sing N N 100 
LEU CB  CG   sing N N 101 
LEU CB  HB2  sing N N 102 
LEU CB  HB3  sing N N 103 
LEU CG  CD1  sing N N 104 
LEU CG  CD2  sing N N 105 
LEU CG  HG   sing N N 106 
LEU CD1 HD11 sing N N 107 
LEU CD1 HD12 sing N N 108 
LEU CD1 HD13 sing N N 109 
LEU CD2 HD21 sing N N 110 
LEU CD2 HD22 sing N N 111 
LEU CD2 HD23 sing N N 112 
LEU OXT HXT  sing N N 113 
PHE N   CA   sing N N 114 
PHE N   H    sing N N 115 
PHE N   H2   sing N N 116 
PHE CA  C    sing N N 117 
PHE CA  CB   sing N N 118 
PHE CA  HA   sing N N 119 
PHE C   O    doub N N 120 
PHE C   OXT  sing N N 121 
PHE CB  CG   sing N N 122 
PHE CB  HB2  sing N N 123 
PHE CB  HB3  sing N N 124 
PHE CG  CD1  doub Y N 125 
PHE CG  CD2  sing Y N 126 
PHE CD1 CE1  sing Y N 127 
PHE CD1 HD1  sing N N 128 
PHE CD2 CE2  doub Y N 129 
PHE CD2 HD2  sing N N 130 
PHE CE1 CZ   doub Y N 131 
PHE CE1 HE1  sing N N 132 
PHE CE2 CZ   sing Y N 133 
PHE CE2 HE2  sing N N 134 
PHE CZ  HZ   sing N N 135 
PHE OXT HXT  sing N N 136 
PRO N   CA   sing N N 137 
PRO N   CD   sing N N 138 
PRO N   H    sing N N 139 
PRO CA  C    sing N N 140 
PRO CA  CB   sing N N 141 
PRO CA  HA   sing N N 142 
PRO C   O    doub N N 143 
PRO C   OXT  sing N N 144 
PRO CB  CG   sing N N 145 
PRO CB  HB2  sing N N 146 
PRO CB  HB3  sing N N 147 
PRO CG  CD   sing N N 148 
PRO CG  HG2  sing N N 149 
PRO CG  HG3  sing N N 150 
PRO CD  HD2  sing N N 151 
PRO CD  HD3  sing N N 152 
PRO OXT HXT  sing N N 153 
SO4 S   O1   doub N N 154 
SO4 S   O2   doub N N 155 
SO4 S   O3   sing N N 156 
SO4 S   O4   sing N N 157 
# 
_pdbx_audit_support.funding_organization   'Jiangsu Trautec Medical Technology Co.,Ltd' 
_pdbx_audit_support.country                China 
_pdbx_audit_support.grant_number           CQ20230004/CE20235002/CQ20230005 
_pdbx_audit_support.ordinal                1 
# 
loop_
_pdbx_entity_instance_feature.ordinal 
_pdbx_entity_instance_feature.comp_id 
_pdbx_entity_instance_feature.asym_id 
_pdbx_entity_instance_feature.seq_num 
_pdbx_entity_instance_feature.auth_comp_id 
_pdbx_entity_instance_feature.auth_asym_id 
_pdbx_entity_instance_feature.auth_seq_num 
_pdbx_entity_instance_feature.feature_type 
_pdbx_entity_instance_feature.details 
1 HYP ? ? HYP ? ? 'SUBJECT OF INVESTIGATION' ? 
2 SO4 ? ? SO4 ? ? 'SUBJECT OF INVESTIGATION' ? 
# 
_pdbx_initial_refinement_model.id               1 
_pdbx_initial_refinement_model.entity_id_list   ? 
_pdbx_initial_refinement_model.type             'experimental model' 
_pdbx_initial_refinement_model.source_name      PDB 
_pdbx_initial_refinement_model.accession_code   1K6F 
_pdbx_initial_refinement_model.details          ? 
# 
_atom_sites.entry_id                    9J1R 
_atom_sites.Cartn_transf_matrix[1][1]   ? 
_atom_sites.Cartn_transf_matrix[1][2]   ? 
_atom_sites.Cartn_transf_matrix[1][3]   ? 
_atom_sites.Cartn_transf_matrix[2][1]   ? 
_atom_sites.Cartn_transf_matrix[2][2]   ? 
_atom_sites.Cartn_transf_matrix[2][3]   ? 
_atom_sites.Cartn_transf_matrix[3][1]   ? 
_atom_sites.Cartn_transf_matrix[3][2]   ? 
_atom_sites.Cartn_transf_matrix[3][3]   ? 
_atom_sites.Cartn_transf_vector[1]      ? 
_atom_sites.Cartn_transf_vector[2]      ? 
_atom_sites.Cartn_transf_vector[3]      ? 
_atom_sites.Cartn_transform_axes        ? 
_atom_sites.fract_transf_matrix[1][1]   -0.01258988 
_atom_sites.fract_transf_matrix[1][2]   0.01648121 
_atom_sites.fract_transf_matrix[1][3]   -0.00657054 
_atom_sites.fract_transf_matrix[2][1]   0.01012456 
_atom_sites.fract_transf_matrix[2][2]   0.03233681 
_atom_sites.fract_transf_matrix[2][3]   0.06171229 
_atom_sites.fract_transf_matrix[3][1]   0.01318084 
_atom_sites.fract_transf_matrix[3][2]   0.01400280 
_atom_sites.fract_transf_matrix[3][3]   -0.00949983 
_atom_sites.fract_transf_vector[1]      0.471093 
_atom_sites.fract_transf_vector[2]      -0.003854 
_atom_sites.fract_transf_vector[3]      0.115395 
_atom_sites.solution_primary            ? 
_atom_sites.solution_secondary          ? 
_atom_sites.solution_hydrogens          ? 
_atom_sites.special_details             ? 
# 
loop_
_atom_type.symbol 
_atom_type.pdbx_scat_Z 
_atom_type.pdbx_N_electrons 
_atom_type.scat_Cromer_Mann_a1 
_atom_type.scat_Cromer_Mann_b1 
_atom_type.scat_Cromer_Mann_a2 
_atom_type.scat_Cromer_Mann_b2 
_atom_type.scat_Cromer_Mann_a3 
_atom_type.scat_Cromer_Mann_b3 
_atom_type.scat_Cromer_Mann_a4 
_atom_type.scat_Cromer_Mann_b4 
C 6 6 2.3103  20.8439 1.0201 10.2075 1.5888 0.5687  0.8651 51.6512 
H 1 1 0.4930  10.5109 0.3229 26.1257 0.1402 3.1424  0.0408 57.7997 
N 7 7 12.2220 0.0057  3.1346 9.8933  2.0141 28.9975 1.1672 0.5826  
O 8 8 3.0487  13.2771 2.2870 5.7011  1.5464 0.3239  0.8671 32.9089 
S ? ? ?       ?       ?      ?       ?      ?       ?      ?       
# 
loop_
_atom_site.group_PDB 
_atom_site.id 
_atom_site.type_symbol 
_atom_site.label_atom_id 
_atom_site.label_alt_id 
_atom_site.label_comp_id 
_atom_site.label_asym_id 
_atom_site.label_entity_id 
_atom_site.label_seq_id 
_atom_site.pdbx_PDB_ins_code 
_atom_site.Cartn_x 
_atom_site.Cartn_y 
_atom_site.Cartn_z 
_atom_site.occupancy 
_atom_site.B_iso_or_equiv 
_atom_site.pdbx_formal_charge 
_atom_site.auth_seq_id 
_atom_site.auth_comp_id 
_atom_site.auth_asym_id 
_atom_site.auth_atom_id 
_atom_site.pdbx_PDB_model_num 
_atom_site.calc_flag 
ATOM   1   N N   . GLY A 1 3  ? -14.997 32.526  -13.576 1.000 32.255 0 3   GLY A N   1 ? 
ATOM   2   C CA  . GLY A 1 3  ? -15.434 31.181  -13.986 1.000 30.338 0 3   GLY A CA  1 ? 
ATOM   3   C C   . GLY A 1 3  ? -15.712 30.259  -12.792 1.000 28.132 0 3   GLY A C   1 ? 
ATOM   4   O O   . GLY A 1 3  ? -15.362 30.516  -11.640 1.000 28.431 0 3   GLY A O   1 ? 
ATOM   5   N N   . PRO A 1 4  ? -16.307 29.094  -13.039 1.000 27.155 0 4   PRO A N   1 ? 
ATOM   6   C CA  . PRO A 1 4  ? -16.533 28.166  -11.944 1.000 27.425 0 4   PRO A CA  1 ? 
ATOM   7   C C   . PRO A 1 4  ? -15.246 27.493  -11.491 1.000 25.633 0 4   PRO A C   1 ? 
ATOM   8   O O   . PRO A 1 4  ? -14.248 27.500  -12.213 1.000 22.690 0 4   PRO A O   1 ? 
ATOM   9   C CB  . PRO A 1 4  ? -17.485 27.164  -12.544 1.000 30.487 0 4   PRO A CB  1 ? 
ATOM   10  C CG  . PRO A 1 4  ? -17.126 27.185  -14.012 1.000 28.916 0 4   PRO A CG  1 ? 
ATOM   11  C CD  . PRO A 1 4  ? -16.757 28.598  -14.342 1.000 29.215 0 4   PRO A CD  1 ? 
HETATM 12  N N   . HYP A 1 5  ? -15.179 26.951  -10.266 1.000 25.764 0 5   HYP A N   1 ? 
HETATM 13  C CA  . HYP A 1 5  ? -13.984 26.244  -9.836  1.000 23.015 0 5   HYP A CA  1 ? 
HETATM 14  C C   . HYP A 1 5  ? -13.671 25.115  -10.806 1.000 22.701 0 5   HYP A C   1 ? 
HETATM 15  O O   . HYP A 1 5  ? -14.573 24.585  -11.443 1.000 23.875 0 5   HYP A O   1 ? 
HETATM 16  C CB  . HYP A 1 5  ? -14.347 25.724  -8.439  1.000 27.363 0 5   HYP A CB  1 ? 
HETATM 17  C CG  . HYP A 1 5  ? -15.520 26.593  -8.034  1.000 28.111 0 5   HYP A CG  1 ? 
HETATM 18  C CD  . HYP A 1 5  ? -16.291 26.794  -9.309  1.000 29.007 0 5   HYP A CD  1 ? 
HETATM 19  O OD1 . HYP A 1 5  ? -15.013 27.832  -7.606  1.000 32.735 0 5   HYP A OD1 1 ? 
ATOM   20  N N   . GLY A 1 6  ? -12.375 24.793  -10.932 1.000 20.876 0 6   GLY A N   1 ? 
ATOM   21  C CA  . GLY A 1 6  ? -11.923 23.735  -11.784 1.000 21.250 0 6   GLY A CA  1 ? 
ATOM   22  C C   . GLY A 1 6  ? -12.356 22.357  -11.290 1.000 22.877 0 6   GLY A C   1 ? 
ATOM   23  O O   . GLY A 1 6  ? -12.914 22.195  -10.208 1.000 22.556 0 6   GLY A O   1 ? 
ATOM   24  N N   . PRO A 1 7  ? -12.014 21.320  -12.070 1.000 24.906 0 7   PRO A N   1 ? 
ATOM   25  C CA  . PRO A 1 7  ? -12.385 19.965  -11.725 1.000 27.450 0 7   PRO A CA  1 ? 
ATOM   26  C C   . PRO A 1 7  ? -11.564 19.435  -10.561 1.000 24.572 0 7   PRO A C   1 ? 
ATOM   27  O O   . PRO A 1 7  ? -10.490 19.942  -10.239 1.000 20.905 0 7   PRO A O   1 ? 
ATOM   28  C CB  . PRO A 1 7  ? -12.118 19.166  -12.982 1.000 30.569 0 7   PRO A CB  1 ? 
ATOM   29  C CG  . PRO A 1 7  ? -11.235 20.020  -13.846 1.000 31.241 0 7   PRO A CG  1 ? 
ATOM   30  C CD  . PRO A 1 7  ? -11.272 21.420  -13.332 1.000 28.709 0 7   PRO A CD  1 ? 
HETATM 31  N N   . HYP A 1 8  ? -12.041 18.372  -9.911  1.000 23.177 0 8   HYP A N   1 ? 
HETATM 32  C CA  . HYP A 1 8  ? -11.297 17.788  -8.819  1.000 23.491 0 8   HYP A CA  1 ? 
HETATM 33  C C   . HYP A 1 8  ? -9.938  17.302  -9.295  1.000 22.350 0 8   HYP A C   1 ? 
HETATM 34  O O   . HYP A 1 8  ? -9.777  16.893  -10.450 1.000 22.953 0 8   HYP A O   1 ? 
HETATM 35  C CB  . HYP A 1 8  ? -12.184 16.620  -8.410  1.000 25.752 0 8   HYP A CB  1 ? 
HETATM 36  C CG  . HYP A 1 8  ? -13.578 17.023  -8.839  1.000 27.641 0 8   HYP A CG  1 ? 
HETATM 37  C CD  . HYP A 1 8  ? -13.307 17.666  -10.164 1.000 26.861 0 8   HYP A CD  1 ? 
HETATM 38  O OD1 . HYP A 1 8  ? -14.106 17.908  -7.890  1.000 31.468 0 8   HYP A OD1 1 ? 
ATOM   39  N N   . GLY A 1 9  ? -9.002  17.303  -8.360  1.000 22.322 0 9   GLY A N   1 ? 
ATOM   40  C CA  . GLY A 1 9  ? -7.677  16.760  -8.620  1.000 22.341 0 9   GLY A CA  1 ? 
ATOM   41  C C   . GLY A 1 9  ? -7.717  15.283  -8.984  1.000 22.707 0 9   GLY A C   1 ? 
ATOM   42  O O   . GLY A 1 9  ? -8.704  14.602  -8.689  1.000 22.220 0 9   GLY A O   1 ? 
ATOM   43  N N   . LEU A 1 10 ? -6.611  14.780  -9.540  1.000 21.573 0 10  LEU A N   1 ? 
ATOM   44  C CA  . LEU A 1 10 ? -6.445  13.370  -9.832  1.000 24.534 0 10  LEU A CA  1 ? 
ATOM   45  C C   . LEU A 1 10 ? -6.445  12.568  -8.538  1.000 24.220 0 10  LEU A C   1 ? 
ATOM   46  O O   . LEU A 1 10 ? -6.013  13.041  -7.482  1.000 21.082 0 10  LEU A O   1 ? 
ATOM   47  C CB  . LEU A 1 10 ? -5.134  13.126  -10.569 1.000 26.114 0 10  LEU A CB  1 ? 
ATOM   48  C CG  . LEU A 1 10 ? -5.093  13.676  -11.990 1.000 29.029 0 10  LEU A CG  1 ? 
ATOM   49  C CD1 . LEU A 1 10 ? -3.698  13.513  -12.585 1.000 32.156 0 10  LEU A CD1 1 ? 
ATOM   50  C CD2 . LEU A 1 10 ? -6.156  13.041  -12.861 1.000 33.583 0 10  LEU A CD2 1 ? 
ATOM   51  N N   . PRO A 1 11 ? -6.888  11.296  -8.596  1.000 26.753 0 11  PRO A N   1 ? 
ATOM   52  C CA  . PRO A 1 11 ? -6.755  10.424  -7.449  1.000 27.085 0 11  PRO A CA  1 ? 
ATOM   53  C C   . PRO A 1 11 ? -5.294  10.276  -7.049  1.000 24.421 0 11  PRO A C   1 ? 
ATOM   54  O O   . PRO A 1 11 ? -4.368  10.315  -7.876  1.000 24.815 0 11  PRO A O   1 ? 
ATOM   55  C CB  . PRO A 1 11 ? -7.353  9.116   -7.965  1.000 29.276 0 11  PRO A CB  1 ? 
ATOM   56  C CG  . PRO A 1 11 ? -6.991  9.165   -9.432  1.000 30.961 0 11  PRO A CG  1 ? 
ATOM   57  C CD  . PRO A 1 11 ? -7.326  10.568  -9.800  1.000 30.086 0 11  PRO A CD  1 ? 
ATOM   58  N N   . GLY A 1 12 ? -5.076  10.108  -5.758  1.000 25.227 0 12  GLY A N   1 ? 
ATOM   59  C CA  . GLY A 1 12 ? -3.756  9.850   -5.253  1.000 24.596 0 12  GLY A CA  1 ? 
ATOM   60  C C   . GLY A 1 12 ? -3.186  8.562   -5.843  1.000 22.860 0 12  GLY A C   1 ? 
ATOM   61  O O   . GLY A 1 12 ? -3.869  7.596   -6.198  1.000 22.006 0 12  GLY A O   1 ? 
ATOM   62  N N   . GLN A 1 13 ? -1.877  8.551   -5.957  1.000 21.051 0 13  GLN A N   1 ? 
ATOM   63  C CA  . GLN A 1 13 ? -1.171  7.340   -6.284  1.000 24.005 0 13  GLN A CA  1 ? 
ATOM   64  C C   . GLN A 1 13 ? -1.438  6.266   -5.235  1.000 21.912 0 13  GLN A C   1 ? 
ATOM   65  O O   . GLN A 1 13 ? -1.569  6.566   -4.065  1.000 20.618 0 13  GLN A O   1 ? 
ATOM   66  C CB  . GLN A 1 13 ? 0.301   7.717   -6.291  1.000 26.045 0 13  GLN A CB  1 ? 
ATOM   67  C CG  . GLN A 1 13 ? 1.245   6.645   -6.807  1.000 31.947 0 13  GLN A CG  1 ? 
ATOM   68  C CD  . GLN A 1 13 ? 2.627   7.217   -7.004  1.000 36.816 0 13  GLN A CD  1 ? 
ATOM   69  O OE1 . GLN A 1 13 ? 2.889   8.378   -6.656  1.000 45.615 0 13  GLN A OE1 1 ? 
ATOM   70  N NE2 . GLN A 1 13 ? 3.506   6.392   -7.560  1.000 40.200 0 13  GLN A NE2 1 ? 
ATOM   71  N N   . ARG A 1 14 ? -1.515  5.016   -5.686  1.000 21.488 0 14  ARG A N   1 ? 
ATOM   72  C CA  . ARG A 1 14 ? -1.611  3.893   -4.774  1.000 22.286 0 14  ARG A CA  1 ? 
ATOM   73  C C   . ARG A 1 14 ? -0.376  3.828   -3.899  1.000 19.899 0 14  ARG A C   1 ? 
ATOM   74  O O   . ARG A 1 14 ? 0.727   4.212   -4.307  1.000 20.790 0 14  ARG A O   1 ? 
ATOM   75  C CB  . ARG A 1 14 ? -1.754  2.553   -5.487  1.000 24.325 0 14  ARG A CB  1 ? 
ATOM   76  C CG  . ARG A 1 14 ? -3.039  2.500   -6.284  1.000 27.761 0 14  ARG A CG  1 ? 
ATOM   77  C CD  . ARG A 1 14 ? -3.155  1.115   -6.846  1.000 31.924 0 14  ARG A CD  1 ? 
ATOM   78  N NE  . ARG A 1 14 ? -2.444  0.998   -8.127  1.000 36.368 0 14  ARG A NE  1 ? 
ATOM   79  C CZ  . ARG A 1 14 ? -1.169  0.806   -8.463  1.000 42.848 0 14  ARG A CZ  1 ? 
ATOM   80  N NH1 . ARG A 1 14 ? -0.232  0.464   -7.595  1.000 48.924 0 14  ARG A NH1 1 ? 
ATOM   81  N NH2 . ARG A 1 14 ? -0.856  0.886   -9.744  1.000 45.309 0 14  ARG A NH2 1 ? 
ATOM   82  N N   . GLY A 1 15 ? -0.537  3.276   -2.706  1.000 19.299 0 15  GLY A N   1 ? 
ATOM   83  C CA  . GLY A 1 15 ? 0.560   3.060   -1.793  1.000 18.604 0 15  GLY A CA  1 ? 
ATOM   84  C C   . GLY A 1 15 ? 1.564   2.033   -2.293  1.000 18.655 0 15  GLY A C   1 ? 
ATOM   85  O O   . GLY A 1 15 ? 1.295   1.247   -3.202  1.000 19.127 0 15  GLY A O   1 ? 
ATOM   86  N N   . GLU A 1 16 ? 2.749   2.090   -1.675  1.000 20.087 0 16  GLU A N   1 ? 
ATOM   87  C CA  . GLU A 1 16 ? 3.759   1.080   -1.910  1.000 21.646 0 16  GLU A CA  1 ? 
ATOM   88  C C   . GLU A 1 16 ? 3.334   -0.289  -1.409  1.000 19.069 0 16  GLU A C   1 ? 
ATOM   89  O O   . GLU A 1 16 ? 2.502   -0.377  -0.507  1.000 18.767 0 16  GLU A O   1 ? 
ATOM   90  C CB  . GLU A 1 16 ? 5.052   1.492   -1.223  1.000 24.437 0 16  GLU A CB  1 ? 
ATOM   91  C CG  . GLU A 1 16 ? 5.648   2.762   -1.806  1.000 31.302 0 16  GLU A CG  1 ? 
ATOM   92  C CD  . GLU A 1 16 ? 7.124   2.722   -1.536  1.000 39.614 0 16  GLU A CD  1 ? 
ATOM   93  O OE1 . GLU A 1 16 ? 7.817   1.957   -2.239  1.000 48.435 0 16  GLU A OE1 1 ? 
ATOM   94  O OE2 . GLU A 1 16 ? 7.549   3.414   -0.588  1.000 51.510 0 16  GLU A OE2 1 ? 
ATOM   95  N N   . ARG A 1 17 ? 3.869   -1.353  -2.020  1.000 20.303 0 17  ARG A N   1 ? 
ATOM   96  C CA  A ARG A 1 17 ? 3.620   -2.707  -1.547  0.500 19.933 0 17  ARG A CA  1 ? 
ATOM   97  C CA  B ARG A 1 17 ? 3.658   -2.719  -1.562  0.500 21.151 0 17  ARG A CA  1 ? 
ATOM   98  C C   . ARG A 1 17 ? 4.134   -2.853  -0.118  1.000 18.527 0 17  ARG A C   1 ? 
ATOM   99  O O   . ARG A 1 17 ? 5.119   -2.242  0.323   1.000 20.095 0 17  ARG A O   1 ? 
ATOM   100 C CB  A ARG A 1 17 ? 4.219   -3.791  -2.453  0.500 21.758 0 17  ARG A CB  1 ? 
ATOM   101 C CB  B ARG A 1 17 ? 4.381   -3.693  -2.505  0.500 25.262 0 17  ARG A CB  1 ? 
ATOM   102 C CG  A ARG A 1 17 ? 3.527   -3.941  -3.801  0.500 22.170 0 17  ARG A CG  1 ? 
ATOM   103 C CG  B ARG A 1 17 ? 3.842   -3.672  -3.931  0.500 29.395 0 17  ARG A CG  1 ? 
ATOM   104 C CD  A ARG A 1 17 ? 4.096   -5.026  -4.722  0.500 22.022 0 17  ARG A CD  1 ? 
ATOM   105 C CD  B ARG A 1 17 ? 4.755   -4.151  -5.075  0.500 33.552 0 17  ARG A CD  1 ? 
ATOM   106 N NE  A ARG A 1 17 ? 5.223   -4.523  -5.512  0.500 24.346 0 17  ARG A NE  1 ? 
ATOM   107 N NE  B ARG A 1 17 ? 4.056   -3.898  -6.343  0.500 36.012 0 17  ARG A NE  1 ? 
ATOM   108 C CZ  A ARG A 1 17 ? 6.454   -4.734  -5.175  0.500 25.591 0 17  ARG A CZ  1 ? 
ATOM   109 C CZ  B ARG A 1 17 ? 4.453   -3.132  -7.354  0.500 39.229 0 17  ARG A CZ  1 ? 
ATOM   110 N NH1 A ARG A 1 17 ? 7.391   -4.169  -5.890  0.500 25.439 0 17  ARG A NH1 1 ? 
ATOM   111 N NH1 B ARG A 1 17 ? 3.554   -2.623  -8.176  0.500 41.461 0 17  ARG A NH1 1 ? 
ATOM   112 N NH2 A ARG A 1 17 ? 6.743   -5.468  -4.120  0.500 27.967 0 17  ARG A NH2 1 ? 
ATOM   113 N NH2 B ARG A 1 17 ? 5.709   -2.785  -7.495  0.500 40.501 0 17  ARG A NH2 1 ? 
ATOM   114 N N   . GLY A 1 18 ? 3.440   -3.679  0.650   1.000 17.411 0 18  GLY A N   1 ? 
ATOM   115 C CA  . GLY A 1 18 ? 3.858   -3.933  2.003   1.000 17.456 0 18  GLY A CA  1 ? 
ATOM   116 C C   . GLY A 1 18 ? 5.199   -4.642  2.044   1.000 17.907 0 18  GLY A C   1 ? 
ATOM   117 O O   . GLY A 1 18 ? 5.629   -5.255  1.067   1.000 18.197 0 18  GLY A O   1 ? 
ATOM   118 N N   . PHE A 1 19 ? 5.788   -4.612  3.230   1.000 17.272 0 19  PHE A N   1 ? 
ATOM   119 C CA  . PHE A 1 19 ? 7.015   -5.351  3.468   1.000 18.878 0 19  PHE A CA  1 ? 
ATOM   120 C C   . PHE A 1 19 ? 6.773   -6.836  3.458   1.000 17.740 0 19  PHE A C   1 ? 
ATOM   121 O O   . PHE A 1 19 ? 5.657   -7.281  3.831   1.000 18.306 0 19  PHE A O   1 ? 
ATOM   122 C CB  . PHE A 1 19 ? 7.656   -4.922  4.779   1.000 22.199 0 19  PHE A CB  1 ? 
ATOM   123 C CG  . PHE A 1 19 ? 8.001   -3.446  4.782   1.000 23.708 0 19  PHE A CG  1 ? 
ATOM   124 C CD1 . PHE A 1 19 ? 8.950   -2.945  3.888   1.000 24.321 0 19  PHE A CD1 1 ? 
ATOM   125 C CD2 . PHE A 1 19 ? 7.489   -2.607  5.752   1.000 26.362 0 19  PHE A CD2 1 ? 
ATOM   126 C CE1 . PHE A 1 19 ? 9.283   -1.604  3.927   1.000 25.603 0 19  PHE A CE1 1 ? 
ATOM   127 C CE2 . PHE A 1 19 ? 7.819   -1.273  5.768   1.000 28.260 0 19  PHE A CE2 1 ? 
ATOM   128 C CZ  . PHE A 1 19 ? 8.704   -0.772  4.847   1.000 25.818 0 19  PHE A CZ  1 ? 
ATOM   129 N N   . PRO A 1 20 ? 7.799   -7.674  3.253   1.000 18.775 0 20  PRO A N   1 ? 
ATOM   130 C CA  . PRO A 1 20 ? 7.608   -9.120  3.334   1.000 21.025 0 20  PRO A CA  1 ? 
ATOM   131 C C   . PRO A 1 20 ? 7.298   -9.546  4.759   1.000 22.685 0 20  PRO A C   1 ? 
ATOM   132 O O   . PRO A 1 20 ? 7.680   -8.866  5.710   1.000 24.094 0 20  PRO A O   1 ? 
ATOM   133 C CB  . PRO A 1 20 ? 8.875   -9.756  2.784   1.000 25.897 0 20  PRO A CB  1 ? 
ATOM   134 C CG  . PRO A 1 20 ? 9.604   -8.612  2.186   1.000 24.687 0 20  PRO A CG  1 ? 
ATOM   135 C CD  . PRO A 1 20 ? 9.133   -7.313  2.775   1.000 19.727 0 20  PRO A CD  1 ? 
ATOM   136 N N   . GLY A 1 21 ? 6.552   -10.657 4.879   1.000 22.113 0 21  GLY A N   1 ? 
ATOM   137 C CA  . GLY A 1 21 ? 6.059   -11.048 6.183   1.000 25.441 0 21  GLY A CA  1 ? 
ATOM   138 C C   . GLY A 1 21 ? 7.175   -11.585 7.070   1.000 26.294 0 21  GLY A C   1 ? 
ATOM   139 O O   . GLY A 1 21 ? 8.274   -11.843 6.597   1.000 30.376 0 21  GLY A O   1 ? 
ATOM   140 N N   . PRO A 1 22 ? 6.903   -11.762 8.382   1.000 27.515 0 22  PRO A N   1 ? 
ATOM   141 C CA  . PRO A 1 22 ? 7.887   -12.341 9.282   1.000 30.080 0 22  PRO A CA  1 ? 
ATOM   142 C C   . PRO A 1 22 ? 8.147   -13.822 9.016   1.000 29.636 0 22  PRO A C   1 ? 
ATOM   143 O O   . PRO A 1 22 ? 7.361   -14.507 8.362   1.000 26.424 0 22  PRO A O   1 ? 
ATOM   144 C CB  . PRO A 1 22 ? 7.276   -12.118 10.664  1.000 33.633 0 22  PRO A CB  1 ? 
ATOM   145 C CG  . PRO A 1 22 ? 5.792   -12.008 10.398  1.000 33.356 0 22  PRO A CG  1 ? 
ATOM   146 C CD  . PRO A 1 22 ? 5.619   -11.440 9.038   1.000 31.281 0 22  PRO A CD  1 ? 
HETATM 147 N N   . HYP A 1 23 ? 9.274   -14.384 9.496   1.000 34.276 0 23  HYP A N   1 ? 
HETATM 148 C CA  . HYP A 1 23 ? 9.491   -15.827 9.406   1.000 34.038 0 23  HYP A CA  1 ? 
HETATM 149 C C   . HYP A 1 23 ? 8.406   -16.692 10.028  1.000 32.950 0 23  HYP A C   1 ? 
HETATM 150 O O   . HYP A 1 23 ? 7.724   -16.303 10.986  1.000 32.994 0 23  HYP A O   1 ? 
HETATM 151 C CB  . HYP A 1 23 ? 10.814  -16.027 10.132  1.000 37.638 0 23  HYP A CB  1 ? 
HETATM 152 C CG  . HYP A 1 23 ? 11.522  -14.697 9.953   1.000 38.974 0 23  HYP A CG  1 ? 
HETATM 153 C CD  . HYP A 1 23 ? 10.405  -13.681 10.120  1.000 38.369 0 23  HYP A CD  1 ? 
HETATM 154 O OD1 . HYP A 1 23 ? 12.002  -14.688 8.620   1.000 40.500 0 23  HYP A OD1 1 ? 
ATOM   155 N N   . GLY A 1 24 ? 8.288   -17.899 9.479   1.000 28.934 0 24  GLY A N   1 ? 
ATOM   156 C CA  . GLY A 1 24 ? 7.432   -18.894 10.108  1.000 29.407 0 24  GLY A CA  1 ? 
ATOM   157 C C   . GLY A 1 24 ? 8.052   -19.342 11.429  1.000 30.779 0 24  GLY A C   1 ? 
ATOM   158 O O   . GLY A 1 24 ? 9.186   -19.006 11.716  1.000 32.301 0 24  GLY A O   1 ? 
ATOM   159 N N   . PRO A 1 25 ? 7.321   -20.078 12.289  1.000 35.391 0 25  PRO A N   1 ? 
ATOM   160 C CA  . PRO A 1 25 ? 7.914   -20.650 13.493  1.000 36.686 0 25  PRO A CA  1 ? 
ATOM   161 C C   . PRO A 1 25 ? 8.942   -21.740 13.179  1.000 38.540 0 25  PRO A C   1 ? 
ATOM   162 O O   . PRO A 1 25 ? 9.021   -22.235 12.047  1.000 34.536 0 25  PRO A O   1 ? 
ATOM   163 C CB  . PRO A 1 25 ? 6.714   -21.157 14.283  1.000 40.341 0 25  PRO A CB  1 ? 
ATOM   164 C CG  . PRO A 1 25 ? 5.737   -21.485 13.165  1.000 37.103 0 25  PRO A CG  1 ? 
ATOM   165 C CD  . PRO A 1 25 ? 5.907   -20.405 12.123  1.000 36.627 0 25  PRO A CD  1 ? 
HETATM 166 N N   . HYP A 1 26 ? 9.815   -22.091 14.151  1.000 40.543 0 26  HYP A N   1 ? 
HETATM 167 C CA  . HYP A 1 26 ? 10.600  -23.309 14.037  1.000 37.939 0 26  HYP A CA  1 ? 
HETATM 168 C C   . HYP A 1 26 ? 9.778   -24.509 13.601  1.000 31.244 0 26  HYP A C   1 ? 
HETATM 169 O O   . HYP A 1 26 ? 8.589   -24.659 13.921  1.000 29.634 0 26  HYP A O   1 ? 
HETATM 170 C CB  . HYP A 1 26 ? 11.174  -23.523 15.433  1.000 40.017 0 26  HYP A CB  1 ? 
HETATM 171 C CG  . HYP A 1 26 ? 11.238  -22.129 16.028  1.000 45.309 0 26  HYP A CG  1 ? 
HETATM 172 C CD  . HYP A 1 26 ? 10.119  -21.328 15.373  1.000 44.388 0 26  HYP A CD  1 ? 
HETATM 173 O OD1 . HYP A 1 26 ? 12.514  -21.605 15.668  1.000 48.997 0 26  HYP A OD1 1 ? 
ATOM   174 N N   . GLY A 1 27 ? 10.453  -25.382 12.869  1.000 25.931 0 27  GLY A N   1 ? 
ATOM   175 C CA  . GLY A 1 27 ? 9.900   -26.680 12.538  1.000 24.725 0 27  GLY A CA  1 ? 
ATOM   176 C C   . GLY A 1 27 ? 9.647   -27.534 13.786  1.000 24.596 0 27  GLY A C   1 ? 
ATOM   177 O O   . GLY A 1 27 ? 10.101  -27.277 14.897  1.000 26.562 0 27  GLY A O   1 ? 
ATOM   178 N N   . PRO A 1 28 ? 8.911   -28.636 13.616  1.000 27.881 0 28  PRO A N   1 ? 
ATOM   179 C CA  . PRO A 1 28 ? 8.687   -29.534 14.733  1.000 29.240 0 28  PRO A CA  1 ? 
ATOM   180 C C   . PRO A 1 28 ? 9.967   -30.251 15.133  1.000 31.406 0 28  PRO A C   1 ? 
ATOM   181 O O   . PRO A 1 28 ? 10.900  -30.325 14.334  1.000 26.617 0 28  PRO A O   1 ? 
ATOM   182 C CB  . PRO A 1 28 ? 7.641   -30.480 14.219  1.000 32.439 0 28  PRO A CB  1 ? 
ATOM   183 C CG  . PRO A 1 28 ? 7.655   -30.383 12.716  1.000 30.766 0 28  PRO A CG  1 ? 
ATOM   184 C CD  . PRO A 1 28 ? 8.353   -29.095 12.337  1.000 28.130 0 28  PRO A CD  1 ? 
HETATM 185 N N   . HYP A 1 29 ? 10.063  -30.774 16.372  1.000 35.075 0 29  HYP A N   1 ? 
HETATM 186 C CA  . HYP A 1 29 ? 11.268  -31.449 16.831  1.000 34.758 0 29  HYP A CA  1 ? 
HETATM 187 C C   . HYP A 1 29 ? 11.499  -32.732 16.055  1.000 36.791 0 29  HYP A C   1 ? 
HETATM 188 O O   . HYP A 1 29 ? 10.541  -33.346 15.586  1.000 38.637 0 29  HYP A O   1 ? 
HETATM 189 C CB  . HYP A 1 29 ? 10.965  -31.727 18.319  1.000 38.665 0 29  HYP A CB  1 ? 
HETATM 190 C CG  . HYP A 1 29 ? 9.827   -30.777 18.664  1.000 38.455 0 29  HYP A CG  1 ? 
HETATM 191 C CD  . HYP A 1 29 ? 9.008   -30.799 17.398  1.000 34.923 0 29  HYP A CD  1 ? 
HETATM 192 O OD1 . HYP A 1 29 ? 10.293  -29.441 18.889  1.000 46.355 0 29  HYP A OD1 1 ? 
ATOM   193 N N   . GLY A 1 30 ? 12.771  -33.118 15.925  1.000 38.467 0 30  GLY A N   1 ? 
ATOM   194 C CA  . GLY A 1 30 ? 13.123  -34.403 15.352  1.000 41.089 0 30  GLY A CA  1 ? 
ATOM   195 C C   . GLY A 1 30 ? 13.042  -35.508 16.386  1.000 45.433 0 30  GLY A C   1 ? 
ATOM   196 O O   . GLY A 1 30 ? 12.318  -36.482 16.095  1.000 52.580 0 30  GLY A O   1 ? 
ATOM   197 N N   . GLY B 1 3  ? -16.852 32.886  -17.445 1.000 45.237 0 3   GLY B N   1 ? 
ATOM   198 C CA  . GLY B 1 3  ? -15.408 32.571  -17.391 1.000 40.999 0 3   GLY B CA  1 ? 
ATOM   199 C C   . GLY B 1 3  ? -15.150 31.078  -17.594 1.000 36.807 0 3   GLY B C   1 ? 
ATOM   200 O O   . GLY B 1 3  ? -16.009 30.261  -17.271 1.000 35.654 0 3   GLY B O   1 ? 
ATOM   201 N N   . PRO B 1 4  ? -13.980 30.642  -18.123 1.000 32.654 0 4   PRO B N   1 ? 
ATOM   202 C CA  . PRO B 1 4  ? -13.711 29.216  -18.239 1.000 32.912 0 4   PRO B CA  1 ? 
ATOM   203 C C   . PRO B 1 4  ? -13.540 28.588  -16.873 1.000 30.159 0 4   PRO B C   1 ? 
ATOM   204 O O   . PRO B 1 4  ? -13.268 29.317  -15.926 1.000 31.391 0 4   PRO B O   1 ? 
ATOM   205 C CB  . PRO B 1 4  ? -12.389 29.113  -18.977 1.000 33.894 0 4   PRO B CB  1 ? 
ATOM   206 C CG  . PRO B 1 4  ? -12.256 30.481  -19.601 1.000 33.655 0 4   PRO B CG  1 ? 
ATOM   207 C CD  . PRO B 1 4  ? -12.867 31.445  -18.640 1.000 34.795 0 4   PRO B CD  1 ? 
HETATM 208 N N   . HYP B 1 5  ? -13.698 27.248  -16.736 1.000 32.458 0 5   HYP B N   1 ? 
HETATM 209 C CA  . HYP B 1 5  ? -13.399 26.589  -15.483 1.000 31.368 0 5   HYP B CA  1 ? 
HETATM 210 C C   . HYP B 1 5  ? -11.965 26.858  -15.047 1.000 26.486 0 5   HYP B C   1 ? 
HETATM 211 O O   . HYP B 1 5  ? -11.096 27.095  -15.884 1.000 28.597 0 5   HYP B O   1 ? 
HETATM 212 C CB  . HYP B 1 5  ? -13.639 25.114  -15.804 1.000 34.099 0 5   HYP B CB  1 ? 
HETATM 213 C CG  . HYP B 1 5  ? -14.661 25.126  -16.939 1.000 36.666 0 5   HYP B CG  1 ? 
HETATM 214 C CD  . HYP B 1 5  ? -14.198 26.319  -17.765 1.000 36.068 0 5   HYP B CD  1 ? 
HETATM 215 O OD1 . HYP B 1 5  ? -16.017 25.360  -16.502 1.000 39.215 0 5   HYP B OD1 1 ? 
ATOM   216 N N   . GLY B 1 6  ? -11.738 26.802  -13.730 1.000 25.608 0 6   GLY B N   1 ? 
ATOM   217 C CA  . GLY B 1 6  ? -10.424 26.975  -13.166 1.000 24.789 0 6   GLY B CA  1 ? 
ATOM   218 C C   . GLY B 1 6  ? -9.587  25.752  -13.478 1.000 24.228 0 6   GLY B C   1 ? 
ATOM   219 O O   . GLY B 1 6  ? -10.042 24.789  -14.099 1.000 25.908 0 6   GLY B O   1 ? 
ATOM   220 N N   . PRO B 1 7  ? -8.317  25.750  -13.045 1.000 25.892 0 7   PRO B N   1 ? 
ATOM   221 C CA  . PRO B 1 7  ? -7.492  24.579  -13.240 1.000 28.221 0 7   PRO B CA  1 ? 
ATOM   222 C C   . PRO B 1 7  ? -7.910  23.427  -12.343 1.000 24.187 0 7   PRO B C   1 ? 
ATOM   223 O O   . PRO B 1 7  ? -8.662  23.593  -11.365 1.000 21.074 0 7   PRO B O   1 ? 
ATOM   224 C CB  . PRO B 1 7  ? -6.099  25.074  -12.921 1.000 29.982 0 7   PRO B CB  1 ? 
ATOM   225 C CG  . PRO B 1 7  ? -6.310  26.259  -12.005 1.000 30.211 0 7   PRO B CG  1 ? 
ATOM   226 C CD  . PRO B 1 7  ? -7.682  26.805  -12.248 1.000 26.351 0 7   PRO B CD  1 ? 
HETATM 227 N N   . HYP B 1 8  ? -7.477  22.204  -12.694 1.000 26.026 0 8   HYP B N   1 ? 
HETATM 228 C CA  . HYP B 1 8  ? -7.747  21.044  -11.864 1.000 26.315 0 8   HYP B CA  1 ? 
HETATM 229 C C   . HYP B 1 8  ? -7.126  21.242  -10.497 1.000 21.218 0 8   HYP B C   1 ? 
HETATM 230 O O   . HYP B 1 8  ? -6.110  21.950  -10.351 1.000 20.894 0 8   HYP B O   1 ? 
HETATM 231 C CB  . HYP B 1 8  ? -7.076  19.895  -12.615 1.000 30.518 0 8   HYP B CB  1 ? 
HETATM 232 C CG  . HYP B 1 8  ? -6.902  20.433  -14.024 1.000 32.614 0 8   HYP B CG  1 ? 
HETATM 233 C CD  . HYP B 1 8  ? -6.600  21.889  -13.826 1.000 30.609 0 8   HYP B CD  1 ? 
HETATM 234 O OD1 . HYP B 1 8  ? -8.105  20.380  -14.742 1.000 37.815 0 8   HYP B OD1 1 ? 
ATOM   235 N N   . GLY B 1 9  ? -7.729  20.584  -9.512  1.000 20.631 0 9   GLY B N   1 ? 
ATOM   236 C CA  . GLY B 1 9  ? -7.159  20.552  -8.187  1.000 19.909 0 9   GLY B CA  1 ? 
ATOM   237 C C   . GLY B 1 9  ? -5.856  19.754  -8.158  1.000 19.221 0 9   GLY B C   1 ? 
ATOM   238 O O   . GLY B 1 9  ? -5.435  19.147  -9.139  1.000 20.840 0 9   GLY B O   1 ? 
ATOM   239 N N   . LEU B 1 10 ? -5.233  19.790  -6.993  1.000 20.083 0 10  LEU B N   1 ? 
ATOM   240 C CA  . LEU B 1 10 ? -4.013  19.059  -6.743  1.000 20.733 0 10  LEU B CA  1 ? 
ATOM   241 C C   . LEU B 1 10 ? -4.300  17.581  -6.733  1.000 19.554 0 10  LEU B C   1 ? 
ATOM   242 O O   . LEU B 1 10 ? -5.416  17.177  -6.334  1.000 20.335 0 10  LEU B O   1 ? 
ATOM   243 C CB  . LEU B 1 10 ? -3.387  19.486  -5.423  1.000 23.938 0 10  LEU B CB  1 ? 
ATOM   244 C CG  . LEU B 1 10 ? -2.921  20.940  -5.350  1.000 27.024 0 10  LEU B CG  1 ? 
ATOM   245 C CD1 . LEU B 1 10 ? -2.515  21.270  -3.923  1.000 29.762 0 10  LEU B CD1 1 ? 
ATOM   246 C CD2 . LEU B 1 10 ? -1.802  21.273  -6.314  1.000 28.227 0 10  LEU B CD2 1 ? 
ATOM   247 N N   . PRO B 1 11 ? -3.330  16.738  -7.110  1.000 21.940 0 11  PRO B N   1 ? 
ATOM   248 C CA  . PRO B 1 11 ? -3.502  15.308  -6.952  1.000 24.181 0 11  PRO B CA  1 ? 
ATOM   249 C C   . PRO B 1 11 ? -3.724  14.956  -5.499  1.000 22.921 0 11  PRO B C   1 ? 
ATOM   250 O O   . PRO B 1 11 ? -3.207  15.619  -4.611  1.000 21.785 0 11  PRO B O   1 ? 
ATOM   251 C CB  . PRO B 1 11 ? -2.215  14.699  -7.449  1.000 26.041 0 11  PRO B CB  1 ? 
ATOM   252 C CG  . PRO B 1 11 ? -1.427  15.808  -8.054  1.000 26.553 0 11  PRO B CG  1 ? 
ATOM   253 C CD  . PRO B 1 11 ? -2.012  17.119  -7.653  1.000 23.184 0 11  PRO B CD  1 ? 
ATOM   254 N N   . GLY B 1 12 ? -4.490  13.884  -5.278  1.000 22.423 0 12  GLY B N   1 ? 
ATOM   255 C CA  . GLY B 1 12 ? -4.673  13.387  -3.929  1.000 21.970 0 12  GLY B CA  1 ? 
ATOM   256 C C   . GLY B 1 12 ? -3.372  12.873  -3.304  1.000 21.578 0 12  GLY B C   1 ? 
ATOM   257 O O   . GLY B 1 12 ? -2.350  12.628  -3.954  1.000 21.645 0 12  GLY B O   1 ? 
ATOM   258 N N   . GLN B 1 13 ? -3.439  12.749  -1.983  1.000 22.592 0 13  GLN B N   1 ? 
ATOM   259 C CA  . GLN B 1 13 ? -2.371  12.205  -1.180  1.000 23.098 0 13  GLN B CA  1 ? 
ATOM   260 C C   . GLN B 1 13 ? -2.066  10.775  -1.595  1.000 24.072 0 13  GLN B C   1 ? 
ATOM   261 O O   . GLN B 1 13 ? -2.969  9.967   -1.814  1.000 23.899 0 13  GLN B O   1 ? 
ATOM   262 C CB  . GLN B 1 13 ? -2.860  12.317  0.261   1.000 28.294 0 13  GLN B CB  1 ? 
ATOM   263 C CG  . GLN B 1 13 ? -1.843  11.968  1.334   1.000 30.474 0 13  GLN B CG  1 ? 
ATOM   264 C CD  . GLN B 1 13 ? -2.393  12.270  2.714   1.000 31.519 0 13  GLN B CD  1 ? 
ATOM   265 O OE1 . GLN B 1 13 ? -1.854  13.088  3.459   1.000 32.461 0 13  GLN B OE1 1 ? 
ATOM   266 N NE2 . GLN B 1 13 ? -3.564  11.733  3.005   1.000 34.937 0 13  GLN B NE2 1 ? 
ATOM   267 N N   . ARG B 1 14 ? -0.776  10.443  -1.656  1.000 22.561 0 14  ARG B N   1 ? 
ATOM   268 C CA  . ARG B 1 14 ? -0.383  9.076   -1.938  1.000 23.735 0 14  ARG B CA  1 ? 
ATOM   269 C C   . ARG B 1 14 ? -0.954  8.143   -0.859  1.000 21.159 0 14  ARG B C   1 ? 
ATOM   270 O O   . ARG B 1 14 ? -0.906  8.433   0.334   1.000 23.525 0 14  ARG B O   1 ? 
ATOM   271 C CB  . ARG B 1 14 ? 1.145   8.949   -2.021  1.000 25.577 0 14  ARG B CB  1 ? 
ATOM   272 C CG  . ARG B 1 14 ? 1.508   7.516   -2.408  1.000 29.636 0 14  ARG B CG  1 ? 
ATOM   273 C CD  . ARG B 1 14 ? 2.949   7.132   -2.695  1.000 36.639 0 14  ARG B CD  1 ? 
ATOM   274 N NE  . ARG B 1 14 ? 2.970   5.786   -3.300  1.000 39.990 0 14  ARG B NE  1 ? 
ATOM   275 C CZ  . ARG B 1 14 ? 3.859   5.351   -4.178  1.000 43.483 0 14  ARG B CZ  1 ? 
ATOM   276 N NH1 . ARG B 1 14 ? 4.843   6.142   -4.560  1.000 47.689 0 14  ARG B NH1 1 ? 
ATOM   277 N NH2 . ARG B 1 14 ? 3.782   4.126   -4.653  1.000 47.893 0 14  ARG B NH2 1 ? 
ATOM   278 N N   . GLY B 1 15 ? -1.372  6.962   -1.299  1.000 20.475 0 15  GLY B N   1 ? 
ATOM   279 C CA  . GLY B 1 15 ? -1.899  5.947   -0.397  1.000 19.928 0 15  GLY B CA  1 ? 
ATOM   280 C C   . GLY B 1 15 ? -0.801  5.416   0.527   1.000 20.625 0 15  GLY B C   1 ? 
ATOM   281 O O   . GLY B 1 15 ? 0.388   5.561   0.277   1.000 21.635 0 15  GLY B O   1 ? 
ATOM   282 N N   . GLU B 1 16 ? -1.189  4.907   1.677   1.000 19.174 0 16  GLU B N   1 ? 
ATOM   283 C CA  . GLU B 1 16 ? -0.260  4.315   2.605   1.000 19.134 0 16  GLU B CA  1 ? 
ATOM   284 C C   . GLU B 1 16 ? 0.209   2.950   2.130   1.000 16.998 0 16  GLU B C   1 ? 
ATOM   285 O O   . GLU B 1 16 ? -0.389  2.296   1.272   1.000 17.011 0 16  GLU B O   1 ? 
ATOM   286 C CB  . GLU B 1 16 ? -0.796  4.374   4.019   1.000 22.817 0 16  GLU B CB  1 ? 
ATOM   287 C CG  . GLU B 1 16 ? -1.772  3.264   4.340   1.000 23.986 0 16  GLU B CG  1 ? 
ATOM   288 C CD  . GLU B 1 16 ? -2.188  3.291   5.802   1.000 27.151 0 16  GLU B CD  1 ? 
ATOM   289 O OE1 . GLU B 1 16 ? -1.908  4.273   6.516   1.000 30.134 0 16  GLU B OE1 1 ? 
ATOM   290 O OE2 . GLU B 1 16 ? -2.751  2.289   6.254   1.000 29.179 0 16  GLU B OE2 1 ? 
ATOM   291 N N   . ARG B 1 17 ? 1.358   2.576   2.692   1.000 17.865 0 17  ARG B N   1 ? 
ATOM   292 C CA  . ARG B 1 17 ? 2.014   1.321   2.386   1.000 17.888 0 17  ARG B CA  1 ? 
ATOM   293 C C   . ARG B 1 17 ? 1.074   0.164   2.712   1.000 16.246 0 17  ARG B C   1 ? 
ATOM   294 O O   . ARG B 1 17 ? 0.384   0.216   3.741   1.000 17.395 0 17  ARG B O   1 ? 
ATOM   295 C CB  . ARG B 1 17 ? 3.344   1.165   3.132   1.000 20.208 0 17  ARG B CB  1 ? 
ATOM   296 C CG  . ARG B 1 17 ? 4.007   -0.176  2.850   1.000 21.711 0 17  ARG B CG  1 ? 
ATOM   297 C CD  . ARG B 1 17 ? 5.348   -0.300  3.532   1.000 22.786 0 17  ARG B CD  1 ? 
ATOM   298 N NE  . ARG B 1 17 ? 6.314   0.719   3.097   1.000 24.292 0 17  ARG B NE  1 ? 
ATOM   299 C CZ  . ARG B 1 17 ? 7.136   0.647   2.046   1.000 27.299 0 17  ARG B CZ  1 ? 
ATOM   300 N NH1 . ARG B 1 17 ? 7.165   -0.410  1.247   1.000 27.102 0 17  ARG B NH1 1 ? 
ATOM   301 N NH2 . ARG B 1 17 ? 8.027   1.613   1.847   1.000 29.314 0 17  ARG B NH2 1 ? 
ATOM   302 N N   . GLY B 1 18 ? 1.120   -0.892  1.893   1.000 15.646 0 18  GLY B N   1 ? 
ATOM   303 C CA  . GLY B 1 18 ? 0.290   -2.083  2.146   1.000 15.933 0 18  GLY B CA  1 ? 
ATOM   304 C C   . GLY B 1 18 ? 0.693   -2.776  3.442   1.000 16.835 0 18  GLY B C   1 ? 
ATOM   305 O O   . GLY B 1 18 ? 1.710   -2.538  4.085   1.000 17.501 0 18  GLY B O   1 ? 
ATOM   306 N N   . PHE B 1 19 ? -0.230  -3.625  3.905   1.000 17.052 0 19  PHE B N   1 ? 
ATOM   307 C CA  . PHE B 1 19 ? 0.047   -4.354  5.113   1.000 18.288 0 19  PHE B CA  1 ? 
ATOM   308 C C   . PHE B 1 19 ? 1.205   -5.322  4.942   1.000 16.096 0 19  PHE B C   1 ? 
ATOM   309 O O   . PHE B 1 19 ? 1.388   -5.874  3.862   1.000 17.969 0 19  PHE B O   1 ? 
ATOM   310 C CB  . PHE B 1 19 ? -1.210  -5.165  5.410   1.000 19.397 0 19  PHE B CB  1 ? 
ATOM   311 C CG  . PHE B 1 19 ? -1.346  -5.657  6.848   1.000 23.923 0 19  PHE B CG  1 ? 
ATOM   312 C CD1 . PHE B 1 19 ? -1.199  -4.803  7.946   1.000 24.592 0 19  PHE B CD1 1 ? 
ATOM   313 C CD2 . PHE B 1 19 ? -1.584  -7.006  7.098   1.000 27.129 0 19  PHE B CD2 1 ? 
ATOM   314 C CE1 . PHE B 1 19 ? -1.277  -5.286  9.254   1.000 25.449 0 19  PHE B CE1 1 ? 
ATOM   315 C CE2 . PHE B 1 19 ? -1.671  -7.477  8.399   1.000 25.551 0 19  PHE B CE2 1 ? 
ATOM   316 C CZ  . PHE B 1 19 ? -1.515  -6.616  9.476   1.000 25.912 0 19  PHE B CZ  1 ? 
ATOM   317 N N   . PRO B 1 20 ? 2.010   -5.577  5.985   1.000 17.863 0 20  PRO B N   1 ? 
ATOM   318 C CA  . PRO B 1 20 ? 3.048   -6.586  5.892   1.000 19.206 0 20  PRO B CA  1 ? 
ATOM   319 C C   . PRO B 1 20 ? 2.511   -7.922  5.401   1.000 18.170 0 20  PRO B C   1 ? 
ATOM   320 O O   . PRO B 1 20 ? 1.368   -8.262  5.707   1.000 18.219 0 20  PRO B O   1 ? 
ATOM   321 C CB  . PRO B 1 20 ? 3.624   -6.719  7.310   1.000 21.716 0 20  PRO B CB  1 ? 
ATOM   322 C CG  . PRO B 1 20 ? 3.311   -5.380  7.908   1.000 24.460 0 20  PRO B CG  1 ? 
ATOM   323 C CD  . PRO B 1 20 ? 2.002   -4.959  7.321   1.000 21.477 0 20  PRO B CD  1 ? 
ATOM   324 N N   . GLY B 1 21 ? 3.362   -8.702  4.758   1.000 19.269 0 21  GLY B N   1 ? 
ATOM   325 C CA  . GLY B 1 21 ? 3.003   -9.997  4.232   1.000 19.413 0 21  GLY B CA  1 ? 
ATOM   326 C C   . GLY B 1 21 ? 2.653   -10.976 5.351   1.000 19.487 0 21  GLY B C   1 ? 
ATOM   327 O O   . GLY B 1 21 ? 2.994   -10.772 6.502   1.000 20.386 0 21  GLY B O   1 ? 
ATOM   328 N N   . PRO B 1 22 ? 1.995   -12.087 5.005   1.000 21.055 0 22  PRO B N   1 ? 
ATOM   329 C CA  . PRO B 1 22 ? 1.679   -13.087 6.013   1.000 22.040 0 22  PRO B CA  1 ? 
ATOM   330 C C   . PRO B 1 22 ? 2.913   -13.770 6.565   1.000 24.320 0 22  PRO B C   1 ? 
ATOM   331 O O   . PRO B 1 22 ? 3.953   -13.803 5.909   1.000 22.380 0 22  PRO B O   1 ? 
ATOM   332 C CB  . PRO B 1 22 ? 0.751   -14.079 5.320   1.000 23.223 0 22  PRO B CB  1 ? 
ATOM   333 C CG  . PRO B 1 22 ? 0.938   -13.798 3.851   1.000 23.237 0 22  PRO B CG  1 ? 
ATOM   334 C CD  . PRO B 1 22 ? 1.504   -12.418 3.671   1.000 21.371 0 22  PRO B CD  1 ? 
HETATM 335 N N   . HYP B 1 23 ? 2.840   -14.380 7.754   1.000 26.928 0 23  HYP B N   1 ? 
HETATM 336 C CA  . HYP B 1 23 ? 3.959   -15.152 8.264   1.000 25.784 0 23  HYP B CA  1 ? 
HETATM 337 C C   . HYP B 1 23 ? 4.335   -16.277 7.313   1.000 24.277 0 23  HYP B C   1 ? 
HETATM 338 O O   . HYP B 1 23 ? 3.483   -16.850 6.639   1.000 25.793 0 23  HYP B O   1 ? 
HETATM 339 C CB  . HYP B 1 23 ? 3.432   -15.672 9.587   1.000 32.072 0 23  HYP B CB  1 ? 
HETATM 340 C CG  . HYP B 1 23 ? 2.400   -14.633 9.989   1.000 31.878 0 23  HYP B CG  1 ? 
HETATM 341 C CD  . HYP B 1 23 ? 1.684   -14.454 8.670   1.000 30.074 0 23  HYP B CD  1 ? 
HETATM 342 O OD1 . HYP B 1 23 ? 3.071   -13.410 10.380  1.000 36.439 0 23  HYP B OD1 1 ? 
ATOM   343 N N   . GLY B 1 24 ? 5.637   -16.538 7.223   1.000 23.871 0 24  GLY B N   1 ? 
ATOM   344 C CA  . GLY B 1 24 ? 6.124   -17.668 6.463   1.000 26.172 0 24  GLY B CA  1 ? 
ATOM   345 C C   . GLY B 1 24 ? 5.667   -19.000 7.046   1.000 30.413 0 24  GLY B C   1 ? 
ATOM   346 O O   . GLY B 1 24 ? 5.185   -19.099 8.180   1.000 29.065 0 24  GLY B O   1 ? 
ATOM   347 N N   . PRO B 1 25 ? 5.879   -20.097 6.289   1.000 37.255 0 25  PRO B N   1 ? 
ATOM   348 C CA  . PRO B 1 25 ? 5.497   -21.403 6.780   1.000 38.478 0 25  PRO B CA  1 ? 
ATOM   349 C C   . PRO B 1 25 ? 6.396   -21.876 7.920   1.000 33.821 0 25  PRO B C   1 ? 
ATOM   350 O O   . PRO B 1 25 ? 7.472   -21.344 8.176   1.000 26.550 0 25  PRO B O   1 ? 
ATOM   351 C CB  . PRO B 1 25 ? 5.586   -22.288 5.545   1.000 43.794 0 25  PRO B CB  1 ? 
ATOM   352 C CG  . PRO B 1 25 ? 6.626   -21.604 4.683   1.000 45.892 0 25  PRO B CG  1 ? 
ATOM   353 C CD  . PRO B 1 25 ? 6.535   -20.127 4.971   1.000 40.680 0 25  PRO B CD  1 ? 
HETATM 354 N N   . HYP B 1 26 ? 5.971   -22.932 8.626   1.000 33.122 0 26  HYP B N   1 ? 
HETATM 355 C CA  . HYP B 1 26 ? 6.787   -23.538 9.668   1.000 31.759 0 26  HYP B CA  1 ? 
HETATM 356 C C   . HYP B 1 26 ? 8.081   -24.050 9.068   1.000 26.621 0 26  HYP B C   1 ? 
HETATM 357 O O   . HYP B 1 26 ? 8.078   -24.444 7.910   1.000 33.156 0 26  HYP B O   1 ? 
HETATM 358 C CB  . HYP B 1 26 ? 5.948   -24.718 10.121  1.000 33.707 0 26  HYP B CB  1 ? 
HETATM 359 C CG  . HYP B 1 26 ? 4.563   -24.329 9.648   1.000 34.452 0 26  HYP B CG  1 ? 
HETATM 360 C CD  . HYP B 1 26 ? 4.776   -23.732 8.315   1.000 35.904 0 26  HYP B CD  1 ? 
HETATM 361 O OD1 . HYP B 1 26 ? 4.195   -23.205 10.340  1.000 35.724 0 26  HYP B OD1 1 ? 
ATOM   362 N N   . GLY B 1 27 ? 9.157   -24.080 9.845   1.000 23.675 0 27  GLY B N   1 ? 
ATOM   363 C CA  . GLY B 1 27 ? 10.403  -24.620 9.314   1.000 24.472 0 27  GLY B CA  1 ? 
ATOM   364 C C   . GLY B 1 27 ? 10.309  -26.136 9.125   1.000 24.009 0 27  GLY B C   1 ? 
ATOM   365 O O   . GLY B 1 27 ? 9.330   -26.803 9.492   1.000 24.521 0 27  GLY B O   1 ? 
ATOM   366 N N   . PRO B 1 28 ? 11.330  -26.741 8.523   1.000 26.201 0 28  PRO B N   1 ? 
ATOM   367 C CA  . PRO B 1 28 ? 11.402  -28.184 8.370   1.000 27.354 0 28  PRO B CA  1 ? 
ATOM   368 C C   . PRO B 1 28 ? 11.506  -28.899 9.705   1.000 25.144 0 28  PRO B C   1 ? 
ATOM   369 O O   . PRO B 1 28 ? 11.974  -28.334 10.680  1.000 23.408 0 28  PRO B O   1 ? 
ATOM   370 C CB  . PRO B 1 28 ? 12.688  -28.380 7.579   1.000 30.263 0 28  PRO B CB  1 ? 
ATOM   371 C CG  . PRO B 1 28 ? 12.830  -27.052 6.878   1.000 33.476 0 28  PRO B CG  1 ? 
ATOM   372 C CD  . PRO B 1 28 ? 12.476  -26.055 7.923   1.000 29.018 0 28  PRO B CD  1 ? 
HETATM 373 N N   . HYP B 1 29 ? 11.055  -30.169 9.793   1.000 28.942 0 29  HYP B N   1 ? 
HETATM 374 C CA  . HYP B 1 29 ? 11.303  -30.969 10.983  1.000 27.179 0 29  HYP B CA  1 ? 
HETATM 375 C C   . HYP B 1 29 ? 12.782  -31.082 11.335  1.000 27.052 0 29  HYP B C   1 ? 
HETATM 376 O O   . HYP B 1 29 ? 13.638  -31.100 10.448  1.000 27.879 0 29  HYP B O   1 ? 
HETATM 377 C CB  . HYP B 1 29 ? 10.715  -32.339 10.628  1.000 32.868 0 29  HYP B CB  1 ? 
HETATM 378 C CG  . HYP B 1 29 ? 9.767   -32.090 9.472   1.000 35.537 0 29  HYP B CG  1 ? 
HETATM 379 C CD  . HYP B 1 29 ? 10.340  -30.897 8.732   1.000 35.411 0 29  HYP B CD  1 ? 
HETATM 380 O OD1 . HYP B 1 29 ? 8.511   -31.741 10.034  1.000 36.625 0 29  HYP B OD1 1 ? 
ATOM   381 N N   . GLY B 1 30 ? 13.074  -31.091 12.637  1.000 26.668 0 30  GLY B N   1 ? 
ATOM   382 C CA  . GLY B 1 30 ? 14.426  -31.308 13.137  1.000 29.609 0 30  GLY B CA  1 ? 
ATOM   383 C C   . GLY B 1 30 ? 14.909  -32.741 12.938  1.000 31.655 0 30  GLY B C   1 ? 
ATOM   384 O O   . GLY B 1 30 ? 14.208  -33.524 12.234  1.000 34.174 0 30  GLY B O   1 ? 
ATOM   385 N N   . PRO C 1 1  ? -12.637 35.673  -16.572 1.000 36.968 0 1   PRO C N   1 ? 
ATOM   386 C CA  . PRO C 1 1  ? -11.354 34.951  -16.298 1.000 37.032 0 1   PRO C CA  1 ? 
ATOM   387 C C   . PRO C 1 1  ? -11.616 33.506  -15.882 1.000 32.414 0 1   PRO C C   1 ? 
ATOM   388 O O   . PRO C 1 1  ? -12.742 33.115  -15.537 1.000 32.915 0 1   PRO C O   1 ? 
ATOM   389 C CB  . PRO C 1 1  ? -10.678 35.756  -15.176 1.000 37.606 0 1   PRO C CB  1 ? 
ATOM   390 C CG  . PRO C 1 1  ? -11.847 36.428  -14.490 1.000 38.918 0 1   PRO C CG  1 ? 
ATOM   391 C CD  . PRO C 1 1  ? -12.766 36.808  -15.602 1.000 37.578 0 1   PRO C CD  1 ? 
HETATM 392 N N   . HYP C 1 2  ? -10.577 32.648  -15.872 1.000 30.851 0 2   HYP C N   1 ? 
HETATM 393 C CA  . HYP C 1 2  ? -10.699 31.319  -15.307 1.000 30.597 0 2   HYP C CA  1 ? 
HETATM 394 C C   . HYP C 1 2  ? -11.078 31.346  -13.833 1.000 31.766 0 2   HYP C C   1 ? 
HETATM 395 O O   . HYP C 1 2  ? -10.719 32.276  -13.117 1.000 32.532 0 2   HYP C O   1 ? 
HETATM 396 C CB  . HYP C 1 2  ? -9.312  30.722  -15.518 1.000 30.981 0 2   HYP C CB  1 ? 
HETATM 397 C CG  . HYP C 1 2  ? -8.719  31.486  -16.698 1.000 32.424 0 2   HYP C CG  1 ? 
HETATM 398 C CD  . HYP C 1 2  ? -9.233  32.900  -16.411 1.000 29.312 0 2   HYP C CD  1 ? 
HETATM 399 O OD1 . HYP C 1 2  ? -9.197  30.989  -17.985 1.000 33.797 0 2   HYP C OD1 1 ? 
ATOM   400 N N   . GLY C 1 3  ? -11.834 30.322  -13.410 1.000 26.347 0 3   GLY C N   1 ? 
ATOM   401 C CA  . GLY C 1 3  ? -12.193 30.158  -12.010 1.000 26.029 0 3   GLY C CA  1 ? 
ATOM   402 C C   . GLY C 1 3  ? -11.022 29.714  -11.124 1.000 24.993 0 3   GLY C C   1 ? 
ATOM   403 O O   . GLY C 1 3  ? -9.878  29.528  -11.579 1.000 25.840 0 3   GLY C O   1 ? 
ATOM   404 N N   . PRO C 1 4  ? -11.275 29.593  -9.802  1.000 24.525 0 4   PRO C N   1 ? 
ATOM   405 C CA  . PRO C 1 4  ? -10.299 29.056  -8.867  1.000 24.242 0 4   PRO C CA  1 ? 
ATOM   406 C C   . PRO C 1 4  ? -9.987  27.577  -9.115  1.000 23.188 0 4   PRO C C   1 ? 
ATOM   407 O O   . PRO C 1 4  ? -10.672 26.884  -9.859  1.000 22.420 0 4   PRO C O   1 ? 
ATOM   408 C CB  . PRO C 1 4  ? -10.916 29.310  -7.483  1.000 28.974 0 4   PRO C CB  1 ? 
ATOM   409 C CG  . PRO C 1 4  ? -12.285 29.896  -7.738  1.000 31.162 0 4   PRO C CG  1 ? 
ATOM   410 C CD  . PRO C 1 4  ? -12.587 29.837  -9.179  1.000 28.206 0 4   PRO C CD  1 ? 
HETATM 411 N N   . HYP C 1 5  ? -8.933  27.025  -8.491  1.000 23.929 0 5   HYP C N   1 ? 
HETATM 412 C CA  . HYP C 1 5  ? -8.609  25.624  -8.673  1.000 24.789 0 5   HYP C CA  1 ? 
HETATM 413 C C   . HYP C 1 5  ? -9.703  24.739  -8.123  1.000 21.433 0 5   HYP C C   1 ? 
HETATM 414 O O   . HYP C 1 5  ? -10.393 25.151  -7.182  1.000 22.040 0 5   HYP C O   1 ? 
HETATM 415 C CB  . HYP C 1 5  ? -7.310  25.440  -7.920  1.000 27.443 0 5   HYP C CB  1 ? 
HETATM 416 C CG  . HYP C 1 5  ? -6.725  26.836  -7.765  1.000 27.227 0 5   HYP C CG  1 ? 
HETATM 417 C CD  . HYP C 1 5  ? -7.955  27.714  -7.628  1.000 26.569 0 5   HYP C CD  1 ? 
HETATM 418 O OD1 . HYP C 1 5  ? -5.958  27.229  -8.902  1.000 32.528 0 5   HYP C OD1 1 ? 
ATOM   419 N N   . GLY C 1 6  ? -9.831  23.547  -8.710  1.000 19.997 0 6   GLY C N   1 ? 
ATOM   420 C CA  . GLY C 1 6  ? -10.747 22.573  -8.138  1.000 19.361 0 6   GLY C CA  1 ? 
ATOM   421 C C   . GLY C 1 6  ? -10.204 22.062  -6.804  1.000 20.262 0 6   GLY C C   1 ? 
ATOM   422 O O   . GLY C 1 6  ? -9.091  22.360  -6.368  1.000 20.604 0 6   GLY C O   1 ? 
ATOM   423 N N   . PRO C 1 7  ? -10.989 21.232  -6.105  1.000 22.238 0 7   PRO C N   1 ? 
ATOM   424 C CA  . PRO C 1 7  ? -10.553 20.658  -4.856  1.000 21.888 0 7   PRO C CA  1 ? 
ATOM   425 C C   . PRO C 1 7  ? -9.493  19.600  -5.065  1.000 21.175 0 7   PRO C C   1 ? 
ATOM   426 O O   . PRO C 1 7  ? -9.399  19.025  -6.142  1.000 22.743 0 7   PRO C O   1 ? 
ATOM   427 C CB  . PRO C 1 7  ? -11.826 20.037  -4.284  1.000 22.871 0 7   PRO C CB  1 ? 
ATOM   428 C CG  . PRO C 1 7  ? -12.706 19.796  -5.480  1.000 23.854 0 7   PRO C CG  1 ? 
ATOM   429 C CD  . PRO C 1 7  ? -12.321 20.810  -6.524  1.000 22.547 0 7   PRO C CD  1 ? 
HETATM 430 N N   . HYP C 1 8  ? -8.698  19.297  -4.021  1.000 25.310 0 8   HYP C N   1 ? 
HETATM 431 C CA  . HYP C 1 8  ? -7.719  18.238  -4.137  1.000 26.550 0 8   HYP C CA  1 ? 
HETATM 432 C C   . HYP C 1 8  ? -8.379  16.897  -4.428  1.000 22.837 0 8   HYP C C   1 ? 
HETATM 433 O O   . HYP C 1 8  ? -9.513  16.629  -4.019  1.000 24.614 0 8   HYP C O   1 ? 
HETATM 434 C CB  . HYP C 1 8  ? -6.987  18.264  -2.792  1.000 29.933 0 8   HYP C CB  1 ? 
HETATM 435 C CG  . HYP C 1 8  ? -7.279  19.653  -2.235  1.000 30.229 0 8   HYP C CG  1 ? 
HETATM 436 C CD  . HYP C 1 8  ? -8.667  19.979  -2.714  1.000 29.588 0 8   HYP C CD  1 ? 
HETATM 437 O OD1 . HYP C 1 8  ? -6.400  20.619  -2.802  1.000 31.220 0 8   HYP C OD1 1 ? 
ATOM   438 N N   . GLY C 1 9  ? -7.660  16.065  -5.157  1.000 22.092 0 9   GLY C N   1 ? 
ATOM   439 C CA  . GLY C 1 9  ? -8.089  14.710  -5.431  1.000 21.259 0 9   GLY C CA  1 ? 
ATOM   440 C C   . GLY C 1 9  ? -8.216  13.846  -4.177  1.000 19.567 0 9   GLY C C   1 ? 
ATOM   441 O O   . GLY C 1 9  ? -7.744  14.161  -3.109  1.000 21.293 0 9   GLY C O   1 ? 
ATOM   442 N N   . LEU C 1 10 ? -8.861  12.705  -4.362  1.000 21.764 0 10  LEU C N   1 ? 
ATOM   443 C CA  . LEU C 1 10 ? -9.061  11.804  -3.254  1.000 20.808 0 10  LEU C CA  1 ? 
ATOM   444 C C   . LEU C 1 10 ? -7.742  11.125  -2.926  1.000 19.797 0 10  LEU C C   1 ? 
ATOM   445 O O   . LEU C 1 10 ? -6.889  10.917  -3.817  1.000 20.804 0 10  LEU C O   1 ? 
ATOM   446 C CB  . LEU C 1 10 ? -10.127 10.756  -3.566  1.000 23.199 0 10  LEU C CB  1 ? 
ATOM   447 C CG  . LEU C 1 10 ? -11.552 11.262  -3.774  1.000 24.658 0 10  LEU C CG  1 ? 
ATOM   448 C CD1 . LEU C 1 10 ? -12.478 10.119  -4.192  1.000 28.044 0 10  LEU C CD1 1 ? 
ATOM   449 C CD2 . LEU C 1 10 ? -12.012 11.893  -2.478  1.000 25.403 0 10  LEU C CD2 1 ? 
ATOM   450 N N   . PRO C 1 11 ? -7.553  10.691  -1.663  1.000 20.961 0 11  PRO C N   1 ? 
ATOM   451 C CA  . PRO C 1 11 ? -6.388  9.904   -1.316  1.000 20.043 0 11  PRO C CA  1 ? 
ATOM   452 C C   . PRO C 1 11 ? -6.273  8.613   -2.113  1.000 20.950 0 11  PRO C C   1 ? 
ATOM   453 O O   . PRO C 1 11 ? -7.256  7.972   -2.491  1.000 21.490 0 11  PRO C O   1 ? 
ATOM   454 C CB  . PRO C 1 11 ? -6.548  9.600   0.166   1.000 24.859 0 11  PRO C CB  1 ? 
ATOM   455 C CG  . PRO C 1 11 ? -7.660  10.458  0.650   1.000 25.154 0 11  PRO C CG  1 ? 
ATOM   456 C CD  . PRO C 1 11 ? -8.457  10.898  -0.518  1.000 24.041 0 11  PRO C CD  1 ? 
ATOM   457 N N   . GLY C 1 12 ? -5.028  8.200   -2.315  1.000 20.411 0 12  GLY C N   1 ? 
ATOM   458 C CA  . GLY C 1 12 ? -4.747  6.944   -2.960  1.000 20.098 0 12  GLY C CA  1 ? 
ATOM   459 C C   . GLY C 1 12 ? -5.198  5.741   -2.125  1.000 18.354 0 12  GLY C C   1 ? 
ATOM   460 O O   . GLY C 1 12 ? -5.169  5.792   -0.904  1.000 21.023 0 12  GLY C O   1 ? 
ATOM   461 N N   . GLN C 1 13 ? -5.400  4.651   -2.847  1.000 18.658 0 13  GLN C N   1 ? 
ATOM   462 C CA  A GLN C 1 13 ? -5.654  3.330   -2.280  0.500 18.328 0 13  GLN C CA  1 ? 
ATOM   463 C CA  B GLN C 1 13 ? -5.667  3.355   -2.244  0.500 19.173 0 13  GLN C CA  1 ? 
ATOM   464 C C   . GLN C 1 13 ? -4.444  2.862   -1.464  1.000 18.209 0 13  GLN C C   1 ? 
ATOM   465 O O   . GLN C 1 13 ? -3.302  3.130   -1.820  1.000 17.800 0 13  GLN C O   1 ? 
ATOM   466 C CB  A GLN C 1 13 ? -5.935  2.351   -3.426  0.500 19.113 0 13  GLN C CB  1 ? 
ATOM   467 C CB  B GLN C 1 13 ? -6.076  2.369   -3.335  0.500 21.143 0 13  GLN C CB  1 ? 
ATOM   468 C CG  A GLN C 1 13 ? -6.414  0.957   -3.025  0.500 18.310 0 13  GLN C CG  1 ? 
ATOM   469 C CG  B GLN C 1 13 ? -5.989  0.903   -2.930  0.500 23.494 0 13  GLN C CG  1 ? 
ATOM   470 C CD  A GLN C 1 13 ? -6.555  -0.015  -4.189  0.500 19.866 0 13  GLN C CD  1 ? 
ATOM   471 C CD  B GLN C 1 13 ? -6.703  -0.030  -3.884  0.500 26.096 0 13  GLN C CD  1 ? 
ATOM   472 O OE1 A GLN C 1 13 ? -6.790  0.358   -5.348  0.500 19.066 0 13  GLN C OE1 1 ? 
ATOM   473 O OE1 B GLN C 1 13 ? -6.320  -0.220  -5.040  0.500 27.788 0 13  GLN C OE1 1 ? 
ATOM   474 N NE2 A GLN C 1 13 ? -6.493  -1.297  -3.872  0.500 21.504 0 13  GLN C NE2 1 ? 
ATOM   475 N NE2 B GLN C 1 13 ? -7.787  -0.607  -3.400  0.500 27.505 0 13  GLN C NE2 1 ? 
ATOM   476 N N   . ARG C 1 14 ? -4.670  2.155   -0.364  1.000 16.741 0 14  ARG C N   1 ? 
ATOM   477 C CA  . ARG C 1 14 ? -3.589  1.460   0.315   1.000 15.700 0 14  ARG C CA  1 ? 
ATOM   478 C C   . ARG C 1 14 ? -2.880  0.479   -0.615  1.000 16.303 0 14  ARG C C   1 ? 
ATOM   479 O O   . ARG C 1 14 ? -3.480  -0.109  -1.481  1.000 17.853 0 14  ARG C O   1 ? 
ATOM   480 C CB  . ARG C 1 14 ? -4.094  0.809   1.599   1.000 15.757 0 14  ARG C CB  1 ? 
ATOM   481 C CG  . ARG C 1 14 ? -3.011  0.121   2.397   1.000 15.546 0 14  ARG C CG  1 ? 
ATOM   482 C CD  . ARG C 1 14 ? -3.383  -0.168  3.822   1.000 16.228 0 14  ARG C CD  1 ? 
ATOM   483 N NE  . ARG C 1 14 ? -2.203  -0.572  4.573   1.000 16.834 0 14  ARG C NE  1 ? 
ATOM   484 C CZ  . ARG C 1 14 ? -2.107  -0.823  5.875   1.000 17.018 0 14  ARG C CZ  1 ? 
ATOM   485 N NH1 . ARG C 1 14 ? -3.223  -0.910  6.586   1.000 17.577 0 14  ARG C NH1 1 ? 
ATOM   486 N NH2 . ARG C 1 14 ? -0.948  -1.130  6.437   1.000 18.605 0 14  ARG C NH2 1 ? 
ATOM   487 N N   . GLY C 1 15 ? -1.534  0.395   -0.494  1.000 16.055 0 15  GLY C N   1 ? 
ATOM   488 C CA  . GLY C 1 15 ? -0.766  -0.563  -1.256  1.000 16.059 0 15  GLY C CA  1 ? 
ATOM   489 C C   . GLY C 1 15 ? -1.173  -2.021  -1.081  1.000 16.285 0 15  GLY C C   1 ? 
ATOM   490 O O   . GLY C 1 15 ? -1.875  -2.388  -0.123  1.000 16.360 0 15  GLY C O   1 ? 
ATOM   491 N N   . GLU C 1 16 ? -0.653  -2.869  -1.970  1.000 17.449 0 16  GLU C N   1 ? 
ATOM   492 C CA  . GLU C 1 16 ? -0.872  -4.302  -1.944  1.000 17.943 0 16  GLU C CA  1 ? 
ATOM   493 C C   . GLU C 1 16 ? -0.187  -4.952  -0.748  1.000 17.025 0 16  GLU C C   1 ? 
ATOM   494 O O   . GLU C 1 16 ? 0.802   -4.458  -0.235  1.000 17.948 0 16  GLU C O   1 ? 
ATOM   495 C CB  . GLU C 1 16 ? -0.376  -4.946  -3.236  1.000 20.629 0 16  GLU C CB  1 ? 
ATOM   496 C CG  . GLU C 1 16 ? -1.195  -4.457  -4.414  1.000 21.744 0 16  GLU C CG  1 ? 
ATOM   497 C CD  . GLU C 1 16 ? -0.943  -5.167  -5.724  1.000 21.564 0 16  GLU C CD  1 ? 
ATOM   498 O OE1 . GLU C 1 16 ? -0.271  -6.212  -5.768  1.000 24.788 0 16  GLU C OE1 1 ? 
ATOM   499 O OE2 . GLU C 1 16 ? -1.451  -4.632  -6.719  1.000 25.580 0 16  GLU C OE2 1 ? 
ATOM   500 N N   A ARG C 1 17 ? -0.764  -6.074  -0.261  0.500 16.778 0 17  ARG C N   1 ? 
ATOM   501 N N   B ARG C 1 17 ? -0.760  -6.052  -0.294  0.500 17.780 0 17  ARG C N   1 ? 
ATOM   502 C CA  A ARG C 1 17 ? -0.187  -6.879  0.802   0.500 15.764 0 17  ARG C CA  1 ? 
ATOM   503 C CA  B ARG C 1 17 ? -0.168  -6.750  0.804   0.500 16.829 0 17  ARG C CA  1 ? 
ATOM   504 C C   A ARG C 1 17 ? 1.236   -7.298  0.434   0.500 16.826 0 17  ARG C C   1 ? 
ATOM   505 C C   B ARG C 1 17 ? 1.235   -7.230  0.430   0.500 17.533 0 17  ARG C C   1 ? 
ATOM   506 O O   A ARG C 1 17 ? 1.535   -7.630  -0.726  0.500 17.503 0 17  ARG C O   1 ? 
ATOM   507 O O   B ARG C 1 17 ? 1.528   -7.502  -0.747  0.500 18.475 0 17  ARG C O   1 ? 
ATOM   508 C CB  A ARG C 1 17 ? -1.043  -8.132  1.096   0.500 15.483 0 17  ARG C CB  1 ? 
ATOM   509 C CB  B ARG C 1 17 ? -1.209  -7.822  1.100   0.500 18.479 0 17  ARG C CB  1 ? 
ATOM   510 C CG  A ARG C 1 17 ? -0.621  -9.112  2.189   0.500 15.725 0 17  ARG C CG  1 ? 
ATOM   511 C CG  B ARG C 1 17 ? -0.778  -8.435  2.408   0.500 20.895 0 17  ARG C CG  1 ? 
ATOM   512 C CD  A ARG C 1 17 ? -1.649  -10.243 2.484   0.500 15.794 0 17  ARG C CD  1 ? 
ATOM   513 C CD  B ARG C 1 17 ? -1.592  -9.640  2.683   0.500 22.861 0 17  ARG C CD  1 ? 
ATOM   514 N NE  A ARG C 1 17 ? -3.070  -9.859  2.587   0.500 15.182 0 17  ARG C NE  1 ? 
ATOM   515 N NE  B ARG C 1 17 ? -0.871  -9.954  3.909   0.500 24.833 0 17  ARG C NE  1 ? 
ATOM   516 C CZ  A ARG C 1 17 ? -3.757  -9.585  3.683   0.500 15.198 0 17  ARG C CZ  1 ? 
ATOM   517 C CZ  B ARG C 1 17 ? -1.383  -10.211 5.065   0.500 22.846 0 17  ARG C CZ  1 ? 
ATOM   518 N NH1 A ARG C 1 17 ? -5.072  -9.449  3.581   0.500 15.569 0 17  ARG C NH1 1 ? 
ATOM   519 N NH1 B ARG C 1 17 ? -0.557  -10.351 6.042   0.500 19.846 0 17  ARG C NH1 1 ? 
ATOM   520 N NH2 A ARG C 1 17 ? -3.177  -9.534  4.870   0.500 16.480 0 17  ARG C NH2 1 ? 
ATOM   521 N NH2 B ARG C 1 17 ? -2.685  -10.319 5.219   0.500 22.701 0 17  ARG C NH2 1 ? 
ATOM   522 N N   . GLY C 1 18 ? 2.102   -7.245  1.440   1.000 17.049 0 18  GLY C N   1 ? 
ATOM   523 C CA  . GLY C 1 18 ? 3.441   -7.785  1.298   1.000 17.365 0 18  GLY C CA  1 ? 
ATOM   524 C C   . GLY C 1 18 ? 3.465   -9.260  0.924   1.000 17.336 0 18  GLY C C   1 ? 
ATOM   525 O O   . GLY C 1 18 ? 2.487   -10.000 1.075   1.000 18.814 0 18  GLY C O   1 ? 
ATOM   526 N N   . PHE C 1 19 ? 4.601   -9.712  0.425   1.000 20.346 0 19  PHE C N   1 ? 
ATOM   527 C CA  . PHE C 1 19 ? 4.790   -11.092 0.043   1.000 22.100 0 19  PHE C CA  1 ? 
ATOM   528 C C   . PHE C 1 19 ? 4.916   -11.940 1.313   1.000 21.656 0 19  PHE C C   1 ? 
ATOM   529 O O   . PHE C 1 19 ? 5.321   -11.489 2.395   1.000 20.450 0 19  PHE C O   1 ? 
ATOM   530 C CB  . PHE C 1 19 ? 6.025   -11.115 -0.891  1.000 23.521 0 19  PHE C CB  1 ? 
ATOM   531 C CG  . PHE C 1 19 ? 6.083   -12.294 -1.861  1.000 25.757 0 19  PHE C CG  1 ? 
ATOM   532 C CD1 . PHE C 1 19 ? 5.418   -12.263 -3.092  1.000 28.221 0 19  PHE C CD1 1 ? 
ATOM   533 C CD2 . PHE C 1 19 ? 6.788   -13.450 -1.524  1.000 27.769 0 19  PHE C CD2 1 ? 
ATOM   534 C CE1 . PHE C 1 19 ? 5.430   -13.373 -3.955  1.000 29.072 0 19  PHE C CE1 1 ? 
ATOM   535 C CE2 . PHE C 1 19 ? 6.786   -14.563 -2.366  1.000 28.861 0 19  PHE C CE2 1 ? 
ATOM   536 C CZ  . PHE C 1 19 ? 6.110   -14.527 -3.591  1.000 28.844 0 19  PHE C CZ  1 ? 
ATOM   537 N N   . PRO C 1 20 ? 4.468   -13.220 1.254   1.000 26.186 0 20  PRO C N   1 ? 
ATOM   538 C CA  . PRO C 1 20 ? 4.633   -14.128 2.383   1.000 26.218 0 20  PRO C CA  1 ? 
ATOM   539 C C   . PRO C 1 20 ? 6.067   -14.214 2.894   1.000 28.189 0 20  PRO C C   1 ? 
ATOM   540 O O   . PRO C 1 20 ? 7.013   -14.120 2.106   1.000 28.417 0 20  PRO C O   1 ? 
ATOM   541 C CB  . PRO C 1 20 ? 4.127   -15.471 1.834   1.000 28.111 0 20  PRO C CB  1 ? 
ATOM   542 C CG  . PRO C 1 20 ? 3.211   -15.077 0.680   1.000 29.038 0 20  PRO C CG  1 ? 
ATOM   543 C CD  . PRO C 1 20 ? 3.839   -13.856 0.085   1.000 26.363 0 20  PRO C CD  1 ? 
ATOM   544 N N   . GLY C 1 21 ? 6.205   -14.353 4.221   1.000 29.189 0 21  GLY C N   1 ? 
ATOM   545 C CA  . GLY C 1 21 ? 7.505   -14.423 4.860   1.000 31.720 0 21  GLY C CA  1 ? 
ATOM   546 C C   . GLY C 1 21 ? 8.197   -15.738 4.543   1.000 32.017 0 21  GLY C C   1 ? 
ATOM   547 O O   . GLY C 1 21 ? 7.601   -16.644 3.974   1.000 33.701 0 21  GLY C O   1 ? 
ATOM   548 N N   . PRO C 1 22 ? 9.494   -15.866 4.886   1.000 34.402 0 22  PRO C N   1 ? 
ATOM   549 C CA  . PRO C 1 22 ? 10.212  -17.101 4.640   1.000 36.317 0 22  PRO C CA  1 ? 
ATOM   550 C C   . PRO C 1 22 ? 9.900   -18.197 5.655   1.000 33.008 0 22  PRO C C   1 ? 
ATOM   551 O O   . PRO C 1 22 ? 9.292   -17.969 6.703   1.000 26.970 0 22  PRO C O   1 ? 
ATOM   552 C CB  . PRO C 1 22 ? 11.661  -16.639 4.658   1.000 37.785 0 22  PRO C CB  1 ? 
ATOM   553 C CG  . PRO C 1 22 ? 11.679  -15.519 5.682   1.000 36.601 0 22  PRO C CG  1 ? 
ATOM   554 C CD  . PRO C 1 22 ? 10.299  -14.867 5.605   1.000 35.533 0 22  PRO C CD  1 ? 
HETATM 555 N N   . HYP C 1 23 ? 10.330  -19.441 5.375   1.000 35.101 0 23  HYP C N   1 ? 
HETATM 556 C CA  . HYP C 1 23 ? 10.219  -20.527 6.347   1.000 33.557 0 23  HYP C CA  1 ? 
HETATM 557 C C   . HYP C 1 23 ? 10.871  -20.201 7.683   1.000 30.083 0 23  HYP C C   1 ? 
HETATM 558 O O   . HYP C 1 23 ? 11.884  -19.492 7.744   1.000 29.525 0 23  HYP C O   1 ? 
HETATM 559 C CB  . HYP C 1 23 ? 10.959  -21.656 5.671   1.000 37.913 0 23  HYP C CB  1 ? 
HETATM 560 C CG  . HYP C 1 23 ? 10.814  -21.361 4.190   1.000 37.635 0 23  HYP C CG  1 ? 
HETATM 561 C CD  . HYP C 1 23 ? 10.922  -19.862 4.098   1.000 36.700 0 23  HYP C CD  1 ? 
HETATM 562 O OD1 . HYP C 1 23 ? 9.510   -21.766 3.821   1.000 39.581 0 23  HYP C OD1 1 ? 
ATOM   563 N N   . GLY C 1 24 ? 10.339  -20.788 8.743   1.000 26.514 0 24  GLY C N   1 ? 
ATOM   564 C CA  . GLY C 1 24 ? 11.010  -20.724 10.019  1.000 25.578 0 24  GLY C CA  1 ? 
ATOM   565 C C   . GLY C 1 24 ? 12.270  -21.583 9.989   1.000 25.653 0 24  GLY C C   1 ? 
ATOM   566 O O   . GLY C 1 24 ? 12.540  -22.298 9.022   1.000 24.110 0 24  GLY C O   1 ? 
ATOM   567 N N   . PRO C 1 25 ? 13.067  -21.558 11.071  1.000 28.920 0 25  PRO C N   1 ? 
ATOM   568 C CA  . PRO C 1 25 ? 14.255  -22.384 11.101  1.000 29.839 0 25  PRO C CA  1 ? 
ATOM   569 C C   . PRO C 1 25 ? 13.894  -23.847 11.291  1.000 25.272 0 25  PRO C C   1 ? 
ATOM   570 O O   . PRO C 1 25 ? 12.791  -24.193 11.713  1.000 25.328 0 25  PRO C O   1 ? 
ATOM   571 C CB  . PRO C 1 25 ? 15.098  -21.834 12.248  1.000 34.171 0 25  PRO C CB  1 ? 
ATOM   572 C CG  . PRO C 1 25 ? 14.044  -21.249 13.172  1.000 35.119 0 25  PRO C CG  1 ? 
ATOM   573 C CD  . PRO C 1 25 ? 12.850  -20.810 12.319  1.000 34.270 0 25  PRO C CD  1 ? 
HETATM 574 N N   . HYP C 1 26 ? 14.821  -24.762 10.968  1.000 25.566 0 26  HYP C N   1 ? 
HETATM 575 C CA  . HYP C 1 26 ? 14.650  -26.161 11.261  1.000 24.997 0 26  HYP C CA  1 ? 
HETATM 576 C C   . HYP C 1 26 ? 14.318  -26.399 12.725  1.000 26.146 0 26  HYP C C   1 ? 
HETATM 577 O O   . HYP C 1 26 ? 14.812  -25.712 13.614  1.000 29.803 0 26  HYP C O   1 ? 
HETATM 578 C CB  . HYP C 1 26 ? 16.000  -26.754 10.890  1.000 27.956 0 26  HYP C CB  1 ? 
HETATM 579 C CG  . HYP C 1 26 ? 16.487  -25.844 9.782   1.000 29.330 0 26  HYP C CG  1 ? 
HETATM 580 C CD  . HYP C 1 26 ? 16.116  -24.488 10.322  1.000 28.084 0 26  HYP C CD  1 ? 
HETATM 581 O OD1 . HYP C 1 26 ? 15.755  -26.167 8.608   1.000 30.573 0 26  HYP C OD1 1 ? 
ATOM   582 N N   . GLY C 1 27 ? 13.479  -27.400 12.960  1.000 27.309 0 27  GLY C N   1 ? 
ATOM   583 C CA  . GLY C 1 27 ? 13.206  -27.793 14.326  1.000 28.043 0 27  GLY C CA  1 ? 
ATOM   584 C C   . GLY C 1 27 ? 14.455  -28.304 15.042  1.000 29.963 0 27  GLY C C   1 ? 
ATOM   585 O O   . GLY C 1 27 ? 15.483  -28.626 14.425  1.000 32.185 0 27  GLY C O   1 ? 
ATOM   586 N N   . PRO C 1 28 ? 14.399  -28.427 16.387  1.000 37.043 0 28  PRO C N   1 ? 
ATOM   587 C CA  . PRO C 1 28 ? 15.511  -28.990 17.157  1.000 40.926 0 28  PRO C CA  1 ? 
ATOM   588 C C   . PRO C 1 28 ? 15.633  -30.499 16.983  1.000 41.108 0 28  PRO C C   1 ? 
ATOM   589 O O   . PRO C 1 28 ? 14.670  -31.116 16.526  1.000 33.339 0 28  PRO C O   1 ? 
ATOM   590 C CB  . PRO C 1 28 ? 15.154  -28.647 18.598  1.000 43.897 0 28  PRO C CB  1 ? 
ATOM   591 C CG  . PRO C 1 28 ? 13.636  -28.711 18.546  1.000 41.128 0 28  PRO C CG  1 ? 
ATOM   592 C CD  . PRO C 1 28 ? 13.263  -28.056 17.244  1.000 39.491 0 28  PRO C CD  1 ? 
HETATM 593 N N   . HYP C 1 29 ? 16.812  -31.114 17.288  1.000 41.071 0 29  HYP C N   1 ? 
HETATM 594 C CA  . HYP C 1 29 ? 16.917  -32.568 17.307  1.000 44.014 0 29  HYP C CA  1 ? 
HETATM 595 C C   . HYP C 1 29 ? 16.185  -33.201 18.491  1.000 47.191 0 29  HYP C C   1 ? 
HETATM 596 O O   . HYP C 1 29 ? 15.189  -33.916 18.214  1.000 50.941 0 29  HYP C O   1 ? 
HETATM 597 C CB  . HYP C 1 29 ? 18.432  -32.834 17.341  1.000 39.722 0 29  HYP C CB  1 ? 
HETATM 598 C CG  . HYP C 1 29 ? 19.068  -31.565 17.899  1.000 37.527 0 29  HYP C CG  1 ? 
HETATM 599 C CD  . HYP C 1 29 ? 18.110  -30.439 17.536  1.000 41.449 0 29  HYP C CD  1 ? 
HETATM 600 O OD1 . HYP C 1 29 ? 20.390  -31.256 17.338  1.000 33.859 0 29  HYP C OD1 1 ? 
HETATM 601 S S   . SO4 D 2 .  ? -3.709  -7.710  -2.353  1.000 21.888 0 101 SO4 C S   1 ? 
HETATM 602 O O1  . SO4 D 2 .  ? -4.710  -7.150  -3.145  1.000 31.610 0 101 SO4 C O1  1 ? 
HETATM 603 O O2  . SO4 D 2 .  ? -4.228  -8.826  -1.618  1.000 35.706 0 101 SO4 C O2  1 ? 
HETATM 604 O O3  . SO4 D 2 .  ? -2.599  -8.089  -3.226  1.000 24.044 0 101 SO4 C O3  1 ? 
HETATM 605 O O4  . SO4 D 2 .  ? -3.348  -6.731  -1.398  1.000 27.343 0 101 SO4 C O4  1 ? 
HETATM 606 O O   . HOH E 3 .  ? -3.580  1.793   -9.507  1.000 45.733 0 101 HOH A O   1 ? 
HETATM 607 O O   . HOH E 3 .  ? -15.488 16.806  -6.393  1.000 48.043 0 102 HOH A O   1 ? 
HETATM 608 O O   . HOH E 3 .  ? -14.616 20.692  -9.422  1.000 38.874 0 103 HOH A O   1 ? 
HETATM 609 O O   . HOH E 3 .  ? 1.783   -3.147  -6.048  1.000 41.084 0 104 HOH A O   1 ? 
HETATM 610 O O   . HOH E 3 .  ? 1.123   -1.959  -8.206  1.000 37.243 0 105 HOH A O   1 ? 
HETATM 611 O O   . HOH E 3 .  ? -0.826  -0.682  -5.410  1.000 46.508 0 106 HOH A O   1 ? 
HETATM 612 O O   . HOH E 3 .  ? -10.824 15.534  -12.592 1.000 42.897 0 107 HOH A O   1 ? 
HETATM 613 O O   . HOH E 3 .  ? 6.702   -7.637  0.126   1.000 23.392 0 108 HOH A O   1 ? 
HETATM 614 O O   . HOH E 3 .  ? 3.274   -1.812  -10.838 1.000 64.235 0 109 HOH A O   1 ? 
HETATM 615 O O   . HOH E 3 .  ? -0.772  4.351   -8.313  1.000 33.555 0 110 HOH A O   1 ? 
HETATM 616 O O   . HOH E 3 .  ? -14.054 27.432  -4.983  1.000 51.127 0 111 HOH A O   1 ? 
HETATM 617 O O   . HOH E 3 .  ? 6.115   -7.744  -2.563  1.000 38.774 0 112 HOH A O   1 ? 
HETATM 618 O O   . HOH E 3 .  ? 0.995   -1.516  -3.960  1.000 21.817 0 113 HOH A O   1 ? 
HETATM 619 O O   . HOH E 3 .  ? 2.152   1.675   -5.956  1.000 34.260 0 114 HOH A O   1 ? 
HETATM 620 O O   . HOH E 3 .  ? 5.442   -16.820 12.762  1.000 32.815 0 115 HOH A O   1 ? 
HETATM 621 O O   . HOH E 3 .  ? 7.773   -4.225  -0.668  1.000 31.625 0 116 HOH A O   1 ? 
HETATM 622 O O   . HOH E 3 .  ? 10.845  -10.491 8.069   1.000 61.650 0 117 HOH A O   1 ? 
HETATM 623 O O   . HOH E 3 .  ? -10.472 9.954   -7.809  1.000 46.242 0 118 HOH A O   1 ? 
HETATM 624 O O   . HOH E 3 .  ? 7.521   -26.372 17.769  1.000 48.955 0 119 HOH A O   1 ? 
HETATM 625 O O   . HOH E 3 .  ? 12.812  -17.154 12.358  1.000 39.375 0 120 HOH A O   1 ? 
HETATM 626 O O   . HOH E 3 .  ? 4.602   -23.965 15.193  1.000 55.317 0 121 HOH A O   1 ? 
HETATM 627 O O   . HOH E 3 .  ? 11.743  -11.871 3.761   1.000 47.788 0 122 HOH A O   1 ? 
HETATM 628 O O   . HOH E 3 .  ? 10.205  -4.373  0.790   1.000 34.991 0 123 HOH A O   1 ? 
HETATM 629 O O   . HOH F 3 .  ? 4.623   -23.226 12.097  1.000 45.311 0 101 HOH B O   1 ? 
HETATM 630 O O   . HOH F 3 .  ? -0.683  5.597   8.192   1.000 33.712 0 102 HOH B O   1 ? 
HETATM 631 O O   . HOH F 3 .  ? -5.845  11.971  4.149   1.000 43.161 0 103 HOH B O   1 ? 
HETATM 632 O O   . HOH F 3 .  ? 0.919   -17.463 6.767   1.000 42.173 0 104 HOH B O   1 ? 
HETATM 633 O O   . HOH F 3 .  ? -3.335  16.335  -2.023  1.000 36.458 0 105 HOH B O   1 ? 
HETATM 634 O O   . HOH F 3 .  ? -2.893  2.133   8.945   1.000 24.745 0 106 HOH B O   1 ? 
HETATM 635 O O   . HOH F 3 .  ? -4.600  16.834  -10.272 1.000 22.720 0 107 HOH B O   1 ? 
HETATM 636 O O   . HOH F 3 .  ? -4.451  23.351  -8.715  1.000 35.911 0 108 HOH B O   1 ? 
HETATM 637 O O   . HOH F 3 .  ? -0.506  10.918  -5.077  1.000 31.902 0 109 HOH B O   1 ? 
HETATM 638 O O   . HOH F 3 .  ? 2.502   -10.941 9.284   1.000 44.874 0 110 HOH B O   1 ? 
HETATM 639 O O   . HOH F 3 .  ? 4.075   -14.134 12.863  1.000 41.776 0 111 HOH B O   1 ? 
HETATM 640 O O   . HOH F 3 .  ? 13.699  -32.355 7.971   1.000 44.563 0 112 HOH B O   1 ? 
HETATM 641 O O   . HOH F 3 .  ? -10.110 23.485  -16.559 1.000 45.480 0 113 HOH B O   1 ? 
HETATM 642 O O   . HOH F 3 .  ? 7.662   -28.314 7.841   1.000 64.688 0 114 HOH B O   1 ? 
HETATM 643 O O   . HOH F 3 .  ? -10.625 25.765  -18.328 1.000 37.652 0 115 HOH B O   1 ? 
HETATM 644 O O   . HOH F 3 .  ? 4.197   -3.184  5.255   1.000 19.305 0 116 HOH B O   1 ? 
HETATM 645 O O   . HOH F 3 .  ? 2.929   4.259   0.237   1.000 27.381 0 117 HOH B O   1 ? 
HETATM 646 O O   . HOH F 3 .  ? -5.981  13.533  -0.811  1.000 32.437 0 118 HOH B O   1 ? 
HETATM 647 O O   . HOH F 3 .  ? 9.301   -0.360  -0.731  1.000 42.390 0 119 HOH B O   1 ? 
HETATM 648 O O   . HOH F 3 .  ? 3.580   -18.556 4.246   1.000 39.977 0 120 HOH B O   1 ? 
HETATM 649 O O   . HOH F 3 .  ? -4.127  4.807   1.777   1.000 26.232 0 121 HOH B O   1 ? 
HETATM 650 O O   . HOH F 3 .  ? -0.127  14.552  -4.186  1.000 35.042 0 122 HOH B O   1 ? 
HETATM 651 O O   . HOH F 3 .  ? 1.500   12.665  -0.873  1.000 39.700 0 123 HOH B O   1 ? 
HETATM 652 O O   . HOH F 3 .  ? -7.793  22.697  -17.132 1.000 38.966 0 124 HOH B O   1 ? 
HETATM 653 O O   . HOH F 3 .  ? 1.311   14.308  2.921   1.000 45.226 0 125 HOH B O   1 ? 
HETATM 654 O O   . HOH F 3 .  ? 1.140   10.917  1.605   1.000 40.416 0 126 HOH B O   1 ? 
HETATM 655 O O   . HOH F 3 .  ? 6.401   -25.976 5.137   1.000 57.939 0 127 HOH B O   1 ? 
HETATM 656 O O   . HOH F 3 .  ? -1.672  19.291  -10.397 1.000 45.153 0 128 HOH B O   1 ? 
HETATM 657 O O   . HOH F 3 .  ? -5.201  16.045  -0.491  1.000 38.933 0 129 HOH B O   1 ? 
HETATM 658 O O   . HOH F 3 .  ? -5.175  23.745  -5.959  1.000 30.418 0 130 HOH B O   1 ? 
HETATM 659 O O   . HOH F 3 .  ? -14.311 21.650  -15.958 1.000 48.292 0 131 HOH B O   1 ? 
HETATM 660 O O   . HOH F 3 .  ? 1.829   -15.036 13.984  1.000 34.291 0 132 HOH B O   1 ? 
HETATM 661 O O   . HOH F 3 .  ? 2.212   -21.622 5.088   1.000 46.757 0 133 HOH B O   1 ? 
HETATM 662 O O   . HOH F 3 .  ? -12.199 22.257  -16.711 1.000 50.872 0 134 HOH B O   1 ? 
HETATM 663 O O   . HOH F 3 .  ? 1.473   -16.870 12.441  1.000 45.881 0 135 HOH B O   1 ? 
HETATM 664 O O   . HOH F 3 .  ? 4.096   -27.417 9.043   1.000 49.688 0 136 HOH B O   1 ? 
HETATM 665 O O   . HOH F 3 .  ? 3.311   -17.932 12.125  1.000 50.348 0 137 HOH B O   1 ? 
HETATM 666 O O   . HOH F 3 .  ? 12.876  -30.056 4.197   1.000 39.374 0 138 HOH B O   1 ? 
HETATM 667 O O   . HOH G 3 .  ? 21.786  -33.241 16.620  1.000 46.753 0 201 HOH C O   1 ? 
HETATM 668 O O   . HOH G 3 .  ? -4.080  -10.493 0.325   1.000 30.003 0 202 HOH C O   1 ? 
HETATM 669 O O   . HOH G 3 .  ? -6.603  21.588  -5.198  1.000 23.426 0 203 HOH C O   1 ? 
HETATM 670 O O   . HOH G 3 .  ? -9.294  7.399   -0.971  1.000 36.837 0 204 HOH C O   1 ? 
HETATM 671 O O   . HOH G 3 .  ? -7.369  30.264  -11.436 1.000 60.370 0 205 HOH C O   1 ? 
HETATM 672 O O   . HOH G 3 .  ? 15.892  -24.956 6.242   1.000 36.633 0 206 HOH C O   1 ? 
HETATM 673 O O   . HOH G 3 .  ? -1.452  -12.137 7.835   1.000 35.260 0 207 HOH C O   1 ? 
HETATM 674 O O   . HOH G 3 .  ? -8.928  33.293  -11.387 1.000 40.201 0 208 HOH C O   1 ? 
HETATM 675 O O   . HOH G 3 .  ? -4.346  -4.690  0.076   1.000 30.090 0 209 HOH C O   1 ? 
HETATM 676 O O   . HOH G 3 .  ? -10.015 26.558  -4.881  1.000 49.792 0 210 HOH C O   1 ? 
HETATM 677 O O   . HOH G 3 .  ? -4.914  -8.345  6.604   1.000 48.635 0 211 HOH C O   1 ? 
HETATM 678 O O   . HOH G 3 .  ? -0.048  -8.884  -2.634  1.000 23.729 0 212 HOH C O   1 ? 
HETATM 679 O O   . HOH G 3 .  ? 3.444   -7.912  -2.680  1.000 40.731 0 213 HOH C O   1 ? 
HETATM 680 O O   . HOH G 3 .  ? -2.426  -3.971  2.053   1.000 20.877 0 214 HOH C O   1 ? 
HETATM 681 O O   . HOH G 3 .  ? 13.959  -19.581 5.920   1.000 39.914 0 215 HOH C O   1 ? 
HETATM 682 O O   . HOH G 3 .  ? -9.910  12.552  -6.931  1.000 28.287 0 216 HOH C O   1 ? 
HETATM 683 O O   . HOH G 3 .  ? -8.260  7.412   -5.030  1.000 33.406 0 217 HOH C O   1 ? 
HETATM 684 O O   . HOH G 3 .  ? 9.622   -13.109 2.225   1.000 38.405 0 218 HOH C O   1 ? 
HETATM 685 O O   . HOH G 3 .  ? 0.857   -11.133 -0.945  1.000 30.336 0 219 HOH C O   1 ? 
HETATM 686 O O   . HOH G 3 .  ? -4.948  -2.527  -1.329  1.000 20.533 0 220 HOH C O   1 ? 
HETATM 687 O O   . HOH G 3 .  ? -5.147  -6.972  0.828   1.000 28.328 0 221 HOH C O   1 ? 
HETATM 688 O O   . HOH G 3 .  ? -9.365  14.374  -0.699  1.000 40.874 0 222 HOH C O   1 ? 
HETATM 689 O O   . HOH G 3 .  ? 1.663   -8.165  -4.790  1.000 30.166 0 223 HOH C O   1 ? 
HETATM 690 O O   . HOH G 3 .  ? -5.489  5.131   -5.777  1.000 42.500 0 224 HOH C O   1 ? 
HETATM 691 O O   . HOH G 3 .  ? -8.856  24.410  -4.210  1.000 39.777 0 225 HOH C O   1 ? 
HETATM 692 O O   . HOH G 3 .  ? -12.725 24.246  -5.552  1.000 32.958 0 226 HOH C O   1 ? 
HETATM 693 O O   . HOH G 3 .  ? -4.984  29.765  -7.495  1.000 36.413 0 227 HOH C O   1 ? 
HETATM 694 O O   . HOH G 3 .  ? 13.862  -17.987 10.074  1.000 45.353 0 228 HOH C O   1 ? 
HETATM 695 O O   . HOH G 3 .  ? -13.306 35.493  -20.086 1.000 53.434 0 229 HOH C O   1 ? 
HETATM 696 O O   . HOH G 3 .  ? -10.418 32.982  -8.814  1.000 43.479 0 230 HOH C O   1 ? 
HETATM 697 O O   . HOH G 3 .  ? -8.739  32.230  -7.954  1.000 51.933 0 231 HOH C O   1 ? 
HETATM 698 O O   . HOH G 3 .  ? -0.493  -11.254 10.081  1.000 43.168 0 232 HOH C O   1 ? 
HETATM 699 O O   . HOH G 3 .  ? -4.489  29.988  -11.739 1.000 37.169 0 233 HOH C O   1 ? 
HETATM 700 O O   . HOH G 3 .  ? -8.137  14.056  1.468   1.000 44.731 0 234 HOH C O   1 ? 
# 
loop_
_atom_site_anisotrop.id 
_atom_site_anisotrop.type_symbol 
_atom_site_anisotrop.pdbx_label_atom_id 
_atom_site_anisotrop.pdbx_label_alt_id 
_atom_site_anisotrop.pdbx_label_comp_id 
_atom_site_anisotrop.pdbx_label_asym_id 
_atom_site_anisotrop.pdbx_label_seq_id 
_atom_site_anisotrop.pdbx_PDB_ins_code 
_atom_site_anisotrop.U[1][1] 
_atom_site_anisotrop.U[2][2] 
_atom_site_anisotrop.U[3][3] 
_atom_site_anisotrop.U[1][2] 
_atom_site_anisotrop.U[1][3] 
_atom_site_anisotrop.U[2][3] 
_atom_site_anisotrop.pdbx_auth_seq_id 
_atom_site_anisotrop.pdbx_auth_comp_id 
_atom_site_anisotrop.pdbx_auth_asym_id 
_atom_site_anisotrop.pdbx_auth_atom_id 
1   N N   . GLY A 3  ? 0.39811913 0.34973131 0.47769504 -0.12885125 0.01821439  0.07197386  3   GLY A N   
2   C CA  . GLY A 3  ? 0.37075479 0.37799367 0.40395175 -0.10627437 0.07017668  0.07310181  3   GLY A CA  
3   C C   . GLY A 3  ? 0.33541740 0.34249043 0.39098173 -0.06814880 0.09567353  0.06987818  3   GLY A C   
4   O O   . GLY A 3  ? 0.34589914 0.31427732 0.42007276 -0.04535239 0.05094068  0.06152587  3   GLY A O   
5   N N   . PRO A 4  ? 0.28230389 0.35786168 0.39161739 -0.06947564 0.09358669  0.07051179  4   PRO A N   
6   C CA  . PRO A 4  ? 0.27550578 0.37119491 0.39532232 -0.04128952 0.11952733  0.06912564  4   PRO A CA  
7   C C   . PRO A 4  ? 0.26915466 0.32349202 0.38127377 -0.01881890 0.10031497  0.04226150  4   PRO A C   
8   O O   . PRO A 4  ? 0.25802536 0.28648951 0.31759273 -0.05479852 0.10632293  0.06781549  4   PRO A O   
9   C CB  . PRO A 4  ? 0.31305070 0.38319572 0.46213039 -0.04537088 0.06547103  0.05675782  4   PRO A CB  
10  C CG  . PRO A 4  ? 0.23073358 0.39343796 0.47449731 -0.09830539 0.08341555  0.04797611  4   PRO A CG  
11  C CD  . PRO A 4  ? 0.29463097 0.38323081 0.43218020 -0.06714714 0.08409034  0.07905306  4   PRO A CD  
12  N N   . HYP A 5  ? 0.25421195 0.34493474 0.37974895 0.00676429  0.10995602  0.06188301  5   HYP A N   
13  C CA  . HYP A 5  ? 0.23263542 0.30129865 0.34052665 -0.04713425 0.09279649  0.06616429  5   HYP A CA  
14  C C   . HYP A 5  ? 0.22238671 0.29293201 0.34720789 -0.05007625 0.02525893  0.04229013  5   HYP A C   
15  O O   . HYP A 5  ? 0.21058807 0.30166861 0.39487860 -0.04458407 -0.00523249 0.03798780  5   HYP A O   
16  C CB  . HYP A 5  ? 0.34474023 0.34618374 0.34874127 -0.04795343 0.09421185  0.06155011  5   HYP A CB  
17  C CG  . HYP A 5  ? 0.37386797 0.37231569 0.32189835 -0.00882546 0.13189661  0.07717530  5   HYP A CG  
18  C CD  . HYP A 5  ? 0.34060184 0.38007427 0.38147060 0.01507645  0.13335382  0.08657903  5   HYP A CD  
19  O OD1 . HYP A 5  ? 0.41673416 0.44312523 0.38392289 0.04154394  0.14137436  0.02699810  5   HYP A OD1 
20  N N   . GLY A 6  ? 0.20256368 0.23842186 0.35222434 -0.09564826 0.04483811  0.03796848  6   GLY A N   
21  C CA  . GLY A 6  ? 0.20954872 0.26910265 0.32876731 -0.09657669 0.04569269  0.02846217  6   GLY A CA  
22  C C   . GLY A 6  ? 0.25506706 0.25567000 0.35847761 -0.07104747 -0.00055522 0.00735895  6   GLY A C   
23  O O   . GLY A 6  ? 0.22605202 0.25791787 0.37307132 -0.07003351 -0.00096998 0.00252581  6   GLY A O   
24  N N   . PRO A 7  ? 0.29355998 0.26077135 0.39196548 -0.05275313 -0.05196055 -0.01936038 7   PRO A N   
25  C CA  . PRO A 7  ? 0.31018460 0.30060374 0.43220279 -0.07408355 -0.03482702 -0.02428099 7   PRO A CA  
26  C C   . PRO A 7  ? 0.26388736 0.23857397 0.43116038 -0.05050664 -0.03137038 0.00687090  7   PRO A C   
27  O O   . PRO A 7  ? 0.18884017 0.24807974 0.35737592 -0.06822612 0.01530780  0.01232568  7   PRO A O   
28  C CB  . PRO A 7  ? 0.39078975 0.33371730 0.43696151 -0.06935685 -0.02169671 -0.04193322 7   PRO A CB  
29  C CG  . PRO A 7  ? 0.37208868 0.34741486 0.46749496 -0.07986232 -0.01772546 -0.04201911 7   PRO A CG  
30  C CD  . PRO A 7  ? 0.34957377 0.32890901 0.41232960 -0.06232171 -0.02621586 -0.03508193 7   PRO A CD  
31  N N   . HYP A 8  ? 0.17966207 0.26988775 0.43108537 -0.06287871 0.03598589  0.01949097  8   HYP A N   
32  C CA  . HYP A 8  ? 0.19543773 0.24731849 0.44977693 -0.08430473 0.00225066  0.00352343  8   HYP A CA  
33  C C   . HYP A 8  ? 0.21721188 0.24619304 0.38580482 -0.05729603 0.02109748  0.03016481  8   HYP A C   
34  O O   . HYP A 8  ? 0.22321941 0.26281596 0.38609074 -0.06678924 0.03831098  0.03157079  8   HYP A O   
35  C CB  . HYP A 8  ? 0.24695253 0.25529299 0.47622419 -0.10833017 -0.00196057 0.00255783  8   HYP A CB  
36  C CG  . HYP A 8  ? 0.28841517 0.25640383 0.50540087 -0.11266314 -0.03024355 -0.01810269 8   HYP A CG  
37  C CD  . HYP A 8  ? 0.27710637 0.26888647 0.47461931 -0.09816011 -0.03176354 -0.01052922 8   HYP A CD  
38  O OD1 . HYP A 8  ? 0.29637912 0.33791774 0.56133512 -0.14887291 0.05025146  -0.02413798 8   HYP A OD1 
39  N N   . GLY A 9  ? 0.22390281 0.26079459 0.36343637 -0.07410015 0.02635494  0.04680981  9   GLY A N   
40  C CA  . GLY A 9  ? 0.19204761 0.26216194 0.39465710 -0.06727550 0.03453314  0.04510557  9   GLY A CA  
41  C C   . GLY A 9  ? 0.22573373 0.26088474 0.37615918 -0.07177570 0.02053201  0.03635064  9   GLY A C   
42  O O   . GLY A 9  ? 0.19882318 0.26261499 0.38282145 -0.07758255 0.03275303  0.05361780  9   GLY A O   
43  N N   . LEU A 10 ? 0.25639400 0.23458887 0.32870759 -0.05226389 0.02259358  0.01664101  10  LEU A N   
44  C CA  . LEU A 10 ? 0.30767383 0.28407077 0.34042448 -0.03952705 0.01659529  -0.00618465 10  LEU A CA  
45  C C   . LEU A 10 ? 0.30844395 0.28212523 0.32968970 -0.05667195 0.01747393  0.00543536  10  LEU A C   
46  O O   . LEU A 10 ? 0.23232949 0.26460439 0.30407921 -0.06617241 0.04150166  0.01535940  10  LEU A O   
47  C CB  . LEU A 10 ? 0.35925921 0.29274434 0.34019065 -0.03022601 0.03937349  -0.00338455 10  LEU A CB  
48  C CG  . LEU A 10 ? 0.41563160 0.35055151 0.33677065 -0.03644784 0.04716476  -0.01240925 10  LEU A CG  
49  C CD1 . LEU A 10 ? 0.43863207 0.39243484 0.39070054 -0.02331461 0.03469059  -0.05078957 10  LEU A CD1 
50  C CD2 . LEU A 10 ? 0.50683880 0.38949767 0.37967348 -0.05386147 0.01726070  -0.02375539 10  LEU A CD2 
51  N N   . PRO A 11 ? 0.34148987 0.30171722 0.37329649 -0.05944393 -0.00310924 0.02819137  11  PRO A N   
52  C CA  . PRO A 11 ? 0.36513808 0.30203226 0.36195461 -0.04857230 0.03834324  0.04401542  11  PRO A CA  
53  C C   . PRO A 11 ? 0.35562847 0.27859935 0.29364491 -0.04132020 0.07964307  0.07251070  11  PRO A C   
54  O O   . PRO A 11 ? 0.32331926 0.31481869 0.30473762 -0.02501736 0.09002933  0.05656869  11  PRO A O   
55  C CB  . PRO A 11 ? 0.39503688 0.30477078 0.41254055 -0.05970329 0.03187772  0.03699450  11  PRO A CB  
56  C CG  . PRO A 11 ? 0.42807588 0.34090527 0.40741328 -0.06333803 -0.00939534 0.01546243  11  PRO A CG  
57  C CD  . PRO A 11 ? 0.42952690 0.33854096 0.37505322 -0.06897307 0.03388253  0.02658848  11  PRO A CD  
58  N N   . GLY A 12 ? 0.38222757 0.28619058 0.29007847 -0.02446201 0.06919649  0.05410105  12  GLY A N   
59  C CA  . GLY A 12 ? 0.36265359 0.27080435 0.30108044 -0.04208308 0.07982681  0.05407658  12  GLY A CA  
60  C C   . GLY A 12 ? 0.30700666 0.27349688 0.28808211 -0.03618749 0.06147711  0.02980645  12  GLY A C   
61  O O   . GLY A 12 ? 0.28278614 0.29429450 0.25903508 -0.04267775 0.08047064  0.04655221  12  GLY A O   
62  N N   . GLN A 13 ? 0.27479152 0.23820990 0.28682792 -0.09244892 0.09654804  0.06024149  13  GLN A N   
63  C CA  . GLN A 13 ? 0.31690463 0.27710231 0.31807897 -0.07237448 0.10253599  0.02769005  13  GLN A CA  
64  C C   . GLN A 13 ? 0.27588997 0.28708108 0.26960110 -0.02643469 0.08978037  0.02108226  13  GLN A C   
65  O O   . GLN A 13 ? 0.26692457 0.24856760 0.26788278 -0.07961474 0.08912425  0.03209897  13  GLN A O   
66  C CB  . GLN A 13 ? 0.32081541 0.32473055 0.34402937 -0.10051336 0.12985406  0.05009798  13  GLN A CB  
67  C CG  . GLN A 13 ? 0.38106522 0.37924942 0.45351689 -0.09686083 0.13084793  0.06747527  13  GLN A CG  
68  C CD  . GLN A 13 ? 0.40731710 0.43382716 0.55770807 -0.13749590 0.17767980  0.07124806  13  GLN A CD  
69  O OE1 . GLN A 13 ? 0.52197463 0.50883939 0.70236085 -0.02628358 0.12084010  0.00934222  13  GLN A OE1 
70  N NE2 . GLN A 13 ? 0.41589563 0.49887365 0.61265726 -0.09622388 0.19935055  0.03235771  13  GLN A NE2 
71  N N   . ARG A 14 ? 0.28642314 0.27892699 0.25107847 -0.04196867 0.06969628  0.03413175  14  ARG A N   
72  C CA  . ARG A 14 ? 0.27568163 0.29267796 0.27839724 -0.03118527 0.06272602  0.03459154  14  ARG A CA  
73  C C   . ARG A 14 ? 0.20203288 0.25547337 0.29855314 -0.05822884 0.06013028  0.03769640  14  ARG A C   
74  O O   . ARG A 14 ? 0.18959477 0.26561748 0.33472516 -0.06512069 0.09674868  0.04801943  14  ARG A O   
75  C CB  . ARG A 14 ? 0.30024968 0.33366875 0.29033298 -0.03115095 0.08382206  -0.00860493 14  ARG A CB  
76  C CG  . ARG A 14 ? 0.32911554 0.38587990 0.33979130 -0.04596979 0.12696410  -0.02535504 14  ARG A CG  
77  C CD  . ARG A 14 ? 0.42087121 0.39413655 0.39797394 -0.07503278 0.12790665  -0.06474029 14  ARG A CD  
78  N NE  . ARG A 14 ? 0.47530943 0.44890851 0.45759770 -0.11447927 0.13312650  -0.10196479 14  ARG A NE  
79  C CZ  . ARG A 14 ? 0.59272476 0.47685986 0.55843654 -0.16930538 0.10439187  -0.06805716 14  ARG A CZ  
80  N NH1 . ARG A 14 ? 0.68940860 0.53826837 0.63122875 -0.18803481 0.03551096  -0.03366795 14  ARG A NH1 
81  N NH2 . ARG A 14 ? 0.70446728 0.45345566 0.56360550 -0.16265476 0.11896474  -0.05708341 14  ARG A NH2 
82  N N   . GLY A 15 ? 0.19969052 0.25753088 0.27606684 -0.05486236 0.04967956  0.02671353  15  GLY A N   
83  C CA  . GLY A 15 ? 0.20864048 0.23542622 0.26279940 -0.06710506 0.06475630  0.04125754  15  GLY A CA  
84  C C   . GLY A 15 ? 0.21150853 0.24050595 0.25678845 -0.05584877 0.06073997  0.04659366  15  GLY A C   
85  O O   . GLY A 15 ? 0.18009277 0.26950892 0.27713458 -0.07364664 0.08234062  0.03283286  15  GLY A O   
86  N N   . GLU A 16 ? 0.19175577 0.27304105 0.29843546 -0.06507106 0.07069215  0.04209105  16  GLU A N   
87  C CA  . GLU A 16 ? 0.22294222 0.29685589 0.30264978 -0.02297226 0.05563178  0.03389821  16  GLU A CA  
88  C C   . GLU A 16 ? 0.16935626 0.28893468 0.26623242 -0.01439812 0.06936013  0.01347889  16  GLU A C   
89  O O   . GLU A 16 ? 0.15755548 0.26106114 0.29443692 -0.03728239 0.09448069  0.00920118  16  GLU A O   
90  C CB  . GLU A 16 ? 0.23046267 0.31399292 0.38403952 -0.03434472 0.04553780  0.03910761  16  GLU A CB  
91  C CG  . GLU A 16 ? 0.36568489 0.32568451 0.49797814 -0.03425304 0.01598935  0.06451194  16  GLU A CG  
92  C CD  . GLU A 16 ? 0.41960764 0.49339486 0.59214024 -0.03810245 0.02195169  0.01095610  16  GLU A CD  
93  O OE1 . GLU A 16 ? 0.58379340 0.61863754 0.63788780 0.03615798  0.02965896  -0.04240555 16  GLU A OE1 
94  O OE2 . GLU A 16 ? 0.67198470 0.61136757 0.67379767 -0.03359916 -0.04962782 -0.03677777 16  GLU A OE2 
95  N N   . ARG A 17 ? 0.19855974 0.28450909 0.28836669 -0.03791030 0.07835188  0.00969882  17  ARG A N   
96  C CA  A ARG A 17 ? 0.17467030 0.27755475 0.30514965 -0.06360149 0.06836871  0.00688909  17  ARG A CA  
97  C CA  B ARG A 17 ? 0.20214017 0.29199620 0.30949949 -0.05037876 0.05673445  0.00628974  17  ARG A CA  
98  C C   . ARG A 17 ? 0.17231403 0.23988459 0.29173866 -0.05068150 0.05924103  0.02002196  17  ARG A C   
99  O O   . ARG A 17 ? 0.18782012 0.25675445 0.31895383 -0.07102621 0.03288600  0.02882374  17  ARG A O   
100 C CB  A ARG A 17 ? 0.20469773 0.28018236 0.34182137 -0.07164667 0.07645677  -0.00195279 17  ARG A CB  
101 C CB  B ARG A 17 ? 0.27599089 0.33275360 0.35110505 -0.03025051 0.05122131  -0.01825987 17  ARG A CB  
102 C CG  A ARG A 17 ? 0.18268129 0.29435960 0.36530153 -0.10904438 0.08634559  -0.00640445 17  ARG A CG  
103 C CG  B ARG A 17 ? 0.33617079 0.40145988 0.37925547 -0.02671894 0.03705355  -0.01919612 17  ARG A CG  
104 C CD  A ARG A 17 ? 0.15146022 0.29674973 0.38853169 -0.11754623 0.09648958  -0.02042199 17  ARG A CD  
105 C CD  B ARG A 17 ? 0.40841640 0.45909840 0.40729355 -0.01926585 0.03563520  -0.04853077 17  ARG A CD  
106 N NE  A ARG A 17 ? 0.23564226 0.30934219 0.38004416 -0.09771814 0.15097207  -0.03595022 17  ARG A NE  
107 N NE  B ARG A 17 ? 0.41575128 0.50142155 0.45112045 -0.02238629 0.00190188  -0.04799723 17  ARG A NE  
108 C CZ  A ARG A 17 ? 0.26682351 0.31415931 0.39135738 -0.09676723 0.13419985  -0.02191036 17  ARG A CZ  
109 C CZ  B ARG A 17 ? 0.44953975 0.54022973 0.50076460 -0.04606374 -0.02038089 -0.05923070 17  ARG A CZ  
110 N NH1 A ARG A 17 ? 0.23122803 0.31454159 0.42080463 -0.07839677 0.14916969  -0.01003222 17  ARG A NH1 
111 N NH1 B ARG A 17 ? 0.48198916 0.57611211 0.51721936 -0.03994932 -0.05165453 -0.05036278 17  ARG A NH1 
112 N NH2 A ARG A 17 ? 0.34926123 0.32329025 0.39007746 -0.10514574 0.13591753  -0.02036457 17  ARG A NH2 
113 N NH2 B ARG A 17 ? 0.43514316 0.52257697 0.58114860 -0.06536798 -0.01695668 -0.06603100 17  ARG A NH2 
114 N N   . GLY A 18 ? 0.11803564 0.25006062 0.29342890 -0.06052518 0.06243340  0.02312115  18  GLY A N   
115 C CA  . GLY A 18 ? 0.13296809 0.21372560 0.31655011 -0.07515289 0.04903615  0.03400132  18  GLY A CA  
116 C C   . GLY A 18 ? 0.17028599 0.21086507 0.29924001 -0.05148855 0.03761165  0.03669023  18  GLY A C   
117 O O   . GLY A 18 ? 0.14974200 0.24623408 0.29542627 -0.07224213 0.04946509  0.01615147  18  GLY A O   
118 N N   . PHE A 19 ? 0.12957718 0.21967097 0.30699886 -0.06193500 0.03987555  0.02946388  19  PHE A N   
119 C CA  . PHE A 19 ? 0.14697226 0.26503469 0.30525587 -0.02742012 0.06161158  0.02958044  19  PHE A CA  
120 C C   . PHE A 19 ? 0.11957303 0.25719318 0.29728204 -0.03892654 0.06698451  0.01479445  19  PHE A C   
121 O O   . PHE A 19 ? 0.11854405 0.25410463 0.32288877 -0.05021204 0.06717242  0.02634768  19  PHE A O   
122 C CB  . PHE A 19 ? 0.19293754 0.30021077 0.35031249 -0.08094128 0.03494160  0.01829330  19  PHE A CB  
123 C CG  . PHE A 19 ? 0.16412995 0.32499423 0.41166557 -0.07795305 0.01304093  -0.01043299 19  PHE A CG  
124 C CD1 . PHE A 19 ? 0.15690731 0.32686615 0.44029667 -0.07556404 0.04163773  -0.01076680 19  PHE A CD1 
125 C CD2 . PHE A 19 ? 0.18115980 0.35765742 0.46283314 -0.04038715 0.01405562  -0.02213631 19  PHE A CD2 
126 C CE1 . PHE A 19 ? 0.20789144 0.32071967 0.44417481 -0.07045677 0.00883128  -0.02039147 19  PHE A CE1 
127 C CE2 . PHE A 19 ? 0.23396776 0.34145197 0.49832241 -0.01381254 0.01918416  -0.03972316 19  PHE A CE2 
128 C CZ  . PHE A 19 ? 0.23537672 0.29128010 0.45430686 -0.05400488 0.01022196  -0.02431974 19  PHE A CZ  
129 N N   . PRO A 20 ? 0.11556415 0.25638777 0.34140681 -0.07415037 0.10293910  0.04079791  20  PRO A N   
130 C CA  . PRO A 20 ? 0.16750812 0.25743288 0.37392534 -0.03469443 0.06232572  0.01704845  20  PRO A CA  
131 C C   . PRO A 20 ? 0.22892774 0.26383933 0.36916144 -0.03651209 0.04770256  0.03429068  20  PRO A C   
132 O O   . PRO A 20 ? 0.27602512 0.27931032 0.36012349 -0.01444866 0.02749601  0.04584098  20  PRO A O   
133 C CB  . PRO A 20 ? 0.24260144 0.31009263 0.43125902 -0.00607760 0.08477227  -0.00617378 20  PRO A CB  
134 C CG  . PRO A 20 ? 0.18201911 0.32506113 0.43093141 -0.00078399 0.09599851  0.01974779  20  PRO A CG  
135 C CD  . PRO A 20 ? 0.12035908 0.26706136 0.36211074 -0.06435892 0.11659470  0.03486219  20  PRO A CD  
136 N N   . GLY A 21 ? 0.16325810 0.28459364 0.39232939 -0.04580443 0.03977353  0.04581812  21  GLY A N   
137 C CA  . GLY A 21 ? 0.26151470 0.30530199 0.39981062 -0.02701030 0.02569046  0.07422053  21  GLY A CA  
138 C C   . GLY A 21 ? 0.28963521 0.26872485 0.44071046 -0.02935980 0.00487811  0.09520694  21  GLY A C   
139 O O   . GLY A 21 ? 0.32189141 0.29110453 0.54116843 -0.01410647 -0.01711087 0.08780778  21  GLY A O   
140 N N   . PRO A 22 ? 0.28203179 0.31802204 0.44538089 -0.01191164 -0.00684780 0.06972688  22  PRO A N   
141 C CA  . PRO A 22 ? 0.34341103 0.32815947 0.47133513 -0.01955778 -0.03531627 0.06411338  22  PRO A CA  
142 C C   . PRO A 22 ? 0.31544284 0.30458388 0.50599920 -0.02629198 -0.06031096 0.06154293  22  PRO A C   
143 O O   . PRO A 22 ? 0.23938099 0.28210375 0.48251420 -0.06718294 -0.03264044 0.07545782  22  PRO A O   
144 C CB  . PRO A 22 ? 0.40215267 0.39235838 0.48339098 0.00186199  -0.02426931 0.05377367  22  PRO A CB  
145 C CG  . PRO A 22 ? 0.38718472 0.40993003 0.47026769 -0.01463867 0.01016344  0.06157637  22  PRO A CG  
146 C CD  . PRO A 22 ? 0.35495068 0.37447594 0.45911387 0.00415825  0.00418176  0.06534588  22  PRO A CD  
147 N N   . HYP A 23 ? 0.34037899 0.34952822 0.61241256 -0.03020253 -0.11167020 0.05295025  23  HYP A N   
148 C CA  . HYP A 23 ? 0.33098152 0.34615729 0.61615884 -0.02290062 -0.07216356 0.05014687  23  HYP A CA  
149 C C   . HYP A 23 ? 0.36590038 0.34700139 0.53906366 -0.00807799 -0.03590645 0.02832802  23  HYP A C   
150 O O   . HYP A 23 ? 0.37832320 0.33316394 0.54212768 -0.01885830 -0.04198862 0.00177454  23  HYP A O   
151 C CB  . HYP A 23 ? 0.36218419 0.40073720 0.66714156 -0.04929620 -0.11133685 0.05090453  23  HYP A CB  
152 C CG  . HYP A 23 ? 0.36072893 0.42735141 0.69275462 -0.06114740 -0.08977199 0.06629269  23  HYP A CG  
153 C CD  . HYP A 23 ? 0.38863120 0.38053024 0.68867808 -0.07357607 -0.09313291 0.04416744  23  HYP A CD  
154 O OD1 . HYP A 23 ? 0.27629859 0.52819105 0.73433992 -0.16879525 0.03575473  0.06845298  23  HYP A OD1 
155 N N   . GLY A 24 ? 0.26367489 0.32943422 0.50625561 -0.05978856 0.03754576  0.00878749  24  GLY A N   
156 C CA  . GLY A 24 ? 0.32664031 0.33638277 0.45431943 -0.03097075 0.06336544  0.01936575  24  GLY A CA  
157 C C   . GLY A 24 ? 0.39642024 0.31114568 0.46188959 0.01296183  0.04954834  0.02953739  24  GLY A C   
158 O O   . GLY A 24 ? 0.44271460 0.31344299 0.47114540 0.05566514  -0.02003682 -0.00784738 24  GLY A O   
159 N N   . PRO A 25 ? 0.50203168 0.37127192 0.47138002 0.04372935  0.09980879  -0.00182273 25  PRO A N   
160 C CA  . PRO A 25 ? 0.50674291 0.40148957 0.48565024 0.04594371  0.15411616  0.04374733  25  PRO A CA  
161 C C   . PRO A 25 ? 0.59542438 0.37516127 0.49375221 0.08288996  0.12533731  0.02038008  25  PRO A C   
162 O O   . PRO A 25 ? 0.56117941 0.33417612 0.41685195 0.06411612  0.20316221  0.07702925  25  PRO A O   
163 C CB  . PRO A 25 ? 0.50590573 0.50740039 0.51946195 0.04502202  0.15618224  0.02369646  25  PRO A CB  
164 C CG  . PRO A 25 ? 0.51258670 0.45181049 0.44535527 0.04656012  0.14653258  0.05916478  25  PRO A CG  
165 C CD  . PRO A 25 ? 0.50402117 0.37595222 0.51168075 0.01433042  0.16875427  0.02852682  25  PRO A CD  
166 N N   . HYP A 26 ? 0.57375369 0.42860427 0.53807407 0.10179038  0.10833560  -0.00233976 26  HYP A N   
167 C CA  . HYP A 26 ? 0.49370848 0.41279010 0.53499612 0.04980544  0.09382286  -0.00145102 26  HYP A CA  
168 C C   . HYP A 26 ? 0.33158976 0.40553828 0.45000329 0.01324927  0.11927472  0.04034598  26  HYP A C   
169 O O   . HYP A 26 ? 0.32118379 0.39169893 0.41305545 0.04518852  0.16794253  0.06898062  26  HYP A O   
170 C CB  . HYP A 26 ? 0.54791532 0.42879203 0.54375001 0.04542696  0.08995947  -0.00305308 26  HYP A CB  
171 C CG  . HYP A 26 ? 0.62446827 0.47908811 0.61798199 0.03893193  0.07923318  -0.04915540 26  HYP A CG  
172 C CD  . HYP A 26 ? 0.61792591 0.45050075 0.61810823 0.08114980  0.08288640  -0.05075407 26  HYP A CD  
173 O OD1 . HYP A 26 ? 0.65406481 0.49413467 0.71347572 -0.00606376 0.11667850  -0.09934480 26  HYP A OD1 
174 N N   . GLY A 27 ? 0.24961907 0.36630803 0.36933114 -0.04326214 0.13525182  0.05375426  27  GLY A N   
175 C CA  . GLY A 27 ? 0.21979551 0.37338452 0.34626576 -0.05748943 0.13322064  0.05051032  27  GLY A CA  
176 C C   . GLY A 27 ? 0.23098245 0.35426229 0.34930816 -0.05431685 0.11731537  0.05941181  27  GLY A C   
177 O O   . GLY A 27 ? 0.28046840 0.38509638 0.34367694 -0.02031237 0.16740249  0.08459311  27  GLY A O   
178 N N   . PRO A 28 ? 0.23697381 0.40358823 0.41880431 -0.07296052 0.12325015  0.08502466  28  PRO A N   
179 C CA  . PRO A 28 ? 0.26131491 0.39502686 0.45463053 -0.05171270 0.11176829  0.09905093  28  PRO A CA  
180 C C   . PRO A 28 ? 0.30182645 0.44494488 0.44650386 -0.02369753 0.12462588  0.12852846  28  PRO A C   
181 O O   . PRO A 28 ? 0.25278361 0.34156174 0.41698260 -0.06283680 0.11184511  0.11143738  28  PRO A O   
182 C CB  . PRO A 28 ? 0.26896961 0.42883526 0.53471846 -0.08511671 0.07043975  0.10304031  28  PRO A CB  
183 C CG  . PRO A 28 ? 0.21089926 0.43581245 0.52226509 -0.12952358 0.09618012  0.09873812  28  PRO A CG  
184 C CD  . PRO A 28 ? 0.19520994 0.42662544 0.44696381 -0.10305301 0.11654903  0.08981673  28  PRO A CD  
185 N N   . HYP A 29 ? 0.34978396 0.53928779 0.44361667 -0.01523339 0.15349478  0.14608203  29  HYP A N   
186 C CA  . HYP A 29 ? 0.34927475 0.49965985 0.47171161 -0.01644125 0.18976105  0.17335355  29  HYP A CA  
187 C C   . HYP A 29 ? 0.32770932 0.48217013 0.58801857 -0.04285921 0.14531949  0.14087223  29  HYP A C   
188 O O   . HYP A 29 ? 0.31385696 0.48790908 0.66625968 -0.04924526 0.08379085  0.13472054  29  HYP A O   
189 C CB  . HYP A 29 ? 0.42075203 0.57017344 0.47815051 -0.02686955 0.18831780  0.15294549  29  HYP A CB  
190 C CG  . HYP A 29 ? 0.41123914 0.56609567 0.48377513 -0.02761229 0.18690730  0.14266162  29  HYP A CG  
191 C CD  . HYP A 29 ? 0.33273249 0.54836962 0.44581872 -0.01821067 0.17984723  0.15852543  29  HYP A CD  
192 O OD1 . HYP A 29 ? 0.61293397 0.63174913 0.51659999 0.00679434  0.15395535  0.01674566  29  HYP A OD1 
193 N N   . GLY A 30 ? 0.30674460 0.47655864 0.67828392 -0.06639384 0.13990734  0.15277172  30  GLY A N   
194 C CA  . GLY A 30 ? 0.34030256 0.51054721 0.71035395 -0.07959953 0.18629234  0.16898023  30  GLY A CA  
195 C C   . GLY A 30 ? 0.43767005 0.49651692 0.79207430 -0.10271202 0.17210190  0.22310543  30  GLY A C   
196 O O   . GLY A 30 ? 0.42167942 0.66372580 0.91239514 -0.08516195 0.15064207  0.17175805  30  GLY A O   
197 N N   . GLY B 3  ? 0.53670246 0.61535454 0.56676095 0.03153452  0.15168700  0.13411853  3   GLY B N   
198 C CA  . GLY B 3  ? 0.47907823 0.55631236 0.52239796 0.01066082  0.10117182  0.12561905  3   GLY B CA  
199 C C   . GLY B 3  ? 0.38688082 0.54999675 0.46163577 0.02370064  0.07758958  0.09539341  3   GLY B C   
200 O O   . GLY B 3  ? 0.41266566 0.48374085 0.45829944 0.01749081  0.02584669  0.07253216  3   GLY B O   
201 N N   . PRO B 4  ? 0.30696045 0.49754918 0.43619277 -0.02548667 0.10301047  0.11373403  4   PRO B N   
202 C CA  . PRO B 4  ? 0.27649768 0.52168056 0.45233287 -0.00651763 0.07495117  0.12001816  4   PRO B CA  
203 C C   . PRO B 4  ? 0.26439183 0.47457488 0.40694733 -0.05046628 0.06758360  0.09686678  4   PRO B C   
204 O O   . PRO B 4  ? 0.27048507 0.51837787 0.40385512 -0.04243942 0.00994739  0.08808017  4   PRO B O   
205 C CB  . PRO B 4  ? 0.32458542 0.49391151 0.46930948 -0.00577544 0.11434472  0.13951751  4   PRO B CB  
206 C CG  . PRO B 4  ? 0.31254089 0.45869356 0.50749198 -0.05108847 0.12044889  0.15498540  4   PRO B CG  
207 C CD  . PRO B 4  ? 0.35441902 0.50106739 0.46657924 -0.02677087 0.13065929  0.14019607  4   PRO B CD  
208 N N   . HYP B 5  ? 0.32274033 0.45022862 0.46028244 -0.05978532 0.00158532  0.05852712  5   HYP B N   
209 C CA  . HYP B 5  ? 0.27852264 0.46919519 0.44410998 -0.06482412 0.00342508  0.02446314  5   HYP B CA  
210 C C   . HYP B 5  ? 0.24541567 0.39286804 0.36807002 -0.09160404 0.04648301  0.07067520  5   HYP B C   
211 O O   . HYP B 5  ? 0.30924411 0.45557395 0.32175471 -0.03014232 0.05354083  0.07955774  5   HYP B O   
212 C CB  . HYP B 5  ? 0.32214879 0.49110679 0.48236322 -0.06457902 0.04055362  0.03660047  5   HYP B CB  
213 C CG  . HYP B 5  ? 0.38758043 0.51971324 0.48583921 -0.05562681 0.01228366  0.04287449  5   HYP B CG  
214 C CD  . HYP B 5  ? 0.40730336 0.47639181 0.48674001 -0.05861046 -0.00093956 0.05693982  5   HYP B CD  
215 O OD1 . HYP B 5  ? 0.37567188 0.61742550 0.49690853 -0.03563013 0.00135685  0.05102114  5   HYP B OD1 
216 N N   . GLY B 6  ? 0.24882483 0.37149318 0.35265098 -0.07299935 0.04310464  0.07370041  6   GLY B N   
217 C CA  . GLY B 6  ? 0.25327481 0.36217302 0.32640502 -0.07400236 0.04748846  0.08652056  6   GLY B CA  
218 C C   . GLY B 6  ? 0.25955463 0.38420119 0.27679392 -0.07870490 0.08215725  0.07988521  6   GLY B C   
219 O O   . GLY B 6  ? 0.33119820 0.37763808 0.27556458 -0.02923646 0.06417081  0.04843099  6   GLY B O   
220 N N   . PRO B 7  ? 0.27045449 0.41882425 0.29450603 -0.00432940 0.08707377  0.09765472  7   PRO B N   
221 C CA  . PRO B 7  ? 0.27485292 0.43488912 0.36253157 -0.01749223 0.10086907  0.09324064  7   PRO B CA  
222 C C   . PRO B 7  ? 0.25082317 0.39116960 0.27698820 0.00015843  0.09442006  0.06011926  7   PRO B C   
223 O O   . PRO B 7  ? 0.16795448 0.33314406 0.29961994 -0.07182907 0.10951906  0.05896065  7   PRO B O   
224 C CB  . PRO B 7  ? 0.25324713 0.47756674 0.40837529 -0.02970491 0.11128867  0.09186022  7   PRO B CB  
225 C CG  . PRO B 7  ? 0.29975881 0.50621945 0.34189837 -0.02836395 0.09214673  0.08319853  7   PRO B CG  
226 C CD  . PRO B 7  ? 0.29488105 0.43514772 0.27119076 -0.01722081 0.09962548  0.09213628  7   PRO B CD  
227 N N   . HYP B 8  ? 0.28321375 0.40079844 0.30484745 0.00183778  0.03808370  0.01609351  8   HYP B N   
228 C CA  . HYP B 8  ? 0.29395051 0.37645510 0.32945647 -0.01205141 0.02982218  -0.01123439 8   HYP B CA  
229 C C   . HYP B 8  ? 0.22582044 0.27431414 0.30606977 -0.06606471 0.02919967  0.01511374  8   HYP B C   
230 O O   . HYP B 8  ? 0.18983155 0.28864334 0.31539027 -0.10393042 0.03349779  0.04211167  8   HYP B O   
231 C CB  . HYP B 8  ? 0.36855819 0.41678489 0.37418792 0.00857809  0.01865120  -0.04373565 8   HYP B CB  
232 C CG  . HYP B 8  ? 0.39111388 0.45817320 0.38988314 0.02733672  0.04812337  -0.04591181 8   HYP B CG  
233 C CD  . HYP B 8  ? 0.36951526 0.44269640 0.35079334 0.03088298  0.05871224  -0.02105857 8   HYP B CD  
234 O OD1 . HYP B 8  ? 0.46535394 0.55626540 0.41518552 0.06606482  0.01742172  -0.09445905 8   HYP B OD1 
235 N N   . GLY B 9  ? 0.21946795 0.25212459 0.31230423 -0.05626426 0.04678527  0.01692105  9   GLY B N   
236 C CA  . GLY B 9  ? 0.19657336 0.23209593 0.32776332 -0.07312063 0.05232946  0.02265415  9   GLY B CA  
237 C C   . GLY B 9  ? 0.20996512 0.20484807 0.31548651 -0.08093257 0.04886719  0.03534445  9   GLY B C   
238 O O   . GLY B 9  ? 0.19968860 0.25021945 0.34191269 -0.06618526 0.07459950  0.02875343  9   GLY B O   
239 N N   . LEU B 10 ? 0.20496056 0.23540178 0.32269407 -0.09553187 0.04177995  0.07170068  10  LEU B N   
240 C CA  . LEU B 10 ? 0.21876231 0.24008071 0.32889990 -0.05610847 0.06159467  0.05901229  10  LEU B CA  
241 C C   . LEU B 10 ? 0.15166621 0.24544488 0.34585159 -0.06286784 0.04758724  0.04545442  10  LEU B C   
242 O O   . LEU B 10 ? 0.15431024 0.24617189 0.37215111 -0.08917220 0.04710128  0.07072478  10  LEU B O   
243 C CB  . LEU B 10 ? 0.25175922 0.30156803 0.35620966 -0.06384291 0.03521789  0.05439639  10  LEU B CB  
244 C CG  . LEU B 10 ? 0.29770240 0.31533965 0.41376179 -0.07938350 0.03721415  0.03982558  10  LEU B CG  
245 C CD1 . LEU B 10 ? 0.33283879 0.35316560 0.44483178 -0.09144955 -0.00201735 0.02048262  10  LEU B CD1 
246 C CD2 . LEU B 10 ? 0.26557754 0.35027127 0.45666499 -0.12476326 0.05557033  0.02425826  10  LEU B CD2 
247 N N   . PRO B 11 ? 0.21166493 0.25651083 0.36543155 -0.08174062 0.09439699  0.07329589  11  PRO B N   
248 C CA  . PRO B 11 ? 0.27698909 0.26182604 0.37996232 -0.04960762 0.02216124  0.05624851  11  PRO B CA  
249 C C   . PRO B 11 ? 0.27597996 0.23938587 0.35553100 -0.03352722 0.02590765  0.01613984  11  PRO B C   
250 O O   . PRO B 11 ? 0.26026121 0.22841561 0.33903522 -0.07949677 0.04075884  0.04231368  11  PRO B O   
251 C CB  . PRO B 11 ? 0.32611052 0.28755670 0.37577518 -0.03314422 0.04767137  0.04471278  11  PRO B CB  
252 C CG  . PRO B 11 ? 0.27101556 0.32738738 0.41050647 -0.04273862 0.07840756  0.05189594  11  PRO B CG  
253 C CD  . PRO B 11 ? 0.20297503 0.28967137 0.38822970 -0.07621287 0.10630820  0.05522571  11  PRO B CD  
254 N N   . GLY B 12 ? 0.24540171 0.26236044 0.34421154 -0.05368351 0.00691563  0.00532818  12  GLY B N   
255 C CA  . GLY B 12 ? 0.26162499 0.23960645 0.33354564 -0.02531442 0.03158066  -0.00252357 12  GLY B CA  
256 C C   . GLY B 12 ? 0.28839581 0.21202263 0.31943889 -0.04118938 0.02570655  0.01037297  12  GLY B C   
257 O O   . GLY B 12 ? 0.24776666 0.23500278 0.33964201 -0.03384180 0.02291730  0.02502305  12  GLY B O   
258 N N   . GLN B 13 ? 0.28647551 0.26594565 0.30598066 -0.06271249 0.04401983  0.02348605  13  GLN B N   
259 C CA  . GLN B 13 ? 0.30525712 0.25752615 0.31483899 -0.07639225 0.04537623  0.02901678  13  GLN B CA  
260 C C   . GLN B 13 ? 0.28625149 0.27305109 0.35533291 -0.06107746 0.04832693  0.01663286  13  GLN B C   
261 O O   . GLN B 13 ? 0.32400022 0.22125844 0.36280506 -0.06381520 0.00670105  0.01024544  13  GLN B O   
262 C CB  . GLN B 13 ? 0.39778429 0.32876477 0.34847563 -0.09211458 0.05802021  0.02592838  13  GLN B CB  
263 C CG  . GLN B 13 ? 0.42522899 0.35616879 0.37646429 -0.09911863 0.05694408  0.02434333  13  GLN B CG  
264 C CD  . GLN B 13 ? 0.45439698 0.39752140 0.34564150 -0.15585353 0.05420127  0.02068997  13  GLN B CD  
265 O OE1 . GLN B 13 ? 0.42863915 0.42594498 0.37878820 -0.14487526 -0.01142848 0.02636270  13  GLN B OE1 
266 N NE2 . GLN B 13 ? 0.50577251 0.38536839 0.43628879 -0.24412288 0.05576720  0.01745657  13  GLN B NE2 
267 N N   . ARG B 14 ? 0.24231513 0.25766120 0.35722035 -0.08710894 0.06518162  0.06025982  14  ARG B N   
268 C CA  . ARG B 14 ? 0.25312805 0.30420932 0.34450181 -0.07100027 0.07635713  0.03717582  14  ARG B CA  
269 C C   . ARG B 14 ? 0.24223531 0.24994854 0.31176738 -0.03058811 0.03101149  0.02969392  14  ARG B C   
270 O O   . ARG B 14 ? 0.30292476 0.26895230 0.32197368 -0.02808230 0.02863067  0.00636320  14  ARG B O   
271 C CB  . ARG B 14 ? 0.23033967 0.33901681 0.40246879 -0.11735173 0.07563980  0.03617563  14  ARG B CB  
272 C CG  . ARG B 14 ? 0.29708506 0.39092365 0.43803720 -0.08833145 0.09550498  0.03027909  14  ARG B CG  
273 C CD  . ARG B 14 ? 0.33456750 0.49552408 0.56202432 -0.08939012 0.09234476  0.03029372  14  ARG B CD  
274 N NE  . ARG B 14 ? 0.33040290 0.57368192 0.61534879 -0.18660467 0.15876326  0.04957033  14  ARG B NE  
275 C CZ  . ARG B 14 ? 0.44187544 0.58760227 0.62267591 -0.23682165 0.16563617  0.04374152  14  ARG B CZ  
276 N NH1 . ARG B 14 ? 0.43112080 0.70402840 0.67680896 -0.28468249 0.22278312  0.05213835  14  ARG B NH1 
277 N NH2 . ARG B 14 ? 0.56178747 0.61964514 0.63829820 -0.29517748 0.07116692  0.03130431  14  ARG B NH2 
278 N N   . GLY B 15 ? 0.24952814 0.22567580 0.30276138 -0.02677470 0.05401916  0.04333217  15  GLY B N   
279 C CA  . GLY B 15 ? 0.20913689 0.24404887 0.30399842 -0.02827963 0.05558069  0.04754460  15  GLY B CA  
280 C C   . GLY B 15 ? 0.23495407 0.25024269 0.29844425 -0.02689744 0.03616753  0.02027169  15  GLY B C   
281 O O   . GLY B 15 ? 0.21791460 0.27801035 0.32609864 -0.04170246 0.05282166  0.02548925  15  GLY B O   
282 N N   . GLU B 16 ? 0.21549281 0.23834609 0.27469593 -0.04315734 0.04536544  0.00981942  16  GLU B N   
283 C CA  . GLU B 16 ? 0.22118320 0.22721243 0.27861923 -0.06504236 0.06903360  0.03630853  16  GLU B CA  
284 C C   . GLU B 16 ? 0.20609504 0.23172672 0.20803732 -0.05368139 0.04837698  0.03026818  16  GLU B C   
285 O O   . GLU B 16 ? 0.16168980 0.24263424 0.24202544 -0.06926425 0.05834227  0.02367003  16  GLU B O   
286 C CB  . GLU B 16 ? 0.33708918 0.25350349 0.27634829 -0.00997020 0.04994493  0.03757779  16  GLU B CB  
287 C CG  . GLU B 16 ? 0.36566544 0.25996140 0.28574851 -0.03226729 0.06538754  0.01628631  16  GLU B CG  
288 C CD  . GLU B 16 ? 0.45190949 0.30031194 0.27939593 -0.01619708 0.07022950  -0.00563121 16  GLU B CD  
289 O OE1 . GLU B 16 ? 0.48905990 0.32636823 0.32954206 -0.11418023 0.06923744  0.05232788  16  GLU B OE1 
290 O OE2 . GLU B 16 ? 0.43530155 0.36939473 0.30396356 -0.04244860 0.05801141  0.00662946  16  GLU B OE2 
291 N N   . ARG B 17 ? 0.16725232 0.25064728 0.26088295 -0.06753032 0.04399116  0.00873349  17  ARG B N   
292 C CA  . ARG B 17 ? 0.18408286 0.22592506 0.26966563 -0.05325725 0.02625804  0.00991711  17  ARG B CA  
293 C C   . ARG B 17 ? 0.16406252 0.22016789 0.23305416 -0.05145482 0.04478619  -0.00230218 17  ARG B C   
294 O O   . ARG B 17 ? 0.19468548 0.23023767 0.23602314 -0.02295713 0.05173394  -0.00752977 17  ARG B O   
295 C CB  . ARG B 17 ? 0.18518752 0.27793796 0.30466924 -0.05113542 0.04101344  0.03135445  17  ARG B CB  
296 C CG  . ARG B 17 ? 0.19922336 0.28430175 0.34138879 -0.05388124 0.03240543  0.03498707  17  ARG B CG  
297 C CD  . ARG B 17 ? 0.19704694 0.29241580 0.37630349 -0.06585827 0.02449340  0.03941181  17  ARG B CD  
298 N NE  . ARG B 17 ? 0.20569164 0.30369322 0.41359547 -0.08970787 0.02316066  0.02748909  17  ARG B NE  
299 C CZ  . ARG B 17 ? 0.23591543 0.36995632 0.43138383 -0.14397831 0.04534486  0.01351065  17  ARG B CZ  
300 N NH1 . ARG B 17 ? 0.14838976 0.44764971 0.43371977 -0.13750634 0.07760304  -0.00109377 17  ARG B NH1 
301 N NH2 . ARG B 17 ? 0.29301068 0.36963621 0.45116156 -0.16351788 0.03668582  0.03146798  17  ARG B NH2 
302 N N   . GLY B 18 ? 0.13707992 0.22881012 0.22860038 -0.06777272 0.07386795  0.02398963  18  GLY B N   
303 C CA  . GLY B 18 ? 0.15476756 0.22788610 0.22273242 -0.07010349 0.07438769  0.02365925  18  GLY B CA  
304 C C   . GLY B 18 ? 0.16237351 0.22950691 0.24776847 -0.04574783 0.06837225  0.02618204  18  GLY B C   
305 O O   . GLY B 18 ? 0.15793489 0.25601560 0.25100952 -0.03118709 0.06607688  0.03748503  18  GLY B O   
306 N N   . PHE B 19 ? 0.14208238 0.24238567 0.26342414 -0.05886432 0.06198177  0.04172392  19  PHE B N   
307 C CA  . PHE B 19 ? 0.17532262 0.25760739 0.26191301 -0.03507717 0.06858842  0.03136142  19  PHE B CA  
308 C C   . PHE B 19 ? 0.17692434 0.19717307 0.23747113 -0.05647021 0.08447048  0.04824444  19  PHE B C   
309 O O   . PHE B 19 ? 0.14977253 0.25077713 0.28218797 -0.03457264 0.03984126  0.00810911  19  PHE B O   
310 C CB  . PHE B 19 ? 0.15452984 0.28618469 0.29629636 -0.03826707 0.07645777  0.03428101  19  PHE B CB  
311 C CG  . PHE B 19 ? 0.26124212 0.34018735 0.30753739 -0.04553075 0.05966113  0.02813594  19  PHE B CG  
312 C CD1 . PHE B 19 ? 0.27619941 0.34056909 0.31761306 -0.06851745 0.05847903  0.03691588  19  PHE B CD1 
313 C CD2 . PHE B 19 ? 0.34008052 0.34505956 0.34562907 -0.06375375 0.06879109  0.03656165  19  PHE B CD2 
314 C CE1 . PHE B 19 ? 0.31182072 0.32999545 0.32512274 -0.07749189 0.02411208  0.03114357  19  PHE B CE1 
315 C CE2 . PHE B 19 ? 0.30064352 0.33963148 0.33056051 -0.08736820 0.06253440  0.03454012  19  PHE B CE2 
316 C CZ  . PHE B 19 ? 0.31879987 0.33948462 0.32624807 -0.06786207 0.08550747  0.03088947  19  PHE B CZ  
317 N N   . PRO B 20 ? 0.18342089 0.23888081 0.25641895 -0.06223445 0.06729526  0.03408334  20  PRO B N   
318 C CA  . PRO B 20 ? 0.21301421 0.24020697 0.27653654 -0.03732041 0.06131830  0.03476689  20  PRO B CA  
319 C C   . PRO B 20 ? 0.15879126 0.24250644 0.28908882 -0.04110148 0.04623692  0.03160804  20  PRO B C   
320 O O   . PRO B 20 ? 0.14252812 0.24293413 0.30678356 -0.04158950 0.07202631  0.06474215  20  PRO B O   
321 C CB  . PRO B 20 ? 0.21794573 0.27990879 0.32726565 -0.03657906 0.02531244  0.02574911  20  PRO B CB  
322 C CG  . PRO B 20 ? 0.28393237 0.32260748 0.32281943 -0.02403790 0.03361292  0.02459798  20  PRO B CG  
323 C CD  . PRO B 20 ? 0.20351657 0.31182451 0.30067202 -0.03354973 0.07726138  0.01810772  20  PRO B CD  
324 N N   . GLY B 21 ? 0.15652966 0.25416914 0.32143167 -0.04033144 0.04246200  0.01975181  21  GLY B N   
325 C CA  . GLY B 21 ? 0.17543908 0.25887559 0.30330508 -0.04304121 0.03024750  0.02788668  21  GLY B CA  
326 C C   . GLY B 21 ? 0.16094162 0.29122680 0.28823438 -0.04552296 0.06934775  0.02316652  21  GLY B C   
327 O O   . GLY B 21 ? 0.19438569 0.28349089 0.29670198 -0.02328808 0.06503190  0.04838895  21  GLY B O   
328 N N   . PRO B 22 ? 0.20255555 0.26498298 0.33246901 -0.03828515 0.06200595  0.05106878  22  PRO B N   
329 C CA  . PRO B 22 ? 0.22110345 0.25776913 0.35854131 -0.02746708 0.06586939  0.05322072  22  PRO B CA  
330 C C   . PRO B 22 ? 0.21741828 0.30634994 0.40026901 0.01666253  0.08874064  0.04335894  22  PRO B C   
331 O O   . PRO B 22 ? 0.19719984 0.25199442 0.40113575 -0.00784873 0.09485003  0.06908795  22  PRO B O   
332 C CB  . PRO B 22 ? 0.20548296 0.28653970 0.39033630 -0.05846064 0.05449488  0.03889925  22  PRO B CB  
333 C CG  . PRO B 22 ? 0.22069738 0.27907583 0.38310977 -0.08922324 0.08371606  0.03259750  22  PRO B CG  
334 C CD  . PRO B 22 ? 0.18988948 0.27144761 0.35067557 -0.08258783 0.07014265  0.02793039  22  PRO B CD  
335 N N   . HYP B 23 ? 0.25211844 0.35800300 0.41302722 0.04588163  0.10712621  0.06714734  23  HYP B N   
336 C CA  . HYP B 23 ? 0.24617283 0.33099314 0.40252324 0.02117694  0.10596649  0.09756274  23  HYP B CA  
337 C C   . HYP B 23 ? 0.22735879 0.27105634 0.42400507 -0.00249608 0.04818224  0.06152456  23  HYP B C   
338 O O   . HYP B 23 ? 0.21626339 0.32855400 0.43520472 -0.02373758 0.05472360  0.06789173  23  HYP B O   
339 C CB  . HYP B 23 ? 0.38766430 0.43208622 0.39884246 0.02227144  0.10759016  0.08841155  23  HYP B CB  
340 C CG  . HYP B 23 ? 0.33985456 0.44087297 0.43047944 0.04192299  0.09752955  0.09187288  23  HYP B CG  
341 C CD  . HYP B 23 ? 0.27511622 0.45064408 0.41690169 0.05988119  0.11362679  0.06117060  23  HYP B CD  
342 O OD1 . HYP B 23 ? 0.47202314 0.47907972 0.43343108 0.11032319  0.06658368  0.00692963  23  HYP B OD1 
343 N N   . GLY B 24 ? 0.19640984 0.26458134 0.44601220 -0.05251673 0.06545597  0.06347082  24  GLY B N   
344 C CA  . GLY B 24 ? 0.22807970 0.29811641 0.46822929 -0.04461308 0.05380213  0.05165636  24  GLY B CA  
345 C C   . GLY B 24 ? 0.30545416 0.31970233 0.53041363 0.01321546  0.01292586  0.07684538  24  GLY B C   
346 O O   . GLY B 24 ? 0.21436675 0.30781031 0.58216992 -0.04671906 0.05257157  0.15112708  24  GLY B O   
347 N N   . PRO B 25 ? 0.45659019 0.33845972 0.62047836 0.03732899  -0.05264151 0.04420725  25  PRO B N   
348 C CA  . PRO B 25 ? 0.44233041 0.36560858 0.65404195 0.02520224  -0.06831707 0.05884705  25  PRO B CA  
349 C C   . PRO B 25 ? 0.34537576 0.31670841 0.62294157 -0.05505364 -0.05944951 0.04490015  25  PRO B C   
350 O O   . PRO B 25 ? 0.25230234 0.26255992 0.49390806 -0.03522366 0.01032549  0.02688234  25  PRO B O   
351 C CB  . PRO B 25 ? 0.57287308 0.43025487 0.66085656 0.02543673  -0.08825900 0.04797598  25  PRO B CB  
352 C CG  . PRO B 25 ? 0.59344586 0.45260538 0.69762543 0.03008865  -0.06481247 0.00531191  25  PRO B CG  
353 C CD  . PRO B 25 ? 0.51838167 0.37622401 0.65103947 0.07437615  -0.04727257 0.03679193  25  PRO B CD  
354 N N   . HYP B 26 ? 0.24324905 0.35311540 0.66213231 -0.06418964 0.05300117  0.07709229  26  HYP B N   
355 C CA  . HYP B 26 ? 0.26968489 0.34512780 0.59189410 -0.06644041 0.05164007  0.04846686  26  HYP B CA  
356 C C   . HYP B 26 ? 0.27327849 0.27268156 0.46550643 -0.04541449 0.05643672  0.06715275  26  HYP B C   
357 O O   . HYP B 26 ? 0.44770756 0.32434244 0.48771451 0.00220880  -0.00129043 0.02262004  26  HYP B O   
358 C CB  . HYP B 26 ? 0.29064893 0.33383575 0.65624276 -0.04147372 0.07094838  0.05208088  26  HYP B CB  
359 C CG  . HYP B 26 ? 0.23249289 0.40854832 0.66797955 -0.07531056 0.09073424  0.05321510  26  HYP B CG  
360 C CD  . HYP B 26 ? 0.29806171 0.40174023 0.66437625 -0.05789676 0.01087763  0.03701133  26  HYP B CD  
361 O OD1 . HYP B 26 ? 0.29587925 0.43915581 0.62229881 -0.04923317 0.13185930  0.04727612  26  HYP B OD1 
362 N N   . GLY B 27 ? 0.18339398 0.27451950 0.44162261 -0.05872958 0.06895754  0.06624997  27  GLY B N   
363 C CA  . GLY B 27 ? 0.20119396 0.29995012 0.42869675 -0.06947610 0.08706340  0.07383944  27  GLY B CA  
364 C C   . GLY B 27 ? 0.23605134 0.27719975 0.39898883 -0.04854405 0.05748793  0.06291831  27  GLY B C   
365 O O   . GLY B 27 ? 0.20542831 0.30834390 0.41790544 -0.07542986 0.06838877  0.03717371  27  GLY B O   
366 N N   . PRO B 28 ? 0.30572838 0.28803047 0.40175504 -0.03162324 0.04781042  0.01608747  28  PRO B N   
367 C CA  . PRO B 28 ? 0.31711203 0.30119528 0.42103530 -0.03252780 0.06406343  0.00354021  28  PRO B CA  
368 C C   . PRO B 28 ? 0.27876776 0.27244514 0.40413721 -0.02046632 0.01272497  0.00435687  28  PRO B C   
369 O O   . PRO B 28 ? 0.21397913 0.30105734 0.37437576 -0.04677916 0.06967281  0.00840368  28  PRO B O   
370 C CB  . PRO B 28 ? 0.37059357 0.35254928 0.42669532 0.00779859  0.08903261  -0.00738465 28  PRO B CB  
371 C CG  . PRO B 28 ? 0.39632363 0.38226660 0.49335357 -0.00802645 0.10901031  0.00662240  28  PRO B CG  
372 C CD  . PRO B 28 ? 0.31017088 0.35236626 0.44001635 -0.01501847 0.11433265  0.02608341  28  PRO B CD  
373 N N   . HYP B 29 ? 0.31292167 0.31790016 0.46883474 -0.04818775 0.01257640  0.01042403  29  HYP B N   
374 C CA  . HYP B 29 ? 0.28656305 0.31278275 0.43335061 -0.05839215 0.01210439  0.03801348  29  HYP B CA  
375 C C   . HYP B 29 ? 0.29820961 0.35250437 0.37713801 -0.04166451 0.03568943  0.04035961  29  HYP B C   
376 O O   . HYP B 29 ? 0.27404222 0.38961605 0.39560768 -0.02209372 0.03786278  0.02644195  29  HYP B O   
377 C CB  . HYP B 29 ? 0.38127645 0.35134372 0.51619808 -0.05937360 -0.03165498 0.01545011  29  HYP B CB  
378 C CG  . HYP B 29 ? 0.40591174 0.41145168 0.53288823 -0.06139125 -0.02829533 0.01083936  29  HYP B CG  
379 C CD  . HYP B 29 ? 0.42503913 0.40885772 0.51154244 -0.04865525 -0.02383301 0.00442742  29  HYP B CD  
380 O OD1 . HYP B 29 ? 0.32048483 0.46490149 0.60619116 -0.14671705 -0.01259340 0.04166004  29  HYP B OD1 
381 N N   . GLY B 30 ? 0.28049525 0.36460387 0.36814867 -0.05216817 0.07617428  0.07408241  30  GLY B N   
382 C CA  . GLY B 30 ? 0.29061442 0.44427464 0.39013190 -0.03298530 0.08945558  0.07232199  30  GLY B CA  
383 C C   . GLY B 30 ? 0.40187308 0.41421550 0.38667365 -0.05706045 0.11114645  0.04449751  30  GLY B C   
384 O O   . GLY B 30 ? 0.42059976 0.44616833 0.43169838 -0.02482115 0.06103258  0.06119830  30  GLY B O   
385 N N   . PRO C 1  ? 0.45968845 0.43941832 0.50549784 -0.07665341 -0.01848442 0.03274581  1   PRO C N   
386 C CA  . PRO C 1  ? 0.45497778 0.41983944 0.53224033 -0.08121741 0.02978517  0.06112507  1   PRO C CA  
387 C C   . PRO C 1  ? 0.31055348 0.40551014 0.51552339 -0.09448214 0.07249558  0.10405628  1   PRO C C   
388 O O   . PRO C 1  ? 0.33008623 0.41792749 0.50258882 -0.09001450 0.10604722  0.14778184  1   PRO C O   
389 C CB  . PRO C 1  ? 0.49198705 0.39664294 0.54024519 -0.09093753 0.01686062  0.04991562  1   PRO C CB  
390 C CG  . PRO C 1  ? 0.54335248 0.38121993 0.55412226 -0.09886376 0.01542362  0.02277076  1   PRO C CG  
391 C CD  . PRO C 1  ? 0.51785025 0.36268486 0.54725690 -0.11004563 0.01051352  0.03688423  1   PRO C CD  
392 N N   . HYP C 2  ? 0.29373085 0.38858600 0.48989500 -0.09540243 0.08356108  0.10750142  2   HYP C N   
393 C CA  . HYP C 2  ? 0.31723690 0.38590525 0.45940613 -0.07798047 0.04459142  0.13271141  2   HYP C CA  
394 C C   . HYP C 2  ? 0.34537615 0.39282654 0.46876365 -0.07189353 0.04485599  0.09598666  2   HYP C C   
395 O O   . HYP C 2  ? 0.35250885 0.34555873 0.53800082 -0.06508892 0.02189160  0.10924531  2   HYP C O   
396 C CB  . HYP C 2  ? 0.33173343 0.36007861 0.48533454 -0.07481398 0.08767277  0.13268803  2   HYP C CB  
397 C CG  . HYP C 2  ? 0.37348957 0.39191393 0.46656130 -0.08713302 0.07296659  0.12600394  2   HYP C CG  
398 C CD  . HYP C 2  ? 0.28877175 0.34239123 0.48255804 -0.12891984 0.10743538  0.12431104  2   HYP C CD  
399 O OD1 . HYP C 2  ? 0.42252402 0.40441018 0.45719634 -0.06330745 0.02403397  0.12132996  2   HYP C OD1 
400 N N   . GLY C 3  ? 0.25691822 0.37444096 0.36971039 -0.05361533 0.02776957  0.09866932  3   GLY C N   
401 C CA  . GLY C 3  ? 0.29325902 0.33863382 0.35708473 -0.04895814 0.02818593  0.07679082  3   GLY C CA  
402 C C   . GLY C 3  ? 0.28707132 0.31446852 0.34808132 -0.06352775 0.02653678  0.05502493  3   GLY C C   
403 O O   . GLY C 3  ? 0.27662806 0.34648309 0.35868850 -0.09187744 0.01166720  0.07955693  3   GLY C O   
404 N N   . PRO C 4  ? 0.27770311 0.30810305 0.34604712 -0.10638617 0.05278204  0.03948637  4   PRO C N   
405 C CA  . PRO C 4  ? 0.26259465 0.31182727 0.34667861 -0.12200681 0.07820869  0.03938464  4   PRO C CA  
406 C C   . PRO C 4  ? 0.25969454 0.31696445 0.30439017 -0.09960883 0.04902170  0.03540940  4   PRO C C   
407 O O   . PRO C 4  ? 0.27480924 0.26455747 0.31250846 -0.08520199 0.01992536  0.05284955  4   PRO C O   
408 C CB  . PRO C 4  ? 0.37762888 0.35813291 0.36512998 -0.04665891 0.05614561  -0.00357317 4   PRO C CB  
409 C CG  . PRO C 4  ? 0.38095657 0.42885679 0.37420427 -0.07033001 0.05042348  -0.00212893 4   PRO C CG  
410 C CD  . PRO C 4  ? 0.33177586 0.37221185 0.36772850 -0.06411809 0.03632979  0.02593816  4   PRO C CD  
411 N N   . HYP C 5  ? 0.25702461 0.31397790 0.33818189 -0.10738371 0.03477788  0.05312939  5   HYP C N   
412 C CA  . HYP C 5  ? 0.27296329 0.33130144 0.33759009 -0.07949412 0.03124735  0.05915594  5   HYP C CA  
413 C C   . HYP C 5  ? 0.25577253 0.26555043 0.29304473 -0.05978260 0.03617208  0.02769557  5   HYP C C   
414 O O   . HYP C 5  ? 0.29746030 0.26898614 0.27097391 -0.06574776 0.05164924  0.01432849  5   HYP C O   
415 C CB  . HYP C 5  ? 0.28532991 0.38538745 0.37200141 -0.08160215 0.01211076  0.06844643  5   HYP C CB  
416 C CG  . HYP C 5  ? 0.30742719 0.38275748 0.34432624 -0.08940746 0.05190572  0.08795981  5   HYP C CG  
417 C CD  . HYP C 5  ? 0.31229808 0.35470368 0.34250314 -0.09716112 0.01042209  0.05792514  5   HYP C CD  
418 O OD1 . HYP C 5  ? 0.26368440 0.58276421 0.38946972 -0.13406271 0.07435969  0.09059151  5   HYP C OD1 
419 N N   . GLY C 6  ? 0.23224796 0.27124359 0.25629362 -0.07079065 0.06768486  0.04782671  6   GLY C N   
420 C CA  . GLY C 6  ? 0.19405895 0.27936615 0.26221979 -0.07840582 0.05583695  0.03630209  6   GLY C CA  
421 C C   . GLY C 6  ? 0.23960063 0.27603883 0.25420589 -0.05772394 0.04678245  0.02876143  6   GLY C C   
422 O O   . GLY C 6  ? 0.23133487 0.29324040 0.25828244 -0.06187357 0.04385984  0.03602160  6   GLY C O   
423 N N   . PRO C 7  ? 0.27866729 0.27259885 0.29369233 -0.05076862 0.05906537  0.03803214  7   PRO C N   
424 C CA  . PRO C 7  ? 0.25088711 0.28148666 0.29925781 -0.08056423 0.07719227  0.04815960  7   PRO C CA  
425 C C   . PRO C 7  ? 0.24880981 0.24778558 0.30796355 -0.12271483 0.08020477  0.06388639  7   PRO C C   
426 O O   . PRO C 7  ? 0.28227470 0.26654199 0.31531689 -0.09480352 0.05496838  0.04631438  7   PRO C O   
427 C CB  . PRO C 7  ? 0.26191323 0.29439112 0.31269663 -0.08767725 0.10011368  0.03306768  7   PRO C CB  
428 C CG  . PRO C 7  ? 0.31891284 0.29802898 0.28941311 -0.08921741 0.09407339  0.03521099  7   PRO C CG  
429 C CD  . PRO C 7  ? 0.27974094 0.25697696 0.31997847 -0.07206918 0.06125358  0.02479011  7   PRO C CD  
430 N N   . HYP C 8  ? 0.28260193 0.32249294 0.35655152 -0.05913872 0.05633715  0.07111186  8   HYP C N   
431 C CA  . HYP C 8  ? 0.34973197 0.28999359 0.36905423 -0.05402982 0.03204297  0.07225138  8   HYP C CA  
432 C C   . HYP C 8  ? 0.26343699 0.24801873 0.35625512 -0.05049655 0.06860388  0.08200346  8   HYP C C   
433 O O   . HYP C 8  ? 0.25281626 0.27212913 0.41026894 -0.03654715 0.12710139  0.08226669  8   HYP C O   
434 C CB  . HYP C 8  ? 0.40780055 0.31849769 0.41101984 -0.05255691 -0.02670073 0.06480038  8   HYP C CB  
435 C CG  . HYP C 8  ? 0.40569273 0.31450746 0.42834706 -0.07003444 -0.05089513 0.06209443  8   HYP C CG  
436 C CD  . HYP C 8  ? 0.37412690 0.34298882 0.40710361 -0.05262005 0.00688384  0.06739072  8   HYP C CD  
437 O OD1 . HYP C 8  ? 0.42967900 0.30281295 0.45373284 -0.09924644 -0.06002510 0.05026507  8   HYP C OD1 
438 N N   . GLY C 9  ? 0.21714738 0.27463980 0.34761905 -0.07999794 0.10273485  0.07786838  9   GLY C N   
439 C CA  . GLY C 9  ? 0.20315972 0.28855218 0.31602456 -0.08285022 0.07531858  0.05463379  9   GLY C CA  
440 C C   . GLY C 9  ? 0.18218066 0.28539575 0.27589937 -0.05955922 0.06479011  0.03698554  9   GLY C C   
441 O O   . GLY C 9  ? 0.25480936 0.27712167 0.27712470 -0.06829871 0.07081989  0.07134407  9   GLY C O   
442 N N   . LEU C 10 ? 0.22776027 0.30187221 0.29729024 -0.06226056 0.03604099  0.04289636  10  LEU C N   
443 C CA  . LEU C 10 ? 0.23082181 0.25917526 0.30060414 -0.05974931 0.03072092  0.05953028  10  LEU C CA  
444 C C   . LEU C 10 ? 0.22277776 0.24236591 0.28704574 -0.03842177 0.05253117  0.05465133  10  LEU C C   
445 O O   . LEU C 10 ? 0.23097120 0.24801390 0.31146167 -0.03997970 0.05660874  0.04602941  10  LEU C O   
446 C CB  . LEU C 10 ? 0.26308149 0.27550232 0.34287619 -0.07033265 0.01632277  0.04049009  10  LEU C CB  
447 C CG  . LEU C 10 ? 0.27777027 0.32388958 0.33524945 -0.07378332 0.02191940  0.03561459  10  LEU C CG  
448 C CD1 . LEU C 10 ? 0.27054333 0.39566921 0.39932558 -0.10595232 0.00994385  0.00419294  10  LEU C CD1 
449 C CD2 . LEU C 10 ? 0.26280269 0.36968096 0.33270946 -0.04932182 0.01834943  -0.00568624 10  LEU C CD2 
450 N N   . PRO C 11 ? 0.23845740 0.27371582 0.28424749 -0.04060332 0.05013371  0.04634661  11  PRO C N   
451 C CA  . PRO C 11 ? 0.24006564 0.24088226 0.28058865 -0.04602024 0.08898825  0.07061824  11  PRO C CA  
452 C C   . PRO C 11 ? 0.24208661 0.23644569 0.31745527 -0.02933109 0.05116136  0.03722332  11  PRO C C   
453 O O   . PRO C 11 ? 0.23442378 0.23307586 0.34902498 -0.03545432 0.03161906  0.02625635  11  PRO C O   
454 C CB  . PRO C 11 ? 0.33899832 0.31281980 0.29270735 -0.00338454 0.04993333  0.06412131  11  PRO C CB  
455 C CG  . PRO C 11 ? 0.31846937 0.32482775 0.31242456 -0.02351640 0.07077934  0.06562098  11  PRO C CG  
456 C CD  . PRO C 11 ? 0.28555390 0.33374055 0.29414943 -0.00696988 0.05681122  0.06033224  11  PRO C CD  
457 N N   . GLY C 12 ? 0.21739592 0.23558712 0.32255122 -0.07186078 0.07018143  0.03798772  12  GLY C N   
458 C CA  . GLY C 12 ? 0.23502524 0.24220629 0.28641424 -0.05946950 0.08468066  0.04717258  12  GLY C CA  
459 C C   . GLY C 12 ? 0.18603414 0.24240884 0.26893884 -0.05228056 0.07932039  0.04693202  12  GLY C C   
460 O O   . GLY C 12 ? 0.23604090 0.26325360 0.29947903 -0.06198667 0.07702339  0.03324663  12  GLY C O   
461 N N   . GLN C 13 ? 0.16051492 0.25429052 0.29412367 -0.05899918 0.06153323  0.05454723  13  GLN C N   
462 C CA  A GLN C 13 ? 0.18581521 0.24422226 0.26634964 -0.05244891 0.06510112  0.05953361  13  GLN C CA  
463 C CA  B GLN C 13 ? 0.19100487 0.25228121 0.28518998 -0.05490682 0.06824208  0.06695468  13  GLN C CA  
464 C C   . GLN C 13 ? 0.18123169 0.24323211 0.26737762 -0.03602096 0.06632377  0.05328878  13  GLN C C   
465 O O   . GLN C 13 ? 0.15470476 0.25326165 0.26834580 -0.04896276 0.06126026  0.06130495  13  GLN C O   
466 C CB  A GLN C 13 ? 0.20679387 0.25620621 0.26320825 -0.05122862 0.05300771  0.05301671  13  GLN C CB  
467 C CB  B GLN C 13 ? 0.22584588 0.27955160 0.29795835 -0.05906466 0.06420732  0.05993342  13  GLN C CB  
468 C CG  A GLN C 13 ? 0.20786311 0.24973662 0.23809378 -0.04251077 0.04572162  0.02936149  13  GLN C CG  
469 C CG  B GLN C 13 ? 0.28245554 0.29130779 0.31890184 -0.05187191 0.05918254  0.05127825  13  GLN C CG  
470 C CD  A GLN C 13 ? 0.22527600 0.26867294 0.26087862 -0.02800201 0.04095974  0.00743183  13  GLN C CD  
471 C CD  B GLN C 13 ? 0.30567949 0.31880317 0.36704758 -0.06336537 0.05998955  0.03297227  13  GLN C CD  
472 O OE1 A GLN C 13 ? 0.19262705 0.28009970 0.25170609 -0.05248080 0.04044347  -0.01346257 13  GLN C OE1 
473 O OE1 B GLN C 13 ? 0.32418115 0.31980797 0.41181684 0.00596028  0.08045223  -0.03171109 13  GLN C OE1 
474 N NE2 A GLN C 13 ? 0.25622703 0.26836855 0.29246001 -0.03300322 0.01510959  -0.00355982 13  GLN C NE2 
475 N NE2 B GLN C 13 ? 0.32906715 0.33134372 0.38463941 -0.11060314 0.05723449  0.03158457  13  GLN C NE2 
476 N N   . ARG C 14 ? 0.17809376 0.20868854 0.24930780 -0.03341213 0.04972992  0.04825039  14  ARG C N   
477 C CA  . ARG C 14 ? 0.15606677 0.20580948 0.23464502 -0.04264414 0.06157183  0.03493479  14  ARG C CA  
478 C C   . ARG C 14 ? 0.16716629 0.22494007 0.22734644 -0.05027856 0.04312286  0.02650602  14  ARG C C   
479 O O   . ARG C 14 ? 0.18920585 0.21098104 0.27816432 -0.05055228 0.02669648  0.01674706  14  ARG C O   
480 C CB  . ARG C 14 ? 0.15263912 0.22265881 0.22341272 -0.04910293 0.06482577  0.02300010  14  ARG C CB  
481 C CG  . ARG C 14 ? 0.14287562 0.21890916 0.22888053 -0.06241451 0.06453351  0.02941760  14  ARG C CG  
482 C CD  . ARG C 14 ? 0.18886543 0.20981491 0.21792062 -0.05463717 0.04869974  0.02300764  14  ARG C CD  
483 N NE  . ARG C 14 ? 0.17556951 0.22922101 0.23480881 -0.04939008 0.06244474  0.02692109  14  ARG C NE  
484 C CZ  . ARG C 14 ? 0.15691406 0.26841284 0.22127240 -0.06219166 0.05329306  0.01065460  14  ARG C CZ  
485 N NH1 . ARG C 14 ? 0.17000805 0.25902551 0.23882807 -0.08728486 0.08225579  0.05253976  14  ARG C NH1 
486 N NH2 . ARG C 14 ? 0.19534428 0.26282884 0.24872052 -0.05182005 0.04419536  0.03101550  14  ARG C NH2 
487 N N   . GLY C 15 ? 0.14475547 0.19463949 0.27061783 -0.07874908 0.04051121  0.01957552  15  GLY C N   
488 C CA  . GLY C 15 ? 0.15249409 0.19789936 0.25976994 -0.08233685 0.04983163  0.02257150  15  GLY C CA  
489 C C   . GLY C 15 ? 0.19519429 0.18847222 0.23510776 -0.04773605 0.06097556  0.02392808  15  GLY C C   
490 O O   . GLY C 15 ? 0.16725102 0.20617712 0.24819355 -0.06524463 0.07033530  0.04416151  15  GLY C O   
491 N N   . GLU C 16 ? 0.20192561 0.22055272 0.24050824 -0.04631972 0.03674529  0.01847671  16  GLU C N   
492 C CA  . GLU C 16 ? 0.17042740 0.23997783 0.27134267 -0.05873291 0.02890852  0.00564008  16  GLU C CA  
493 C C   . GLU C 16 ? 0.15859102 0.20986296 0.27842946 -0.05197175 0.02304408  0.02463801  16  GLU C C   
494 O O   . GLU C 16 ? 0.15399781 0.25201698 0.27592561 -0.05057327 0.03340488  0.00383217  16  GLU C O   
495 C CB  . GLU C 16 ? 0.24224871 0.26564891 0.27589498 -0.04264557 0.01207958  0.00396054  16  GLU C CB  
496 C CG  . GLU C 16 ? 0.24463418 0.28665395 0.29486666 -0.04920571 0.01135715  0.00461193  16  GLU C CG  
497 C CD  . GLU C 16 ? 0.23298431 0.30535597 0.28098548 -0.07513434 0.05079744  0.02119693  16  GLU C CD  
498 O OE1 . GLU C 16 ? 0.28295478 0.32699623 0.33186677 -0.04756388 0.06853448  0.01945965  16  GLU C OE1 
499 O OE2 . GLU C 16 ? 0.33084616 0.33829491 0.30278620 -0.05016451 0.04635080  0.03004251  16  GLU C OE2 
500 N N   A ARG C 17 ? 0.14137697 0.22236418 0.27374424 -0.06661778 0.01637123  0.02564748  17  ARG C N   
501 N N   B ARG C 17 ? 0.13268475 0.23506939 0.30782380 -0.07899406 0.02740328  0.02545229  17  ARG C N   
502 C CA  A ARG C 17 ? 0.11779576 0.21878520 0.26238863 -0.06707747 0.02053349  0.02041745  17  ARG C CA  
503 C CA  B ARG C 17 ? 0.09537854 0.23654722 0.30751596 -0.08808098 0.04079922  0.02951173  17  ARG C CA  
504 C C   A ARG C 17 ? 0.14838571 0.22459101 0.26634863 -0.03879973 0.03643425  0.02638867  17  ARG C C   
505 C C   B ARG C 17 ? 0.13918060 0.23707855 0.28990920 -0.04569307 0.04713683  0.02996691  17  ARG C C   
506 O O   A ARG C 17 ? 0.13369813 0.25167303 0.27966778 -0.06665350 0.02822412  0.00410743  17  ARG C O   
507 O O   B ARG C 17 ? 0.13043075 0.26685528 0.30468329 -0.07098106 0.05580434  0.00933126  17  ARG C O   
508 C CB  A ARG C 17 ? 0.13752000 0.22251495 0.22823229 -0.07169017 0.02559038  0.02074246  17  ARG C CB  
509 C CB  B ARG C 17 ? 0.11286706 0.26713082 0.32212626 -0.10462384 0.06648391  0.02998111  17  ARG C CB  
510 C CG  A ARG C 17 ? 0.14497116 0.22849849 0.22399014 -0.05660629 0.02691382  0.01077785  17  ARG C CG  
511 C CG  B ARG C 17 ? 0.13551161 0.30426618 0.35414573 -0.07418565 0.05814254  0.02691350  17  ARG C CG  
512 C CD  A ARG C 17 ? 0.15479784 0.21500683 0.23030790 -0.04505693 0.02776918  0.01814093  17  ARG C CD  
513 C CD  B ARG C 17 ? 0.13342983 0.34114837 0.39402586 -0.09104263 0.07069321  0.02707369  17  ARG C CD  
514 N NE  A ARG C 17 ? 0.14610714 0.21405783 0.21669328 -0.04457739 0.01467255  0.02258096  17  ARG C NE  
515 N NE  B ARG C 17 ? 0.15406907 0.38128280 0.40819200 -0.08234339 0.07426889  0.03582705  17  ARG C NE  
516 C CZ  A ARG C 17 ? 0.14704649 0.19955706 0.23085565 -0.02290878 0.00211319  0.00599096  17  ARG C CZ  
517 C CZ  B ARG C 17 ? 0.16893557 0.34204500 0.35706420 -0.05718872 0.05055247  0.01029800  17  ARG C CZ  
518 N NH1 A ARG C 17 ? 0.14211400 0.21061720 0.23880374 -0.03021585 -0.01321402 0.00143778  17  ARG C NH1 
519 N NH1 B ARG C 17 ? 0.10308879 0.29200582 0.35895086 -0.06617817 0.02501654  0.00220717  17  ARG C NH1 
520 N NH2 A ARG C 17 ? 0.16462128 0.22390403 0.23763902 -0.01056230 0.01316191  0.00888219  17  ARG C NH2 
521 N NH2 B ARG C 17 ? 0.16604573 0.34777570 0.34870014 -0.08824128 0.05089022  0.02383502  17  ARG C NH2 
522 N N   . GLY C 18 ? 0.16527202 0.21681894 0.26567772 -0.04206308 0.04508845  0.01541431  18  GLY C N   
523 C CA  . GLY C 18 ? 0.14821758 0.22447170 0.28711074 -0.03430418 0.02883144  0.01566067  18  GLY C CA  
524 C C   . GLY C 18 ? 0.13420010 0.22356275 0.30093513 -0.04825085 0.05493000  -0.00378912 18  GLY C C   
525 O O   . GLY C 18 ? 0.13297446 0.25758016 0.32428124 -0.08231986 0.08573863  0.00727365  18  GLY C O   
526 N N   . PHE C 19 ? 0.17237851 0.26486450 0.33582496 -0.02004175 0.07598700  -0.01350329 19  PHE C N   
527 C CA  . PHE C 19 ? 0.17877212 0.27779139 0.38312226 -0.04577903 0.11563441  -0.02532361 19  PHE C CA  
528 C C   . PHE C 19 ? 0.17740994 0.26736532 0.37805044 -0.04845978 0.12022237  -0.01953421 19  PHE C C   
529 O O   . PHE C 19 ? 0.16548243 0.26977490 0.34174257 -0.02933140 0.09499523  0.01952602  19  PHE C O   
530 C CB  . PHE C 19 ? 0.16119406 0.29371293 0.43877538 -0.05209043 0.12824779  -0.02149648 19  PHE C CB  
531 C CG  . PHE C 19 ? 0.19965160 0.34998429 0.42900252 -0.10303669 0.15153002  -0.01306335 19  PHE C CG  
532 C CD1 . PHE C 19 ? 0.25239144 0.36278670 0.45710436 -0.11547137 0.12561156  -0.00482003 19  PHE C CD1 
533 C CD2 . PHE C 19 ? 0.24123666 0.37827243 0.43560437 -0.08147650 0.15246232  -0.00619333 19  PHE C CD2 
534 C CE1 . PHE C 19 ? 0.21391831 0.43422650 0.45644613 -0.08656315 0.11034719  -0.04338077 19  PHE C CE1 
535 C CE2 . PHE C 19 ? 0.28054653 0.39591007 0.42013463 -0.05564225 0.13003230  -0.03322502 19  PHE C CE2 
536 C CZ  . PHE C 19 ? 0.25153091 0.41981415 0.42460159 -0.08077218 0.12009918  -0.00873147 19  PHE C CZ  
537 N N   . PRO C 20 ? 0.23069691 0.30359340 0.46064979 -0.08187936 0.13826990  -0.01000583 20  PRO C N   
538 C CA  . PRO C 20 ? 0.27113499 0.24995950 0.47508358 -0.08756855 0.18163185  0.02678346  20  PRO C CA  
539 C C   . PRO C 20 ? 0.32024964 0.28976167 0.46104247 0.01857829  0.16831021  0.06420973  20  PRO C C   
540 O O   . PRO C 20 ? 0.27800492 0.32503218 0.47669337 0.02802250  0.18152835  0.09999939  20  PRO C O   
541 C CB  . PRO C 20 ? 0.30212016 0.24217030 0.52380683 -0.06362877 0.17018061  0.00318539  20  PRO C CB  
542 C CG  . PRO C 20 ? 0.30900244 0.31528864 0.47900998 -0.10770033 0.20177740  -0.00183941 20  PRO C CG  
543 C CD  . PRO C 20 ? 0.23032029 0.31097612 0.46035861 -0.11056658 0.17922212  -0.01562593 20  PRO C CD  
544 N N   . GLY C 21 ? 0.31734888 0.31067712 0.48101146 -0.01267064 0.16774654  0.07138957  21  GLY C N   
545 C CA  . GLY C 21 ? 0.39951915 0.34687173 0.45882660 0.01542471  0.15611156  0.06722613  21  GLY C CA  
546 C C   . GLY C 21 ? 0.42797905 0.33955993 0.44894947 0.03262829  0.12714998  0.10160997  21  GLY C C   
547 O O   . GLY C 21 ? 0.55158657 0.31091896 0.41796693 0.05683654  0.11401723  0.03793344  21  GLY C O   
548 N N   . PRO C 22 ? 0.41969348 0.39949801 0.48793861 0.05809081  0.14463483  0.09880574  22  PRO C N   
549 C CA  . PRO C 22 ? 0.43940283 0.40500533 0.53546523 0.07601095  0.13897924  0.09958775  22  PRO C CA  
550 C C   . PRO C 22 ? 0.41366899 0.39379770 0.44667879 0.05684488  0.16098680  0.05419484  22  PRO C C   
551 O O   . PRO C 22 ? 0.26190215 0.31239346 0.45042643 0.00189773  0.17998734  0.09304584  22  PRO C O   
552 C CB  . PRO C 22 ? 0.42967087 0.42819263 0.57779335 0.07693512  0.18638232  0.10281527  22  PRO C CB  
553 C CG  . PRO C 22 ? 0.38894902 0.41175790 0.58997977 0.07546722  0.17387689  0.11704416  22  PRO C CG  
554 C CD  . PRO C 22 ? 0.39881342 0.41044811 0.54081941 0.07409853  0.16119387  0.12388276  22  PRO C CD  
555 N N   . HYP C 23 ? 0.44336962 0.43124775 0.45904735 0.04788351  0.13449220  0.02223902  23  HYP C N   
556 C CA  . HYP C 23 ? 0.40127711 0.39261424 0.48111393 0.06755107  0.06706750  0.03222932  23  HYP C CA  
557 C C   . HYP C 23 ? 0.30732777 0.35071070 0.48498565 0.00405937  0.09456355  0.07028649  23  HYP C C   
558 O O   . HYP C 23 ? 0.26931669 0.30076064 0.55175697 -0.03253065 0.09097813  0.11997456  23  HYP C O   
559 C CB  . HYP C 23 ? 0.45098409 0.46932062 0.52021991 0.07671312  0.04851084  0.02297329  23  HYP C CB  
560 C CG  . HYP C 23 ? 0.42211956 0.48615794 0.52168421 0.06578773  0.06689982  0.01735102  23  HYP C CG  
561 C CD  . HYP C 23 ? 0.43842126 0.47902131 0.47699779 0.03244383  0.12346839  0.02840407  23  HYP C CD  
562 O OD1 . HYP C 23 ? 0.34667538 0.60518439 0.55202586 0.04029978  0.04285110  -0.01903103 23  HYP C OD1 
563 N N   . GLY C 24 ? 0.19161192 0.33271234 0.48307755 0.01193076  0.09116177  0.09021003  24  GLY C N   
564 C CA  . GLY C 24 ? 0.22758505 0.29509705 0.44915364 -0.01304537 0.10878715  0.06918219  24  GLY C CA  
565 C C   . GLY C 24 ? 0.21388264 0.28162434 0.47920708 -0.03694848 0.08789273  0.07616032  24  GLY C C   
566 O O   . GLY C 24 ? 0.18072711 0.27859070 0.45673927 -0.01709119 0.08920129  0.08377124  24  GLY C O   
567 N N   . PRO C 25 ? 0.24294505 0.33256714 0.52330318 -0.04847219 0.05324422  0.06222031  25  PRO C N   
568 C CA  . PRO C 25 ? 0.29045912 0.28165414 0.56161963 -0.02188689 0.00132518  0.02588304  25  PRO C CA  
569 C C   . PRO C 25 ? 0.17018640 0.29369627 0.49633912 -0.05288953 0.05796234  0.06424513  25  PRO C C   
570 O O   . PRO C 25 ? 0.14337376 0.30988239 0.50909100 -0.06790257 0.03433974  0.02648598  25  PRO C O   
571 C CB  . PRO C 25 ? 0.34281856 0.33054010 0.62497847 -0.04449295 -0.03011121 -0.02003779 25  PRO C CB  
572 C CG  . PRO C 25 ? 0.35306448 0.36592762 0.61537950 -0.02072137 -0.01874756 -0.01492628 25  PRO C CG  
573 C CD  . PRO C 25 ? 0.36086540 0.34353194 0.59770743 -0.01171155 -0.00748402 0.01686072  25  PRO C CD  
574 N N   . HYP C 26 ? 0.15870396 0.32070665 0.49197691 -0.06114526 0.13146270  0.04799784  26  HYP C N   
575 C CA  . HYP C 26 ? 0.20606079 0.28766877 0.45605741 -0.05820353 0.09777069  0.04985096  26  HYP C CA  
576 C C   . HYP C 26 ? 0.22421169 0.34503979 0.42417567 -0.04366502 0.08173856  0.00758706  26  HYP C C   
577 O O   . HYP C 26 ? 0.29256746 0.35480256 0.48501285 -0.07928134 0.07648587  0.01642833  26  HYP C O   
578 C CB  . HYP C 26 ? 0.25806091 0.33537455 0.46878387 -0.03736690 0.09761686  0.04747732  26  HYP C CB  
579 C CG  . HYP C 26 ? 0.21032042 0.40568585 0.49839766 -0.02559865 0.13933729  0.05580855  26  HYP C CG  
580 C CD  . HYP C 26 ? 0.16084296 0.38189015 0.52433036 -0.06179391 0.14140048  0.06523243  26  HYP C CD  
581 O OD1 . HYP C 26 ? 0.22708717 0.49677347 0.43777249 -0.00180531 0.15838612  0.09018342  26  HYP C OD1 
582 N N   . GLY C 27 ? 0.23086270 0.37696883 0.42979081 -0.04501403 0.03641718  0.04566385  27  GLY C N   
583 C CA  . GLY C 27 ? 0.28019970 0.39902035 0.38626784 -0.05432506 0.05835347  0.04962326  27  GLY C CA  
584 C C   . GLY C 27 ? 0.29715803 0.42081296 0.42049216 -0.02614823 0.03613211  0.04110903  27  GLY C C   
585 O O   . GLY C 27 ? 0.31237571 0.41362783 0.49686619 -0.08439572 0.01639049  0.03002997  27  GLY C O   
586 N N   . PRO C 28 ? 0.37434323 0.57440609 0.45873060 0.01351249  -0.00069284 0.02638422  28  PRO C N   
587 C CA  . PRO C 28 ? 0.45199071 0.60766382 0.49534263 0.04466329  -0.00171452 0.01862046  28  PRO C CA  
588 C C   . PRO C 28 ? 0.43036110 0.56997361 0.56160012 -0.01654367 -0.00904115 0.01180330  28  PRO C C   
589 O O   . PRO C 28 ? 0.40200898 0.46556980 0.39916857 -0.00658626 -0.01190504 0.02756473  28  PRO C O   
590 C CB  . PRO C 28 ? 0.52244168 0.66909718 0.47636033 0.02612088  0.00797742  0.00794940  28  PRO C CB  
591 C CG  . PRO C 28 ? 0.47838497 0.64742569 0.43688317 0.04456601  0.02151033  -0.00300837 28  PRO C CG  
592 C CD  . PRO C 28 ? 0.46106472 0.58534337 0.45408294 0.04987249  0.03546438  0.01796252  28  PRO C CD  
593 N N   . HYP C 29 ? 0.35792379 0.55632593 0.64626281 -0.09507483 -0.04022567 0.02037655  29  HYP C N   
594 C CA  . HYP C 29 ? 0.43049250 0.56424190 0.67761150 -0.12304735 -0.00287921 0.07252097  29  HYP C CA  
595 C C   . HYP C 29 ? 0.52469167 0.60975563 0.65859614 -0.09262010 -0.03919646 0.16992253  29  HYP C C   
596 O O   . HYP C 29 ? 0.62057589 0.63536143 0.67958160 -0.07264530 -0.14867789 0.14346822  29  HYP C O   
597 C CB  . HYP C 29 ? 0.37020421 0.50317917 0.63586174 -0.12359870 -0.05504998 0.06084786  29  HYP C CB  
598 C CG  . HYP C 29 ? 0.31637882 0.53547270 0.57400710 -0.16793114 -0.01032758 0.07835965  29  HYP C CG  
599 C CD  . HYP C 29 ? 0.35115189 0.59390420 0.62982093 -0.09812049 -0.03975532 0.04353297  29  HYP C CD  
600 O OD1 . HYP C 29 ? 0.33647211 0.46412420 0.48588467 -0.19529073 -0.00513008 0.08896694  29  HYP C OD1 
601 S S   . SO4 D .  ? 0.22759070 0.31612532 0.28791023 -0.05646336 0.04551896  0.01470279  101 SO4 C S   
602 O O1  . SO4 D .  ? 0.20134880 0.66848244 0.33121265 0.02595993  0.10610518  0.05441092  101 SO4 C O1  
603 O O2  . SO4 D .  ? 0.48148565 0.45085254 0.42431717 -0.06732422 0.10167781  0.09975671  101 SO4 C O2  
604 O O3  . SO4 D .  ? 0.25348481 0.34730652 0.31275942 -0.06714413 0.02793070  -0.01171960 101 SO4 C O3  
605 O O4  . SO4 D .  ? 0.30655670 0.40545086 0.32688846 -0.06591999 0.10371792  -0.04338957 101 SO4 C O4  
606 O O   . HOH E .  ? 0.88396956 0.45999416 0.39366978 -0.09999361 0.14201414  0.00774499  101 HOH A O   
607 O O   . HOH E .  ? 0.70500153 0.51030994 0.61012038 -0.13559984 0.27284001  -0.02308631 102 HOH A O   
608 O O   . HOH E .  ? 0.44464708 0.49280607 0.53959120 -0.13237336 0.06156182  0.14039492  103 HOH A O   
609 O O   . HOH E .  ? 0.49545619 0.56868734 0.49685017 -0.11248003 0.21537078  -0.01856677 104 HOH A O   
610 O O   . HOH E .  ? 0.52129677 0.46000283 0.43375973 0.05959901  0.01463330  -0.03881632 105 HOH A O   
611 O O   . HOH E .  ? 0.65682635 0.43688021 0.67338844 -0.17349166 0.10211061  -0.07874329 106 HOH A O   
612 O O   . HOH E .  ? 0.70464135 0.44282485 0.48243951 0.03044963  -0.10457016 -0.10999962 107 HOH A O   
613 O O   . HOH E .  ? 0.16955666 0.30081389 0.41841123 -0.09404941 0.08516738  -0.00965433 108 HOH A O   
614 O O   . HOH E .  ? 0.60457487 0.71531346 1.12075677 0.04398578  -0.30419406 -0.27588170 109 HOH A O   
615 O O   . HOH E .  ? 0.46031717 0.40857137 0.40606135 -0.07712546 0.12212764  0.01923474  110 HOH A O   
616 O O   . HOH E .  ? 0.72934687 0.69902784 0.51421534 0.21736234  0.04214355  0.06996712  111 HOH A O   
617 O O   . HOH E .  ? 0.38061746 0.55943456 0.53318472 -0.19271974 0.14853595  -0.02617140 112 HOH A O   
618 O O   . HOH E .  ? 0.21629974 0.31595612 0.29669438 -0.12881552 0.10442684  0.00285558  113 HOH A O   
619 O O   . HOH E .  ? 0.42282186 0.53861381 0.34028864 -0.00130848 0.15506769  -0.02557435 114 HOH A O   
620 O O   . HOH E .  ? 0.36173733 0.42424896 0.46084484 -0.08219502 0.05798643  0.13138400  115 HOH A O   
621 O O   . HOH E .  ? 0.17797911 0.53507588 0.48855656 -0.07392992 0.08251958  0.01666528  116 HOH A O   
622 O O   . HOH E .  ? 0.26329226 0.92854070 1.15058397 -0.05327860 -0.08966981 0.46490470  117 HOH A O   
623 O O   . HOH E .  ? 0.66000908 0.55550984 0.54147842 -0.05293120 -0.08202822 -0.09158961 118 HOH A O   
624 O O   . HOH E .  ? 0.77785425 0.60513727 0.47708340 -0.33505708 0.06420862  0.05847077  119 HOH A O   
625 O O   . HOH E .  ? 0.51162133 0.48201064 0.50242217 0.11021506  0.07114675  0.09765473  120 HOH A O   
626 O O   . HOH E .  ? 0.57980519 0.69764976 0.82435049 0.14851370  0.35367050  0.27526144  121 HOH A O   
627 O O   . HOH E .  ? 0.49352904 0.54653623 0.77565977 0.02933118  0.02099054  0.09400779  122 HOH A O   
628 O O   . HOH E .  ? 0.31757401 0.45459132 0.55735059 -0.07676561 -0.00150833 0.00872814  123 HOH A O   
629 O O   . HOH F .  ? 0.28744388 0.95246196 0.48169090 -0.09534704 0.12066914  0.27335445  101 HOH B O   
630 O O   . HOH F .  ? 0.42364606 0.43039394 0.42686158 -0.11147950 0.04845733  0.02261579  102 HOH B O   
631 O O   . HOH F .  ? 0.29217181 0.50100395 0.84674392 -0.21920570 0.18064477  -0.20635125 103 HOH B O   
632 O O   . HOH F .  ? 0.34862640 0.61271829 0.64105525 -0.15023335 0.17896104  0.03182393  104 HOH B O   
633 O O   . HOH F .  ? 0.59484233 0.41883732 0.37157504 -0.10424506 0.10449796  -0.03093002 105 HOH B O   
634 O O   . HOH F .  ? 0.27313681 0.26275575 0.40428715 -0.08911927 0.13057848  0.02870144  106 HOH B O   
635 O O   . HOH F .  ? 0.27833788 0.26691282 0.31800926 -0.08966761 0.05497650  0.01851411  107 HOH B O   
636 O O   . HOH F .  ? 0.26230504 0.45537885 0.64675451 -0.23620900 0.06504126  -0.09336908 108 HOH B O   
637 O O   . HOH F .  ? 0.30390089 0.42025769 0.48798500 -0.14862996 0.17602218  -0.00724487 109 HOH B O   
638 O O   . HOH F .  ? 0.71428177 0.63721825 0.35350581 0.16456152  0.02804790  -0.01750856 110 HOH B O   
639 O O   . HOH F .  ? 0.53001347 0.61629142 0.44100625 0.02437387  -0.06211831 0.06814127  111 HOH B O   
640 O O   . HOH F .  ? 0.53040605 0.49504620 0.66772798 -0.05388257 0.20635845  -0.11138564 112 HOH B O   
641 O O   . HOH F .  ? 0.56794831 0.71637735 0.44369194 -0.30943248 0.14776922  -0.02553920 113 HOH B O   
642 O O   . HOH F .  ? 0.89717462 0.40200502 1.15865955 -0.24637682 -0.30268205 0.12006956  114 HOH B O   
643 O O   . HOH F .  ? 0.48283657 0.54693047 0.40082651 -0.03823474 0.16390648  0.09808285  115 HOH B O   
644 O O   . HOH F .  ? 0.16217858 0.28338469 0.28792665 -0.03999256 0.05324783  0.02646882  116 HOH B O   
645 O O   . HOH F .  ? 0.27702839 0.36953491 0.39379333 -0.06465358 0.04857240  -0.00599285 117 HOH B O   
646 O O   . HOH F .  ? 0.37109113 0.37221017 0.48917248 -0.14448591 0.14043837  -0.01474261 118 HOH B O   
647 O O   . HOH F .  ? 0.30128845 0.85996218 0.44937135 -0.13860407 0.10794784  -0.00669669 119 HOH B O   
648 O O   . HOH F .  ? 0.35683970 0.70004698 0.46206193 -0.05843008 0.08601715  0.02102919  120 HOH B O   
649 O O   . HOH F .  ? 0.30259011 0.33761563 0.35650792 -0.00214998 0.08216383  0.03213114  121 HOH B O   
650 O O   . HOH F .  ? 0.37065251 0.39786756 0.56292297 -0.24128659 -0.09841185 0.13240582  122 HOH B O   
651 O O   . HOH F .  ? 0.39999136 0.65358958 0.45483118 -0.06781792 0.00291059  0.01626721  123 HOH B O   
652 O O   . HOH F .  ? 0.34539157 0.74928911 0.38584442 -0.13521863 0.04396584  0.08815428  124 HOH B O   
653 O O   . HOH F .  ? 0.72171936 0.59522909 0.40144316 -0.05198130 0.25026083  0.12112158  125 HOH B O   
654 O O   . HOH F .  ? 0.45013390 0.59980975 0.48566312 0.02049028  0.05841747  0.10898722  126 HOH B O   
655 O O   . HOH F .  ? 0.70353843 0.54644024 0.95142727 0.00270672  0.10010540  0.13822299  127 HOH B O   
656 O O   . HOH F .  ? 0.41085319 0.57046598 0.73428052 -0.11341074 0.14528568  0.11294570  128 HOH B O   
657 O O   . HOH F .  ? 0.64955560 0.40108106 0.42863112 0.04133145  0.09007530  0.04963269  129 HOH B O   
658 O O   . HOH F .  ? 0.25799431 0.39833474 0.49940880 -0.07290696 0.00305677  0.03222785  130 HOH B O   
659 O O   . HOH F .  ? 0.62308204 0.58108532 0.63069596 0.04595214  -0.12725504 0.00431126  131 HOH B O   
660 O O   . HOH F .  ? 0.34705000 0.38203033 0.57383949 -0.07669609 0.11810678  0.14531442  132 HOH B O   
661 O O   . HOH F .  ? 0.32730295 0.55870664 0.89055492 -0.04293046 0.08614700  0.23721784  133 HOH B O   
662 O O   . HOH F .  ? 0.50709382 0.68246456 0.74333769 0.08828146  -0.01720203 -0.18128138 134 HOH B O   
663 O O   . HOH F .  ? 0.78201404 0.61091837 0.35032815 0.00410643  0.08140074  0.04879783  135 HOH B O   
664 O O   . HOH F .  ? 0.58796268 0.38183663 0.91813013 -0.19781051 -0.03938820 -0.03776048 136 HOH B O   
665 O O   . HOH F .  ? 0.42913536 0.90532475 0.57854006 -0.20755488 -0.02666779 0.34680952  137 HOH B O   
666 O O   . HOH F .  ? 0.52786147 0.55614779 0.41200703 -0.07839173 0.11453091  0.11942707  138 HOH B O   
667 O O   . HOH G .  ? 0.46356733 0.52308347 0.78973375 -0.28948148 0.20392521  0.03005260  201 HOH C O   
668 O O   . HOH G .  ? 0.27725230 0.37063916 0.49210156 -0.14505389 0.02701204  0.03843701  202 HOH C O   
669 O O   . HOH G .  ? 0.23809012 0.26992713 0.38206266 -0.07607680 0.02905949  0.04434176  203 HOH C O   
670 O O   . HOH G .  ? 0.43316697 0.50848995 0.45799483 -0.32245752 0.12054370  0.08409630  204 HOH C O   
671 O O   . HOH G .  ? 0.43792789 1.00519301 0.85066705 -0.14295129 0.08136334  0.01967882  205 HOH C O   
672 O O   . HOH G .  ? 0.42326817 0.49195405 0.47667501 0.03643881  0.11408802  0.05181979  206 HOH C O   
673 O O   . HOH G .  ? 0.25922292 0.69222548 0.38826172 -0.00219491 0.11720576  0.08394114  207 HOH C O   
674 O O   . HOH G .  ? 0.34845763 0.55918247 0.61980274 0.01861565  -0.01673329 -0.13496720 208 HOH C O   
675 O O   . HOH G .  ? 0.38237827 0.32535366 0.43555800 -0.05846929 -0.06916219 -0.06530937 209 HOH C O   
676 O O   . HOH G .  ? 0.80539945 0.73416650 0.35229200 -0.21250851 -0.03122425 -0.01149727 210 HOH C O   
677 O O   . HOH G .  ? 0.75485789 0.56599968 0.52704222 0.15803259  -0.01377027 -0.25471277 211 HOH C O   
678 O O   . HOH G .  ? 0.20825157 0.35455918 0.33877119 -0.07613336 0.06179935  -0.00718037 212 HOH C O   
679 O O   . HOH G .  ? 0.41578683 0.70954589 0.42226454 -0.01919640 0.18151455  0.03001308  213 HOH C O   
680 O O   . HOH G .  ? 0.16799529 0.33947665 0.28574323 -0.12017170 0.06190255  0.03857229  214 HOH C O   
681 O O   . HOH G .  ? 0.42804733 0.57032566 0.51817205 -0.07212947 0.13123388  0.11168462  215 HOH C O   
682 O O   . HOH G .  ? 0.29890479 0.42574444 0.35011939 -0.14353614 0.03054872  0.03569023  216 HOH C O   
683 O O   . HOH G .  ? 0.42850545 0.54421293 0.29654825 -0.07784842 0.04438983  0.07575941  217 HOH C O   
684 O O   . HOH G .  ? 0.43849898 0.42958016 0.59113842 -0.13600653 0.21609575  0.02383420  218 HOH C O   
685 O O   . HOH G .  ? 0.38460366 0.37702746 0.39098932 -0.09160593 -0.00342836 -0.04491862 219 HOH C O   
686 O O   . HOH G .  ? 0.16022606 0.27259114 0.34733271 -0.14988583 0.08915342  -0.02348051 220 HOH C O   
687 O O   . HOH G .  ? 0.32926569 0.45061870 0.29645023 -0.06683478 0.11644245  0.03214571  221 HOH C O   
688 O O   . HOH G .  ? 0.50312682 0.53164342 0.51827310 -0.16960875 0.31763455  0.07632222  222 HOH C O   
689 O O   . HOH G .  ? 0.35462986 0.37321018 0.41834506 -0.08944911 -0.02705260 0.03187997  223 HOH C O   
690 O O   . HOH G .  ? 0.64730495 0.59532143 0.37217395 -0.22993405 0.12923175  0.02407681  224 HOH C O   
691 O O   . HOH G .  ? 0.30894063 0.70148372 0.50092467 0.02515628  -0.05896138 -0.24570862 225 HOH C O   
692 O O   . HOH G .  ? 0.42550123 0.39465683 0.43209949 0.01986115  0.13008062  0.03276903  226 HOH C O   
693 O O   . HOH G .  ? 0.27174130 0.64601445 0.46575802 -0.24223358 0.07004426  -0.02933395 227 HOH C O   
694 O O   . HOH G .  ? 0.34556444 0.76664821 0.61100416 0.12576056  0.16982697  0.10115193  228 HOH C O   
695 O O   . HOH G .  ? 0.49754856 0.76945766 0.76323530 0.05530035  0.20339896  0.32168746  229 HOH C O   
696 O O   . HOH G .  ? 0.64464744 0.58500838 0.42234037 -0.07244880 0.09357063  0.00620652  230 HOH C O   
697 O O   . HOH G .  ? 0.58083338 0.41392116 0.97846122 -0.03690147 -0.05216649 0.07950055  231 HOH C O   
698 O O   . HOH G .  ? 0.41567360 0.62768081 0.59681565 -0.15957370 0.02050589  -0.00819376 232 HOH C O   
699 O O   . HOH G .  ? 0.48683545 0.37607525 0.54934289 -0.14424199 -0.06508303 0.04754150  233 HOH C O   
700 O O   . HOH G .  ? 0.41418049 0.81690023 0.46848403 -0.26109497 0.11262562  0.04273111  234 HOH C O   
# 
